data_3J0B
# 
_entry.id   3J0B 
# 
_audit_conform.dict_name       mmcif_pdbx.dic 
_audit_conform.dict_version    5.387 
_audit_conform.dict_location   http://mmcif.pdb.org/dictionaries/ascii/mmcif_pdbx.dic 
# 
loop_
_database_2.database_id 
_database_2.database_code 
_database_2.pdbx_database_accession 
_database_2.pdbx_DOI 
PDB   3J0B         pdb_00003j0b 10.2210/pdb3j0b/pdb 
RCSB  RCSB160089   ?            ?                   
WWPDB D_1000160089 ?            ?                   
# 
loop_
_pdbx_audit_revision_history.ordinal 
_pdbx_audit_revision_history.data_content_type 
_pdbx_audit_revision_history.major_revision 
_pdbx_audit_revision_history.minor_revision 
_pdbx_audit_revision_history.revision_date 
1 'Structure model' 1 0 2012-12-19 
2 'Structure model' 1 1 2013-05-01 
3 'Structure model' 1 2 2013-07-24 
4 'Structure model' 1 3 2018-07-18 
5 'Structure model' 1 4 2024-02-21 
# 
_pdbx_audit_revision_details.ordinal             1 
_pdbx_audit_revision_details.revision_ordinal    1 
_pdbx_audit_revision_details.data_content_type   'Structure model' 
_pdbx_audit_revision_details.provider            repository 
_pdbx_audit_revision_details.type                'Initial release' 
_pdbx_audit_revision_details.description         ? 
_pdbx_audit_revision_details.details             ? 
# 
loop_
_pdbx_audit_revision_group.ordinal 
_pdbx_audit_revision_group.revision_ordinal 
_pdbx_audit_revision_group.data_content_type 
_pdbx_audit_revision_group.group 
1 2 'Structure model' 'Database references'    
2 3 'Structure model' 'Database references'    
3 4 'Structure model' 'Data collection'        
4 5 'Structure model' 'Data collection'        
5 5 'Structure model' 'Database references'    
6 5 'Structure model' 'Derived calculations'   
7 5 'Structure model' 'Refinement description' 
# 
loop_
_pdbx_audit_revision_category.ordinal 
_pdbx_audit_revision_category.revision_ordinal 
_pdbx_audit_revision_category.data_content_type 
_pdbx_audit_revision_category.category 
1 4 'Structure model' em_image_scans                
2 4 'Structure model' em_software                   
3 5 'Structure model' chem_comp_atom                
4 5 'Structure model' chem_comp_bond                
5 5 'Structure model' database_2                    
6 5 'Structure model' em_3d_fitting_list            
7 5 'Structure model' pdbx_initial_refinement_model 
8 5 'Structure model' pdbx_struct_oper_list         
# 
loop_
_pdbx_audit_revision_item.ordinal 
_pdbx_audit_revision_item.revision_ordinal 
_pdbx_audit_revision_item.data_content_type 
_pdbx_audit_revision_item.item 
1  4 'Structure model' '_em_software.image_processing_id'                
2  4 'Structure model' '_em_software.name'                               
3  5 'Structure model' '_database_2.pdbx_DOI'                            
4  5 'Structure model' '_database_2.pdbx_database_accession'             
5  5 'Structure model' '_em_3d_fitting_list.accession_code'              
6  5 'Structure model' '_em_3d_fitting_list.initial_refinement_model_id' 
7  5 'Structure model' '_em_3d_fitting_list.source_name'                 
8  5 'Structure model' '_em_3d_fitting_list.type'                        
9  5 'Structure model' '_pdbx_struct_oper_list.name'                     
10 5 'Structure model' '_pdbx_struct_oper_list.symmetry_operation'       
11 5 'Structure model' '_pdbx_struct_oper_list.type'                     
# 
_pdbx_database_status.status_code                     REL 
_pdbx_database_status.entry_id                        3J0B 
_pdbx_database_status.recvd_initial_deposition_date   2011-06-15 
_pdbx_database_status.deposit_site                    RCSB 
_pdbx_database_status.process_site                    RCSB 
_pdbx_database_status.status_code_sf                  ? 
_pdbx_database_status.status_code_mr                  ? 
_pdbx_database_status.SG_entry                        ? 
_pdbx_database_status.status_code_cs                  ? 
_pdbx_database_status.methods_development_category    ? 
_pdbx_database_status.pdb_format_compatible           Y 
_pdbx_database_status.status_code_nmr_data            ? 
# 
loop_
_pdbx_database_related.db_name 
_pdbx_database_related.db_id 
_pdbx_database_related.content_type 
_pdbx_database_related.details 
EMDB EMD-5296 'associated EM volume' . 
PDB  2HG0     unspecified            . 
# 
loop_
_audit_author.name 
_audit_author.pdbx_ordinal 
'Zhang, W.'      1 
'Kaufmann, B.'   2 
'Chipman, P.R.'  3 
'Kuhn, R.J.'     4 
'Rossmann, M.G.' 5 
# 
_citation.id                        primary 
_citation.title                     'Membrane curvature in flaviviruses.' 
_citation.journal_abbrev            J.Struct.Biol. 
_citation.journal_volume            183 
_citation.page_first                86 
_citation.page_last                 94 
_citation.year                      2013 
_citation.journal_id_ASTM           JSBIEM 
_citation.country                   US 
_citation.journal_id_ISSN           1047-8477 
_citation.journal_id_CSD            0803 
_citation.book_publisher            ? 
_citation.pdbx_database_id_PubMed   23602814 
_citation.pdbx_database_id_DOI      10.1016/j.jsb.2013.04.005 
# 
loop_
_citation_author.citation_id 
_citation_author.name 
_citation_author.ordinal 
_citation_author.identifier_ORCID 
primary 'Zhang, W.'      1 ? 
primary 'Kaufmann, B.'   2 ? 
primary 'Chipman, P.R.'  3 ? 
primary 'Kuhn, R.J.'     4 ? 
primary 'Rossmann, M.G.' 5 ? 
# 
_entity.id                         1 
_entity.type                       polymer 
_entity.src_method                 nat 
_entity.pdbx_description           'envelope glycoprotein E' 
_entity.formula_weight             43272.098 
_entity.pdbx_number_of_molecules   3 
_entity.pdbx_ec                    ? 
_entity.pdbx_mutation              ? 
_entity.pdbx_fragment              'UNP residues 291-690' 
_entity.details                    ? 
# 
_entity_poly.entity_id                      1 
_entity_poly.type                           'polypeptide(L)' 
_entity_poly.nstd_linkage                   no 
_entity_poly.nstd_monomer                   no 
_entity_poly.pdbx_seq_one_letter_code       
;FNCLGMSNRDFLEGVSGATWVDLVLEGDSCVTIMSKDKPTIDVKMMNMEAANLAEVRSYCYLATVSDLSTKAACPTMGEA
HNDKRADPAFVCRQGVVDRGWGNGCGLFGKGSIDTCAKFACSTKAIGRTILKENIKYEVAIFVHGPTTVESHGNYSTQVG
ATQAGRFSITPAAPSYTLKLGEYGEVTVDCEPRSGIDTNAYYVMTVGTKTFLVHREWFMDLNLPWSSAGSTVWRNRETLM
EFEEPHATKQSVIALGSQEGALHQALAGAIPVEFSSNTVKLTSGHLKCRVKMEKLQLKGTTYGVCSKAFKFLGTPADTGH
GTVVLELQYTGTDGPCKVPISSVASLNDLTPVGRLVTVNPFVSVATANAKVLIELEPPFGDSYIVVGRGEQQINHHWHKS
;
_entity_poly.pdbx_seq_one_letter_code_can   
;FNCLGMSNRDFLEGVSGATWVDLVLEGDSCVTIMSKDKPTIDVKMMNMEAANLAEVRSYCYLATVSDLSTKAACPTMGEA
HNDKRADPAFVCRQGVVDRGWGNGCGLFGKGSIDTCAKFACSTKAIGRTILKENIKYEVAIFVHGPTTVESHGNYSTQVG
ATQAGRFSITPAAPSYTLKLGEYGEVTVDCEPRSGIDTNAYYVMTVGTKTFLVHREWFMDLNLPWSSAGSTVWRNRETLM
EFEEPHATKQSVIALGSQEGALHQALAGAIPVEFSSNTVKLTSGHLKCRVKMEKLQLKGTTYGVCSKAFKFLGTPADTGH
GTVVLELQYTGTDGPCKVPISSVASLNDLTPVGRLVTVNPFVSVATANAKVLIELEPPFGDSYIVVGRGEQQINHHWHKS
;
_entity_poly.pdbx_strand_id                 A,B,C 
_entity_poly.pdbx_target_identifier         ? 
# 
loop_
_entity_poly_seq.entity_id 
_entity_poly_seq.num 
_entity_poly_seq.mon_id 
_entity_poly_seq.hetero 
1 1   PHE n 
1 2   ASN n 
1 3   CYS n 
1 4   LEU n 
1 5   GLY n 
1 6   MET n 
1 7   SER n 
1 8   ASN n 
1 9   ARG n 
1 10  ASP n 
1 11  PHE n 
1 12  LEU n 
1 13  GLU n 
1 14  GLY n 
1 15  VAL n 
1 16  SER n 
1 17  GLY n 
1 18  ALA n 
1 19  THR n 
1 20  TRP n 
1 21  VAL n 
1 22  ASP n 
1 23  LEU n 
1 24  VAL n 
1 25  LEU n 
1 26  GLU n 
1 27  GLY n 
1 28  ASP n 
1 29  SER n 
1 30  CYS n 
1 31  VAL n 
1 32  THR n 
1 33  ILE n 
1 34  MET n 
1 35  SER n 
1 36  LYS n 
1 37  ASP n 
1 38  LYS n 
1 39  PRO n 
1 40  THR n 
1 41  ILE n 
1 42  ASP n 
1 43  VAL n 
1 44  LYS n 
1 45  MET n 
1 46  MET n 
1 47  ASN n 
1 48  MET n 
1 49  GLU n 
1 50  ALA n 
1 51  ALA n 
1 52  ASN n 
1 53  LEU n 
1 54  ALA n 
1 55  GLU n 
1 56  VAL n 
1 57  ARG n 
1 58  SER n 
1 59  TYR n 
1 60  CYS n 
1 61  TYR n 
1 62  LEU n 
1 63  ALA n 
1 64  THR n 
1 65  VAL n 
1 66  SER n 
1 67  ASP n 
1 68  LEU n 
1 69  SER n 
1 70  THR n 
1 71  LYS n 
1 72  ALA n 
1 73  ALA n 
1 74  CYS n 
1 75  PRO n 
1 76  THR n 
1 77  MET n 
1 78  GLY n 
1 79  GLU n 
1 80  ALA n 
1 81  HIS n 
1 82  ASN n 
1 83  ASP n 
1 84  LYS n 
1 85  ARG n 
1 86  ALA n 
1 87  ASP n 
1 88  PRO n 
1 89  ALA n 
1 90  PHE n 
1 91  VAL n 
1 92  CYS n 
1 93  ARG n 
1 94  GLN n 
1 95  GLY n 
1 96  VAL n 
1 97  VAL n 
1 98  ASP n 
1 99  ARG n 
1 100 GLY n 
1 101 TRP n 
1 102 GLY n 
1 103 ASN n 
1 104 GLY n 
1 105 CYS n 
1 106 GLY n 
1 107 LEU n 
1 108 PHE n 
1 109 GLY n 
1 110 LYS n 
1 111 GLY n 
1 112 SER n 
1 113 ILE n 
1 114 ASP n 
1 115 THR n 
1 116 CYS n 
1 117 ALA n 
1 118 LYS n 
1 119 PHE n 
1 120 ALA n 
1 121 CYS n 
1 122 SER n 
1 123 THR n 
1 124 LYS n 
1 125 ALA n 
1 126 ILE n 
1 127 GLY n 
1 128 ARG n 
1 129 THR n 
1 130 ILE n 
1 131 LEU n 
1 132 LYS n 
1 133 GLU n 
1 134 ASN n 
1 135 ILE n 
1 136 LYS n 
1 137 TYR n 
1 138 GLU n 
1 139 VAL n 
1 140 ALA n 
1 141 ILE n 
1 142 PHE n 
1 143 VAL n 
1 144 HIS n 
1 145 GLY n 
1 146 PRO n 
1 147 THR n 
1 148 THR n 
1 149 VAL n 
1 150 GLU n 
1 151 SER n 
1 152 HIS n 
1 153 GLY n 
1 154 ASN n 
1 155 TYR n 
1 156 SER n 
1 157 THR n 
1 158 GLN n 
1 159 VAL n 
1 160 GLY n 
1 161 ALA n 
1 162 THR n 
1 163 GLN n 
1 164 ALA n 
1 165 GLY n 
1 166 ARG n 
1 167 PHE n 
1 168 SER n 
1 169 ILE n 
1 170 THR n 
1 171 PRO n 
1 172 ALA n 
1 173 ALA n 
1 174 PRO n 
1 175 SER n 
1 176 TYR n 
1 177 THR n 
1 178 LEU n 
1 179 LYS n 
1 180 LEU n 
1 181 GLY n 
1 182 GLU n 
1 183 TYR n 
1 184 GLY n 
1 185 GLU n 
1 186 VAL n 
1 187 THR n 
1 188 VAL n 
1 189 ASP n 
1 190 CYS n 
1 191 GLU n 
1 192 PRO n 
1 193 ARG n 
1 194 SER n 
1 195 GLY n 
1 196 ILE n 
1 197 ASP n 
1 198 THR n 
1 199 ASN n 
1 200 ALA n 
1 201 TYR n 
1 202 TYR n 
1 203 VAL n 
1 204 MET n 
1 205 THR n 
1 206 VAL n 
1 207 GLY n 
1 208 THR n 
1 209 LYS n 
1 210 THR n 
1 211 PHE n 
1 212 LEU n 
1 213 VAL n 
1 214 HIS n 
1 215 ARG n 
1 216 GLU n 
1 217 TRP n 
1 218 PHE n 
1 219 MET n 
1 220 ASP n 
1 221 LEU n 
1 222 ASN n 
1 223 LEU n 
1 224 PRO n 
1 225 TRP n 
1 226 SER n 
1 227 SER n 
1 228 ALA n 
1 229 GLY n 
1 230 SER n 
1 231 THR n 
1 232 VAL n 
1 233 TRP n 
1 234 ARG n 
1 235 ASN n 
1 236 ARG n 
1 237 GLU n 
1 238 THR n 
1 239 LEU n 
1 240 MET n 
1 241 GLU n 
1 242 PHE n 
1 243 GLU n 
1 244 GLU n 
1 245 PRO n 
1 246 HIS n 
1 247 ALA n 
1 248 THR n 
1 249 LYS n 
1 250 GLN n 
1 251 SER n 
1 252 VAL n 
1 253 ILE n 
1 254 ALA n 
1 255 LEU n 
1 256 GLY n 
1 257 SER n 
1 258 GLN n 
1 259 GLU n 
1 260 GLY n 
1 261 ALA n 
1 262 LEU n 
1 263 HIS n 
1 264 GLN n 
1 265 ALA n 
1 266 LEU n 
1 267 ALA n 
1 268 GLY n 
1 269 ALA n 
1 270 ILE n 
1 271 PRO n 
1 272 VAL n 
1 273 GLU n 
1 274 PHE n 
1 275 SER n 
1 276 SER n 
1 277 ASN n 
1 278 THR n 
1 279 VAL n 
1 280 LYS n 
1 281 LEU n 
1 282 THR n 
1 283 SER n 
1 284 GLY n 
1 285 HIS n 
1 286 LEU n 
1 287 LYS n 
1 288 CYS n 
1 289 ARG n 
1 290 VAL n 
1 291 LYS n 
1 292 MET n 
1 293 GLU n 
1 294 LYS n 
1 295 LEU n 
1 296 GLN n 
1 297 LEU n 
1 298 LYS n 
1 299 GLY n 
1 300 THR n 
1 301 THR n 
1 302 TYR n 
1 303 GLY n 
1 304 VAL n 
1 305 CYS n 
1 306 SER n 
1 307 LYS n 
1 308 ALA n 
1 309 PHE n 
1 310 LYS n 
1 311 PHE n 
1 312 LEU n 
1 313 GLY n 
1 314 THR n 
1 315 PRO n 
1 316 ALA n 
1 317 ASP n 
1 318 THR n 
1 319 GLY n 
1 320 HIS n 
1 321 GLY n 
1 322 THR n 
1 323 VAL n 
1 324 VAL n 
1 325 LEU n 
1 326 GLU n 
1 327 LEU n 
1 328 GLN n 
1 329 TYR n 
1 330 THR n 
1 331 GLY n 
1 332 THR n 
1 333 ASP n 
1 334 GLY n 
1 335 PRO n 
1 336 CYS n 
1 337 LYS n 
1 338 VAL n 
1 339 PRO n 
1 340 ILE n 
1 341 SER n 
1 342 SER n 
1 343 VAL n 
1 344 ALA n 
1 345 SER n 
1 346 LEU n 
1 347 ASN n 
1 348 ASP n 
1 349 LEU n 
1 350 THR n 
1 351 PRO n 
1 352 VAL n 
1 353 GLY n 
1 354 ARG n 
1 355 LEU n 
1 356 VAL n 
1 357 THR n 
1 358 VAL n 
1 359 ASN n 
1 360 PRO n 
1 361 PHE n 
1 362 VAL n 
1 363 SER n 
1 364 VAL n 
1 365 ALA n 
1 366 THR n 
1 367 ALA n 
1 368 ASN n 
1 369 ALA n 
1 370 LYS n 
1 371 VAL n 
1 372 LEU n 
1 373 ILE n 
1 374 GLU n 
1 375 LEU n 
1 376 GLU n 
1 377 PRO n 
1 378 PRO n 
1 379 PHE n 
1 380 GLY n 
1 381 ASP n 
1 382 SER n 
1 383 TYR n 
1 384 ILE n 
1 385 VAL n 
1 386 VAL n 
1 387 GLY n 
1 388 ARG n 
1 389 GLY n 
1 390 GLU n 
1 391 GLN n 
1 392 GLN n 
1 393 ILE n 
1 394 ASN n 
1 395 HIS n 
1 396 HIS n 
1 397 TRP n 
1 398 HIS n 
1 399 LYS n 
1 400 SER n 
# 
_entity_src_nat.entity_id                  1 
_entity_src_nat.pdbx_src_id                1 
_entity_src_nat.pdbx_alt_source_flag       sample 
_entity_src_nat.pdbx_beg_seq_num           ? 
_entity_src_nat.pdbx_end_seq_num           ? 
_entity_src_nat.common_name                WNV 
_entity_src_nat.pdbx_organism_scientific   'West Nile virus' 
_entity_src_nat.pdbx_ncbi_taxonomy_id      11082 
_entity_src_nat.genus                      ? 
_entity_src_nat.species                    ? 
_entity_src_nat.strain                     ? 
_entity_src_nat.tissue                     ? 
_entity_src_nat.tissue_fraction            ? 
_entity_src_nat.pdbx_secretion             ? 
_entity_src_nat.pdbx_fragment              ? 
_entity_src_nat.pdbx_variant               ? 
_entity_src_nat.pdbx_cell_line             ? 
_entity_src_nat.pdbx_atcc                  ? 
_entity_src_nat.pdbx_cellular_location     ? 
_entity_src_nat.pdbx_organ                 ? 
_entity_src_nat.pdbx_organelle             ? 
_entity_src_nat.pdbx_cell                  ? 
_entity_src_nat.pdbx_plasmid_name          ? 
_entity_src_nat.pdbx_plasmid_details       ? 
_entity_src_nat.details                    ? 
# 
loop_
_chem_comp.id 
_chem_comp.type 
_chem_comp.mon_nstd_flag 
_chem_comp.name 
_chem_comp.pdbx_synonyms 
_chem_comp.formula 
_chem_comp.formula_weight 
ALA 'L-peptide linking' y ALANINE         ? 'C3 H7 N O2'     89.093  
ARG 'L-peptide linking' y ARGININE        ? 'C6 H15 N4 O2 1' 175.209 
ASN 'L-peptide linking' y ASPARAGINE      ? 'C4 H8 N2 O3'    132.118 
ASP 'L-peptide linking' y 'ASPARTIC ACID' ? 'C4 H7 N O4'     133.103 
CYS 'L-peptide linking' y CYSTEINE        ? 'C3 H7 N O2 S'   121.158 
GLN 'L-peptide linking' y GLUTAMINE       ? 'C5 H10 N2 O3'   146.144 
GLU 'L-peptide linking' y 'GLUTAMIC ACID' ? 'C5 H9 N O4'     147.129 
GLY 'peptide linking'   y GLYCINE         ? 'C2 H5 N O2'     75.067  
HIS 'L-peptide linking' y HISTIDINE       ? 'C6 H10 N3 O2 1' 156.162 
ILE 'L-peptide linking' y ISOLEUCINE      ? 'C6 H13 N O2'    131.173 
LEU 'L-peptide linking' y LEUCINE         ? 'C6 H13 N O2'    131.173 
LYS 'L-peptide linking' y LYSINE          ? 'C6 H15 N2 O2 1' 147.195 
MET 'L-peptide linking' y METHIONINE      ? 'C5 H11 N O2 S'  149.211 
PHE 'L-peptide linking' y PHENYLALANINE   ? 'C9 H11 N O2'    165.189 
PRO 'L-peptide linking' y PROLINE         ? 'C5 H9 N O2'     115.130 
SER 'L-peptide linking' y SERINE          ? 'C3 H7 N O3'     105.093 
THR 'L-peptide linking' y THREONINE       ? 'C4 H9 N O3'     119.119 
TRP 'L-peptide linking' y TRYPTOPHAN      ? 'C11 H12 N2 O2'  204.225 
TYR 'L-peptide linking' y TYROSINE        ? 'C9 H11 N O3'    181.189 
VAL 'L-peptide linking' y VALINE          ? 'C5 H11 N O2'    117.146 
# 
loop_
_pdbx_poly_seq_scheme.asym_id 
_pdbx_poly_seq_scheme.entity_id 
_pdbx_poly_seq_scheme.seq_id 
_pdbx_poly_seq_scheme.mon_id 
_pdbx_poly_seq_scheme.ndb_seq_num 
_pdbx_poly_seq_scheme.pdb_seq_num 
_pdbx_poly_seq_scheme.auth_seq_num 
_pdbx_poly_seq_scheme.pdb_mon_id 
_pdbx_poly_seq_scheme.auth_mon_id 
_pdbx_poly_seq_scheme.pdb_strand_id 
_pdbx_poly_seq_scheme.pdb_ins_code 
_pdbx_poly_seq_scheme.hetero 
A 1 1   PHE 1   1001 1001 PHE PHE A . n 
A 1 2   ASN 2   1002 1002 ASN ASN A . n 
A 1 3   CYS 3   1003 1003 CYS CYS A . n 
A 1 4   LEU 4   1004 1004 LEU LEU A . n 
A 1 5   GLY 5   1005 1005 GLY GLY A . n 
A 1 6   MET 6   1006 1006 MET MET A . n 
A 1 7   SER 7   1007 1007 SER SER A . n 
A 1 8   ASN 8   1008 1008 ASN ASN A . n 
A 1 9   ARG 9   1009 1009 ARG ARG A . n 
A 1 10  ASP 10  1010 1010 ASP ASP A . n 
A 1 11  PHE 11  1011 1011 PHE PHE A . n 
A 1 12  LEU 12  1012 1012 LEU LEU A . n 
A 1 13  GLU 13  1013 1013 GLU GLU A . n 
A 1 14  GLY 14  1014 1014 GLY GLY A . n 
A 1 15  VAL 15  1015 1015 VAL VAL A . n 
A 1 16  SER 16  1016 1016 SER SER A . n 
A 1 17  GLY 17  1017 1017 GLY GLY A . n 
A 1 18  ALA 18  1018 1018 ALA ALA A . n 
A 1 19  THR 19  1019 1019 THR THR A . n 
A 1 20  TRP 20  1020 1020 TRP TRP A . n 
A 1 21  VAL 21  1021 1021 VAL VAL A . n 
A 1 22  ASP 22  1022 1022 ASP ASP A . n 
A 1 23  LEU 23  1023 1023 LEU LEU A . n 
A 1 24  VAL 24  1024 1024 VAL VAL A . n 
A 1 25  LEU 25  1025 1025 LEU LEU A . n 
A 1 26  GLU 26  1026 1026 GLU GLU A . n 
A 1 27  GLY 27  1027 1027 GLY GLY A . n 
A 1 28  ASP 28  1028 1028 ASP ASP A . n 
A 1 29  SER 29  1029 1029 SER SER A . n 
A 1 30  CYS 30  1030 1030 CYS CYS A . n 
A 1 31  VAL 31  1031 1031 VAL VAL A . n 
A 1 32  THR 32  1032 1032 THR THR A . n 
A 1 33  ILE 33  1033 1033 ILE ILE A . n 
A 1 34  MET 34  1034 1034 MET MET A . n 
A 1 35  SER 35  1035 1035 SER SER A . n 
A 1 36  LYS 36  1036 1036 LYS LYS A . n 
A 1 37  ASP 37  1037 1037 ASP ASP A . n 
A 1 38  LYS 38  1038 1038 LYS LYS A . n 
A 1 39  PRO 39  1039 1039 PRO PRO A . n 
A 1 40  THR 40  1040 1040 THR THR A . n 
A 1 41  ILE 41  1041 1041 ILE ILE A . n 
A 1 42  ASP 42  1042 1042 ASP ASP A . n 
A 1 43  VAL 43  1043 1043 VAL VAL A . n 
A 1 44  LYS 44  1044 1044 LYS LYS A . n 
A 1 45  MET 45  1045 1045 MET MET A . n 
A 1 46  MET 46  1046 1046 MET MET A . n 
A 1 47  ASN 47  1047 1047 ASN ASN A . n 
A 1 48  MET 48  1048 1048 MET MET A . n 
A 1 49  GLU 49  1049 1049 GLU GLU A . n 
A 1 50  ALA 50  1050 1050 ALA ALA A . n 
A 1 51  ALA 51  1051 1051 ALA ALA A . n 
A 1 52  ASN 52  1052 1052 ASN ASN A . n 
A 1 53  LEU 53  1053 1053 LEU LEU A . n 
A 1 54  ALA 54  1054 1054 ALA ALA A . n 
A 1 55  GLU 55  1055 1055 GLU GLU A . n 
A 1 56  VAL 56  1056 1056 VAL VAL A . n 
A 1 57  ARG 57  1057 1057 ARG ARG A . n 
A 1 58  SER 58  1058 1058 SER SER A . n 
A 1 59  TYR 59  1059 1059 TYR TYR A . n 
A 1 60  CYS 60  1060 1060 CYS CYS A . n 
A 1 61  TYR 61  1061 1061 TYR TYR A . n 
A 1 62  LEU 62  1062 1062 LEU LEU A . n 
A 1 63  ALA 63  1063 1063 ALA ALA A . n 
A 1 64  THR 64  1064 1064 THR THR A . n 
A 1 65  VAL 65  1065 1065 VAL VAL A . n 
A 1 66  SER 66  1066 1066 SER SER A . n 
A 1 67  ASP 67  1067 1067 ASP ASP A . n 
A 1 68  LEU 68  1068 1068 LEU LEU A . n 
A 1 69  SER 69  1069 1069 SER SER A . n 
A 1 70  THR 70  1070 1070 THR THR A . n 
A 1 71  LYS 71  1071 1071 LYS LYS A . n 
A 1 72  ALA 72  1072 1072 ALA ALA A . n 
A 1 73  ALA 73  1073 1073 ALA ALA A . n 
A 1 74  CYS 74  1074 1074 CYS CYS A . n 
A 1 75  PRO 75  1075 1075 PRO PRO A . n 
A 1 76  THR 76  1076 1076 THR THR A . n 
A 1 77  MET 77  1077 1077 MET MET A . n 
A 1 78  GLY 78  1078 1078 GLY GLY A . n 
A 1 79  GLU 79  1079 1079 GLU GLU A . n 
A 1 80  ALA 80  1080 1080 ALA ALA A . n 
A 1 81  HIS 81  1081 1081 HIS HIS A . n 
A 1 82  ASN 82  1082 1082 ASN ASN A . n 
A 1 83  ASP 83  1083 1083 ASP ASP A . n 
A 1 84  LYS 84  1084 1084 LYS LYS A . n 
A 1 85  ARG 85  1085 1085 ARG ARG A . n 
A 1 86  ALA 86  1086 1086 ALA ALA A . n 
A 1 87  ASP 87  1087 1087 ASP ASP A . n 
A 1 88  PRO 88  1088 1088 PRO PRO A . n 
A 1 89  ALA 89  1089 1089 ALA ALA A . n 
A 1 90  PHE 90  1090 1090 PHE PHE A . n 
A 1 91  VAL 91  1091 1091 VAL VAL A . n 
A 1 92  CYS 92  1092 1092 CYS CYS A . n 
A 1 93  ARG 93  1093 1093 ARG ARG A . n 
A 1 94  GLN 94  1094 1094 GLN GLN A . n 
A 1 95  GLY 95  1095 1095 GLY GLY A . n 
A 1 96  VAL 96  1096 1096 VAL VAL A . n 
A 1 97  VAL 97  1097 1097 VAL VAL A . n 
A 1 98  ASP 98  1098 1098 ASP ASP A . n 
A 1 99  ARG 99  1099 1099 ARG ARG A . n 
A 1 100 GLY 100 1100 1100 GLY GLY A . n 
A 1 101 TRP 101 1101 1101 TRP TRP A . n 
A 1 102 GLY 102 1102 1102 GLY GLY A . n 
A 1 103 ASN 103 1103 1103 ASN ASN A . n 
A 1 104 GLY 104 1104 1104 GLY GLY A . n 
A 1 105 CYS 105 1105 1105 CYS CYS A . n 
A 1 106 GLY 106 1106 1106 GLY GLY A . n 
A 1 107 LEU 107 1107 1107 LEU LEU A . n 
A 1 108 PHE 108 1108 1108 PHE PHE A . n 
A 1 109 GLY 109 1109 1109 GLY GLY A . n 
A 1 110 LYS 110 1110 1110 LYS LYS A . n 
A 1 111 GLY 111 1111 1111 GLY GLY A . n 
A 1 112 SER 112 1112 1112 SER SER A . n 
A 1 113 ILE 113 1113 1113 ILE ILE A . n 
A 1 114 ASP 114 1114 1114 ASP ASP A . n 
A 1 115 THR 115 1115 1115 THR THR A . n 
A 1 116 CYS 116 1116 1116 CYS CYS A . n 
A 1 117 ALA 117 1117 1117 ALA ALA A . n 
A 1 118 LYS 118 1118 1118 LYS LYS A . n 
A 1 119 PHE 119 1119 1119 PHE PHE A . n 
A 1 120 ALA 120 1120 1120 ALA ALA A . n 
A 1 121 CYS 121 1121 1121 CYS CYS A . n 
A 1 122 SER 122 1122 1122 SER SER A . n 
A 1 123 THR 123 1123 1123 THR THR A . n 
A 1 124 LYS 124 1124 1124 LYS LYS A . n 
A 1 125 ALA 125 1125 1125 ALA ALA A . n 
A 1 126 ILE 126 1126 1126 ILE ILE A . n 
A 1 127 GLY 127 1127 1127 GLY GLY A . n 
A 1 128 ARG 128 1128 1128 ARG ARG A . n 
A 1 129 THR 129 1129 1129 THR THR A . n 
A 1 130 ILE 130 1130 1130 ILE ILE A . n 
A 1 131 LEU 131 1131 1131 LEU LEU A . n 
A 1 132 LYS 132 1132 1132 LYS LYS A . n 
A 1 133 GLU 133 1133 1133 GLU GLU A . n 
A 1 134 ASN 134 1134 1134 ASN ASN A . n 
A 1 135 ILE 135 1135 1135 ILE ILE A . n 
A 1 136 LYS 136 1136 1136 LYS LYS A . n 
A 1 137 TYR 137 1137 1137 TYR TYR A . n 
A 1 138 GLU 138 1138 1138 GLU GLU A . n 
A 1 139 VAL 139 1139 1139 VAL VAL A . n 
A 1 140 ALA 140 1140 1140 ALA ALA A . n 
A 1 141 ILE 141 1141 1141 ILE ILE A . n 
A 1 142 PHE 142 1142 1142 PHE PHE A . n 
A 1 143 VAL 143 1143 1143 VAL VAL A . n 
A 1 144 HIS 144 1144 1144 HIS HIS A . n 
A 1 145 GLY 145 1145 1145 GLY GLY A . n 
A 1 146 PRO 146 1146 1146 PRO PRO A . n 
A 1 147 THR 147 1147 1147 THR THR A . n 
A 1 148 THR 148 1148 1148 THR THR A . n 
A 1 149 VAL 149 1149 1149 VAL VAL A . n 
A 1 150 GLU 150 1150 1150 GLU GLU A . n 
A 1 151 SER 151 1151 1151 SER SER A . n 
A 1 152 HIS 152 1152 1152 HIS HIS A . n 
A 1 153 GLY 153 1153 1153 GLY GLY A . n 
A 1 154 ASN 154 1154 1154 ASN ASN A . n 
A 1 155 TYR 155 1155 1155 TYR TYR A . n 
A 1 156 SER 156 1156 1156 SER SER A . n 
A 1 157 THR 157 1157 1157 THR THR A . n 
A 1 158 GLN 158 1158 1158 GLN GLN A . n 
A 1 159 VAL 159 1159 1159 VAL VAL A . n 
A 1 160 GLY 160 1160 1160 GLY GLY A . n 
A 1 161 ALA 161 1161 1161 ALA ALA A . n 
A 1 162 THR 162 1162 1162 THR THR A . n 
A 1 163 GLN 163 1163 1163 GLN GLN A . n 
A 1 164 ALA 164 1164 1164 ALA ALA A . n 
A 1 165 GLY 165 1165 1165 GLY GLY A . n 
A 1 166 ARG 166 1166 1166 ARG ARG A . n 
A 1 167 PHE 167 1167 1167 PHE PHE A . n 
A 1 168 SER 168 1168 1168 SER SER A . n 
A 1 169 ILE 169 1169 1169 ILE ILE A . n 
A 1 170 THR 170 1170 1170 THR THR A . n 
A 1 171 PRO 171 1171 1171 PRO PRO A . n 
A 1 172 ALA 172 1172 1172 ALA ALA A . n 
A 1 173 ALA 173 1173 1173 ALA ALA A . n 
A 1 174 PRO 174 1174 1174 PRO PRO A . n 
A 1 175 SER 175 1175 1175 SER SER A . n 
A 1 176 TYR 176 1176 1176 TYR TYR A . n 
A 1 177 THR 177 1177 1177 THR THR A . n 
A 1 178 LEU 178 1178 1178 LEU LEU A . n 
A 1 179 LYS 179 1179 1179 LYS LYS A . n 
A 1 180 LEU 180 1180 1180 LEU LEU A . n 
A 1 181 GLY 181 1181 1181 GLY GLY A . n 
A 1 182 GLU 182 1182 1182 GLU GLU A . n 
A 1 183 TYR 183 1183 1183 TYR TYR A . n 
A 1 184 GLY 184 1184 1184 GLY GLY A . n 
A 1 185 GLU 185 1185 1185 GLU GLU A . n 
A 1 186 VAL 186 1186 1186 VAL VAL A . n 
A 1 187 THR 187 1187 1187 THR THR A . n 
A 1 188 VAL 188 1188 1188 VAL VAL A . n 
A 1 189 ASP 189 1189 1189 ASP ASP A . n 
A 1 190 CYS 190 1190 1190 CYS CYS A . n 
A 1 191 GLU 191 1191 1191 GLU GLU A . n 
A 1 192 PRO 192 1192 1192 PRO PRO A . n 
A 1 193 ARG 193 1193 1193 ARG ARG A . n 
A 1 194 SER 194 1194 1194 SER SER A . n 
A 1 195 GLY 195 1195 1195 GLY GLY A . n 
A 1 196 ILE 196 1196 1196 ILE ILE A . n 
A 1 197 ASP 197 1197 1197 ASP ASP A . n 
A 1 198 THR 198 1198 1198 THR THR A . n 
A 1 199 ASN 199 1199 1199 ASN ASN A . n 
A 1 200 ALA 200 1200 1200 ALA ALA A . n 
A 1 201 TYR 201 1201 1201 TYR TYR A . n 
A 1 202 TYR 202 1202 1202 TYR TYR A . n 
A 1 203 VAL 203 1203 1203 VAL VAL A . n 
A 1 204 MET 204 1204 1204 MET MET A . n 
A 1 205 THR 205 1205 1205 THR THR A . n 
A 1 206 VAL 206 1206 1206 VAL VAL A . n 
A 1 207 GLY 207 1207 1207 GLY GLY A . n 
A 1 208 THR 208 1208 1208 THR THR A . n 
A 1 209 LYS 209 1209 1209 LYS LYS A . n 
A 1 210 THR 210 1210 1210 THR THR A . n 
A 1 211 PHE 211 1211 1211 PHE PHE A . n 
A 1 212 LEU 212 1212 1212 LEU LEU A . n 
A 1 213 VAL 213 1213 1213 VAL VAL A . n 
A 1 214 HIS 214 1214 1214 HIS HIS A . n 
A 1 215 ARG 215 1215 1215 ARG ARG A . n 
A 1 216 GLU 216 1216 1216 GLU GLU A . n 
A 1 217 TRP 217 1217 1217 TRP TRP A . n 
A 1 218 PHE 218 1218 1218 PHE PHE A . n 
A 1 219 MET 219 1219 1219 MET MET A . n 
A 1 220 ASP 220 1220 1220 ASP ASP A . n 
A 1 221 LEU 221 1221 1221 LEU LEU A . n 
A 1 222 ASN 222 1222 1222 ASN ASN A . n 
A 1 223 LEU 223 1223 1223 LEU LEU A . n 
A 1 224 PRO 224 1224 1224 PRO PRO A . n 
A 1 225 TRP 225 1225 1225 TRP TRP A . n 
A 1 226 SER 226 1226 1226 SER SER A . n 
A 1 227 SER 227 1227 1227 SER SER A . n 
A 1 228 ALA 228 1228 1228 ALA ALA A . n 
A 1 229 GLY 229 1229 1229 GLY GLY A . n 
A 1 230 SER 230 1230 1230 SER SER A . n 
A 1 231 THR 231 1231 1231 THR THR A . n 
A 1 232 VAL 232 1232 1232 VAL VAL A . n 
A 1 233 TRP 233 1233 1233 TRP TRP A . n 
A 1 234 ARG 234 1234 1234 ARG ARG A . n 
A 1 235 ASN 235 1235 1235 ASN ASN A . n 
A 1 236 ARG 236 1236 1236 ARG ARG A . n 
A 1 237 GLU 237 1237 1237 GLU GLU A . n 
A 1 238 THR 238 1238 1238 THR THR A . n 
A 1 239 LEU 239 1239 1239 LEU LEU A . n 
A 1 240 MET 240 1240 1240 MET MET A . n 
A 1 241 GLU 241 1241 1241 GLU GLU A . n 
A 1 242 PHE 242 1242 1242 PHE PHE A . n 
A 1 243 GLU 243 1243 1243 GLU GLU A . n 
A 1 244 GLU 244 1244 1244 GLU GLU A . n 
A 1 245 PRO 245 1245 1245 PRO PRO A . n 
A 1 246 HIS 246 1246 1246 HIS HIS A . n 
A 1 247 ALA 247 1247 1247 ALA ALA A . n 
A 1 248 THR 248 1248 1248 THR THR A . n 
A 1 249 LYS 249 1249 1249 LYS LYS A . n 
A 1 250 GLN 250 1250 1250 GLN GLN A . n 
A 1 251 SER 251 1251 1251 SER SER A . n 
A 1 252 VAL 252 1252 1252 VAL VAL A . n 
A 1 253 ILE 253 1253 1253 ILE ILE A . n 
A 1 254 ALA 254 1254 1254 ALA ALA A . n 
A 1 255 LEU 255 1255 1255 LEU LEU A . n 
A 1 256 GLY 256 1256 ?    ?   ?   A . n 
A 1 257 SER 257 1257 ?    ?   ?   A . n 
A 1 258 GLN 258 1258 ?    ?   ?   A . n 
A 1 259 GLU 259 1259 ?    ?   ?   A . n 
A 1 260 GLY 260 1260 ?    ?   ?   A . n 
A 1 261 ALA 261 1261 1261 ALA ALA A . n 
A 1 262 LEU 262 1262 1262 LEU LEU A . n 
A 1 263 HIS 263 1263 1263 HIS HIS A . n 
A 1 264 GLN 264 1264 1264 GLN GLN A . n 
A 1 265 ALA 265 1265 1265 ALA ALA A . n 
A 1 266 LEU 266 1266 1266 LEU LEU A . n 
A 1 267 ALA 267 1267 1267 ALA ALA A . n 
A 1 268 GLY 268 1268 1268 GLY GLY A . n 
A 1 269 ALA 269 1269 1269 ALA ALA A . n 
A 1 270 ILE 270 1270 1270 ILE ILE A . n 
A 1 271 PRO 271 1271 1271 PRO PRO A . n 
A 1 272 VAL 272 1272 1272 VAL VAL A . n 
A 1 273 GLU 273 1273 1273 GLU GLU A . n 
A 1 274 PHE 274 1274 1274 PHE PHE A . n 
A 1 275 SER 275 1275 1275 SER SER A . n 
A 1 276 SER 276 1276 1276 SER SER A . n 
A 1 277 ASN 277 1277 1277 ASN ASN A . n 
A 1 278 THR 278 1278 1278 THR THR A . n 
A 1 279 VAL 279 1279 1279 VAL VAL A . n 
A 1 280 LYS 280 1280 1280 LYS LYS A . n 
A 1 281 LEU 281 1281 1281 LEU LEU A . n 
A 1 282 THR 282 1282 1282 THR THR A . n 
A 1 283 SER 283 1283 1283 SER SER A . n 
A 1 284 GLY 284 1284 1284 GLY GLY A . n 
A 1 285 HIS 285 1285 1285 HIS HIS A . n 
A 1 286 LEU 286 1286 1286 LEU LEU A . n 
A 1 287 LYS 287 1287 1287 LYS LYS A . n 
A 1 288 CYS 288 1288 1288 CYS CYS A . n 
A 1 289 ARG 289 1289 1289 ARG ARG A . n 
A 1 290 VAL 290 1290 1290 VAL VAL A . n 
A 1 291 LYS 291 1291 1291 LYS LYS A . n 
A 1 292 MET 292 1292 1292 MET MET A . n 
A 1 293 GLU 293 1293 1293 GLU GLU A . n 
A 1 294 LYS 294 1294 1294 LYS LYS A . n 
A 1 295 LEU 295 1295 1295 LEU LEU A . n 
A 1 296 GLN 296 1296 1296 GLN GLN A . n 
A 1 297 LEU 297 1297 1297 LEU LEU A . n 
A 1 298 LYS 298 1298 1298 LYS LYS A . n 
A 1 299 GLY 299 1299 1299 GLY GLY A . n 
A 1 300 THR 300 1300 1300 THR THR A . n 
A 1 301 THR 301 1301 1301 THR THR A . n 
A 1 302 TYR 302 1302 1302 TYR TYR A . n 
A 1 303 GLY 303 1303 1303 GLY GLY A . n 
A 1 304 VAL 304 1304 1304 VAL VAL A . n 
A 1 305 CYS 305 1305 1305 CYS CYS A . n 
A 1 306 SER 306 1306 1306 SER SER A . n 
A 1 307 LYS 307 1307 1307 LYS LYS A . n 
A 1 308 ALA 308 1308 1308 ALA ALA A . n 
A 1 309 PHE 309 1309 1309 PHE PHE A . n 
A 1 310 LYS 310 1310 1310 LYS LYS A . n 
A 1 311 PHE 311 1311 1311 PHE PHE A . n 
A 1 312 LEU 312 1312 1312 LEU LEU A . n 
A 1 313 GLY 313 1313 1313 GLY GLY A . n 
A 1 314 THR 314 1314 1314 THR THR A . n 
A 1 315 PRO 315 1315 1315 PRO PRO A . n 
A 1 316 ALA 316 1316 1316 ALA ALA A . n 
A 1 317 ASP 317 1317 1317 ASP ASP A . n 
A 1 318 THR 318 1318 1318 THR THR A . n 
A 1 319 GLY 319 1319 1319 GLY GLY A . n 
A 1 320 HIS 320 1320 1320 HIS HIS A . n 
A 1 321 GLY 321 1321 1321 GLY GLY A . n 
A 1 322 THR 322 1322 1322 THR THR A . n 
A 1 323 VAL 323 1323 1323 VAL VAL A . n 
A 1 324 VAL 324 1324 1324 VAL VAL A . n 
A 1 325 LEU 325 1325 1325 LEU LEU A . n 
A 1 326 GLU 326 1326 1326 GLU GLU A . n 
A 1 327 LEU 327 1327 1327 LEU LEU A . n 
A 1 328 GLN 328 1328 1328 GLN GLN A . n 
A 1 329 TYR 329 1329 1329 TYR TYR A . n 
A 1 330 THR 330 1330 1330 THR THR A . n 
A 1 331 GLY 331 1331 1331 GLY GLY A . n 
A 1 332 THR 332 1332 1332 THR THR A . n 
A 1 333 ASP 333 1333 1333 ASP ASP A . n 
A 1 334 GLY 334 1334 1334 GLY GLY A . n 
A 1 335 PRO 335 1335 1335 PRO PRO A . n 
A 1 336 CYS 336 1336 1336 CYS CYS A . n 
A 1 337 LYS 337 1337 1337 LYS LYS A . n 
A 1 338 VAL 338 1338 1338 VAL VAL A . n 
A 1 339 PRO 339 1339 1339 PRO PRO A . n 
A 1 340 ILE 340 1340 1340 ILE ILE A . n 
A 1 341 SER 341 1341 1341 SER SER A . n 
A 1 342 SER 342 1342 1342 SER SER A . n 
A 1 343 VAL 343 1343 1343 VAL VAL A . n 
A 1 344 ALA 344 1344 1344 ALA ALA A . n 
A 1 345 SER 345 1345 1345 SER SER A . n 
A 1 346 LEU 346 1346 1346 LEU LEU A . n 
A 1 347 ASN 347 1347 1347 ASN ASN A . n 
A 1 348 ASP 348 1348 1348 ASP ASP A . n 
A 1 349 LEU 349 1349 1349 LEU LEU A . n 
A 1 350 THR 350 1350 1350 THR THR A . n 
A 1 351 PRO 351 1351 1351 PRO PRO A . n 
A 1 352 VAL 352 1352 1352 VAL VAL A . n 
A 1 353 GLY 353 1353 1353 GLY GLY A . n 
A 1 354 ARG 354 1354 1354 ARG ARG A . n 
A 1 355 LEU 355 1355 1355 LEU LEU A . n 
A 1 356 VAL 356 1356 1356 VAL VAL A . n 
A 1 357 THR 357 1357 1357 THR THR A . n 
A 1 358 VAL 358 1358 1358 VAL VAL A . n 
A 1 359 ASN 359 1359 1359 ASN ASN A . n 
A 1 360 PRO 360 1360 1360 PRO PRO A . n 
A 1 361 PHE 361 1361 1361 PHE PHE A . n 
A 1 362 VAL 362 1362 1362 VAL VAL A . n 
A 1 363 SER 363 1363 1363 SER SER A . n 
A 1 364 VAL 364 1364 1364 VAL VAL A . n 
A 1 365 ALA 365 1365 1365 ALA ALA A . n 
A 1 366 THR 366 1366 1366 THR THR A . n 
A 1 367 ALA 367 1367 1367 ALA ALA A . n 
A 1 368 ASN 368 1368 1368 ASN ASN A . n 
A 1 369 ALA 369 1369 1369 ALA ALA A . n 
A 1 370 LYS 370 1370 1370 LYS LYS A . n 
A 1 371 VAL 371 1371 1371 VAL VAL A . n 
A 1 372 LEU 372 1372 1372 LEU LEU A . n 
A 1 373 ILE 373 1373 1373 ILE ILE A . n 
A 1 374 GLU 374 1374 1374 GLU GLU A . n 
A 1 375 LEU 375 1375 1375 LEU LEU A . n 
A 1 376 GLU 376 1376 1376 GLU GLU A . n 
A 1 377 PRO 377 1377 1377 PRO PRO A . n 
A 1 378 PRO 378 1378 1378 PRO PRO A . n 
A 1 379 PHE 379 1379 1379 PHE PHE A . n 
A 1 380 GLY 380 1380 1380 GLY GLY A . n 
A 1 381 ASP 381 1381 1381 ASP ASP A . n 
A 1 382 SER 382 1382 1382 SER SER A . n 
A 1 383 TYR 383 1383 1383 TYR TYR A . n 
A 1 384 ILE 384 1384 1384 ILE ILE A . n 
A 1 385 VAL 385 1385 1385 VAL VAL A . n 
A 1 386 VAL 386 1386 1386 VAL VAL A . n 
A 1 387 GLY 387 1387 1387 GLY GLY A . n 
A 1 388 ARG 388 1388 1388 ARG ARG A . n 
A 1 389 GLY 389 1389 1389 GLY GLY A . n 
A 1 390 GLU 390 1390 1390 GLU GLU A . n 
A 1 391 GLN 391 1391 1391 GLN GLN A . n 
A 1 392 GLN 392 1392 1392 GLN GLN A . n 
A 1 393 ILE 393 1393 1393 ILE ILE A . n 
A 1 394 ASN 394 1394 1394 ASN ASN A . n 
A 1 395 HIS 395 1395 1395 HIS HIS A . n 
A 1 396 HIS 396 1396 1396 HIS HIS A . n 
A 1 397 TRP 397 1397 1397 TRP TRP A . n 
A 1 398 HIS 398 1398 1398 HIS HIS A . n 
A 1 399 LYS 399 1399 1399 LYS LYS A . n 
A 1 400 SER 400 1400 1400 SER SER A . n 
B 1 1   PHE 1   1001 1001 PHE PHE B . n 
B 1 2   ASN 2   1002 1002 ASN ASN B . n 
B 1 3   CYS 3   1003 1003 CYS CYS B . n 
B 1 4   LEU 4   1004 1004 LEU LEU B . n 
B 1 5   GLY 5   1005 1005 GLY GLY B . n 
B 1 6   MET 6   1006 1006 MET MET B . n 
B 1 7   SER 7   1007 1007 SER SER B . n 
B 1 8   ASN 8   1008 1008 ASN ASN B . n 
B 1 9   ARG 9   1009 1009 ARG ARG B . n 
B 1 10  ASP 10  1010 1010 ASP ASP B . n 
B 1 11  PHE 11  1011 1011 PHE PHE B . n 
B 1 12  LEU 12  1012 1012 LEU LEU B . n 
B 1 13  GLU 13  1013 1013 GLU GLU B . n 
B 1 14  GLY 14  1014 1014 GLY GLY B . n 
B 1 15  VAL 15  1015 1015 VAL VAL B . n 
B 1 16  SER 16  1016 1016 SER SER B . n 
B 1 17  GLY 17  1017 1017 GLY GLY B . n 
B 1 18  ALA 18  1018 1018 ALA ALA B . n 
B 1 19  THR 19  1019 1019 THR THR B . n 
B 1 20  TRP 20  1020 1020 TRP TRP B . n 
B 1 21  VAL 21  1021 1021 VAL VAL B . n 
B 1 22  ASP 22  1022 1022 ASP ASP B . n 
B 1 23  LEU 23  1023 1023 LEU LEU B . n 
B 1 24  VAL 24  1024 1024 VAL VAL B . n 
B 1 25  LEU 25  1025 1025 LEU LEU B . n 
B 1 26  GLU 26  1026 1026 GLU GLU B . n 
B 1 27  GLY 27  1027 1027 GLY GLY B . n 
B 1 28  ASP 28  1028 1028 ASP ASP B . n 
B 1 29  SER 29  1029 1029 SER SER B . n 
B 1 30  CYS 30  1030 1030 CYS CYS B . n 
B 1 31  VAL 31  1031 1031 VAL VAL B . n 
B 1 32  THR 32  1032 1032 THR THR B . n 
B 1 33  ILE 33  1033 1033 ILE ILE B . n 
B 1 34  MET 34  1034 1034 MET MET B . n 
B 1 35  SER 35  1035 1035 SER SER B . n 
B 1 36  LYS 36  1036 1036 LYS LYS B . n 
B 1 37  ASP 37  1037 1037 ASP ASP B . n 
B 1 38  LYS 38  1038 1038 LYS LYS B . n 
B 1 39  PRO 39  1039 1039 PRO PRO B . n 
B 1 40  THR 40  1040 1040 THR THR B . n 
B 1 41  ILE 41  1041 1041 ILE ILE B . n 
B 1 42  ASP 42  1042 1042 ASP ASP B . n 
B 1 43  VAL 43  1043 1043 VAL VAL B . n 
B 1 44  LYS 44  1044 1044 LYS LYS B . n 
B 1 45  MET 45  1045 1045 MET MET B . n 
B 1 46  MET 46  1046 1046 MET MET B . n 
B 1 47  ASN 47  1047 1047 ASN ASN B . n 
B 1 48  MET 48  1048 1048 MET MET B . n 
B 1 49  GLU 49  1049 1049 GLU GLU B . n 
B 1 50  ALA 50  1050 1050 ALA ALA B . n 
B 1 51  ALA 51  1051 1051 ALA ALA B . n 
B 1 52  ASN 52  1052 1052 ASN ASN B . n 
B 1 53  LEU 53  1053 1053 LEU LEU B . n 
B 1 54  ALA 54  1054 1054 ALA ALA B . n 
B 1 55  GLU 55  1055 1055 GLU GLU B . n 
B 1 56  VAL 56  1056 1056 VAL VAL B . n 
B 1 57  ARG 57  1057 1057 ARG ARG B . n 
B 1 58  SER 58  1058 1058 SER SER B . n 
B 1 59  TYR 59  1059 1059 TYR TYR B . n 
B 1 60  CYS 60  1060 1060 CYS CYS B . n 
B 1 61  TYR 61  1061 1061 TYR TYR B . n 
B 1 62  LEU 62  1062 1062 LEU LEU B . n 
B 1 63  ALA 63  1063 1063 ALA ALA B . n 
B 1 64  THR 64  1064 1064 THR THR B . n 
B 1 65  VAL 65  1065 1065 VAL VAL B . n 
B 1 66  SER 66  1066 1066 SER SER B . n 
B 1 67  ASP 67  1067 1067 ASP ASP B . n 
B 1 68  LEU 68  1068 1068 LEU LEU B . n 
B 1 69  SER 69  1069 1069 SER SER B . n 
B 1 70  THR 70  1070 1070 THR THR B . n 
B 1 71  LYS 71  1071 1071 LYS LYS B . n 
B 1 72  ALA 72  1072 1072 ALA ALA B . n 
B 1 73  ALA 73  1073 1073 ALA ALA B . n 
B 1 74  CYS 74  1074 1074 CYS CYS B . n 
B 1 75  PRO 75  1075 1075 PRO PRO B . n 
B 1 76  THR 76  1076 1076 THR THR B . n 
B 1 77  MET 77  1077 1077 MET MET B . n 
B 1 78  GLY 78  1078 1078 GLY GLY B . n 
B 1 79  GLU 79  1079 1079 GLU GLU B . n 
B 1 80  ALA 80  1080 1080 ALA ALA B . n 
B 1 81  HIS 81  1081 1081 HIS HIS B . n 
B 1 82  ASN 82  1082 1082 ASN ASN B . n 
B 1 83  ASP 83  1083 1083 ASP ASP B . n 
B 1 84  LYS 84  1084 1084 LYS LYS B . n 
B 1 85  ARG 85  1085 1085 ARG ARG B . n 
B 1 86  ALA 86  1086 1086 ALA ALA B . n 
B 1 87  ASP 87  1087 1087 ASP ASP B . n 
B 1 88  PRO 88  1088 1088 PRO PRO B . n 
B 1 89  ALA 89  1089 1089 ALA ALA B . n 
B 1 90  PHE 90  1090 1090 PHE PHE B . n 
B 1 91  VAL 91  1091 1091 VAL VAL B . n 
B 1 92  CYS 92  1092 1092 CYS CYS B . n 
B 1 93  ARG 93  1093 1093 ARG ARG B . n 
B 1 94  GLN 94  1094 1094 GLN GLN B . n 
B 1 95  GLY 95  1095 1095 GLY GLY B . n 
B 1 96  VAL 96  1096 1096 VAL VAL B . n 
B 1 97  VAL 97  1097 1097 VAL VAL B . n 
B 1 98  ASP 98  1098 1098 ASP ASP B . n 
B 1 99  ARG 99  1099 1099 ARG ARG B . n 
B 1 100 GLY 100 1100 1100 GLY GLY B . n 
B 1 101 TRP 101 1101 1101 TRP TRP B . n 
B 1 102 GLY 102 1102 1102 GLY GLY B . n 
B 1 103 ASN 103 1103 1103 ASN ASN B . n 
B 1 104 GLY 104 1104 1104 GLY GLY B . n 
B 1 105 CYS 105 1105 1105 CYS CYS B . n 
B 1 106 GLY 106 1106 1106 GLY GLY B . n 
B 1 107 LEU 107 1107 1107 LEU LEU B . n 
B 1 108 PHE 108 1108 1108 PHE PHE B . n 
B 1 109 GLY 109 1109 1109 GLY GLY B . n 
B 1 110 LYS 110 1110 1110 LYS LYS B . n 
B 1 111 GLY 111 1111 1111 GLY GLY B . n 
B 1 112 SER 112 1112 1112 SER SER B . n 
B 1 113 ILE 113 1113 1113 ILE ILE B . n 
B 1 114 ASP 114 1114 1114 ASP ASP B . n 
B 1 115 THR 115 1115 1115 THR THR B . n 
B 1 116 CYS 116 1116 1116 CYS CYS B . n 
B 1 117 ALA 117 1117 1117 ALA ALA B . n 
B 1 118 LYS 118 1118 1118 LYS LYS B . n 
B 1 119 PHE 119 1119 1119 PHE PHE B . n 
B 1 120 ALA 120 1120 1120 ALA ALA B . n 
B 1 121 CYS 121 1121 1121 CYS CYS B . n 
B 1 122 SER 122 1122 1122 SER SER B . n 
B 1 123 THR 123 1123 1123 THR THR B . n 
B 1 124 LYS 124 1124 1124 LYS LYS B . n 
B 1 125 ALA 125 1125 1125 ALA ALA B . n 
B 1 126 ILE 126 1126 1126 ILE ILE B . n 
B 1 127 GLY 127 1127 1127 GLY GLY B . n 
B 1 128 ARG 128 1128 1128 ARG ARG B . n 
B 1 129 THR 129 1129 1129 THR THR B . n 
B 1 130 ILE 130 1130 1130 ILE ILE B . n 
B 1 131 LEU 131 1131 1131 LEU LEU B . n 
B 1 132 LYS 132 1132 1132 LYS LYS B . n 
B 1 133 GLU 133 1133 1133 GLU GLU B . n 
B 1 134 ASN 134 1134 1134 ASN ASN B . n 
B 1 135 ILE 135 1135 1135 ILE ILE B . n 
B 1 136 LYS 136 1136 1136 LYS LYS B . n 
B 1 137 TYR 137 1137 1137 TYR TYR B . n 
B 1 138 GLU 138 1138 1138 GLU GLU B . n 
B 1 139 VAL 139 1139 1139 VAL VAL B . n 
B 1 140 ALA 140 1140 1140 ALA ALA B . n 
B 1 141 ILE 141 1141 1141 ILE ILE B . n 
B 1 142 PHE 142 1142 1142 PHE PHE B . n 
B 1 143 VAL 143 1143 1143 VAL VAL B . n 
B 1 144 HIS 144 1144 1144 HIS HIS B . n 
B 1 145 GLY 145 1145 1145 GLY GLY B . n 
B 1 146 PRO 146 1146 1146 PRO PRO B . n 
B 1 147 THR 147 1147 1147 THR THR B . n 
B 1 148 THR 148 1148 1148 THR THR B . n 
B 1 149 VAL 149 1149 1149 VAL VAL B . n 
B 1 150 GLU 150 1150 1150 GLU GLU B . n 
B 1 151 SER 151 1151 1151 SER SER B . n 
B 1 152 HIS 152 1152 1152 HIS HIS B . n 
B 1 153 GLY 153 1153 1153 GLY GLY B . n 
B 1 154 ASN 154 1154 1154 ASN ASN B . n 
B 1 155 TYR 155 1155 1155 TYR TYR B . n 
B 1 156 SER 156 1156 1156 SER SER B . n 
B 1 157 THR 157 1157 1157 THR THR B . n 
B 1 158 GLN 158 1158 1158 GLN GLN B . n 
B 1 159 VAL 159 1159 1159 VAL VAL B . n 
B 1 160 GLY 160 1160 1160 GLY GLY B . n 
B 1 161 ALA 161 1161 1161 ALA ALA B . n 
B 1 162 THR 162 1162 1162 THR THR B . n 
B 1 163 GLN 163 1163 1163 GLN GLN B . n 
B 1 164 ALA 164 1164 1164 ALA ALA B . n 
B 1 165 GLY 165 1165 1165 GLY GLY B . n 
B 1 166 ARG 166 1166 1166 ARG ARG B . n 
B 1 167 PHE 167 1167 1167 PHE PHE B . n 
B 1 168 SER 168 1168 1168 SER SER B . n 
B 1 169 ILE 169 1169 1169 ILE ILE B . n 
B 1 170 THR 170 1170 1170 THR THR B . n 
B 1 171 PRO 171 1171 1171 PRO PRO B . n 
B 1 172 ALA 172 1172 1172 ALA ALA B . n 
B 1 173 ALA 173 1173 1173 ALA ALA B . n 
B 1 174 PRO 174 1174 1174 PRO PRO B . n 
B 1 175 SER 175 1175 1175 SER SER B . n 
B 1 176 TYR 176 1176 1176 TYR TYR B . n 
B 1 177 THR 177 1177 1177 THR THR B . n 
B 1 178 LEU 178 1178 1178 LEU LEU B . n 
B 1 179 LYS 179 1179 1179 LYS LYS B . n 
B 1 180 LEU 180 1180 1180 LEU LEU B . n 
B 1 181 GLY 181 1181 1181 GLY GLY B . n 
B 1 182 GLU 182 1182 1182 GLU GLU B . n 
B 1 183 TYR 183 1183 1183 TYR TYR B . n 
B 1 184 GLY 184 1184 1184 GLY GLY B . n 
B 1 185 GLU 185 1185 1185 GLU GLU B . n 
B 1 186 VAL 186 1186 1186 VAL VAL B . n 
B 1 187 THR 187 1187 1187 THR THR B . n 
B 1 188 VAL 188 1188 1188 VAL VAL B . n 
B 1 189 ASP 189 1189 1189 ASP ASP B . n 
B 1 190 CYS 190 1190 1190 CYS CYS B . n 
B 1 191 GLU 191 1191 1191 GLU GLU B . n 
B 1 192 PRO 192 1192 1192 PRO PRO B . n 
B 1 193 ARG 193 1193 1193 ARG ARG B . n 
B 1 194 SER 194 1194 1194 SER SER B . n 
B 1 195 GLY 195 1195 1195 GLY GLY B . n 
B 1 196 ILE 196 1196 1196 ILE ILE B . n 
B 1 197 ASP 197 1197 1197 ASP ASP B . n 
B 1 198 THR 198 1198 1198 THR THR B . n 
B 1 199 ASN 199 1199 1199 ASN ASN B . n 
B 1 200 ALA 200 1200 1200 ALA ALA B . n 
B 1 201 TYR 201 1201 1201 TYR TYR B . n 
B 1 202 TYR 202 1202 1202 TYR TYR B . n 
B 1 203 VAL 203 1203 1203 VAL VAL B . n 
B 1 204 MET 204 1204 1204 MET MET B . n 
B 1 205 THR 205 1205 1205 THR THR B . n 
B 1 206 VAL 206 1206 1206 VAL VAL B . n 
B 1 207 GLY 207 1207 1207 GLY GLY B . n 
B 1 208 THR 208 1208 1208 THR THR B . n 
B 1 209 LYS 209 1209 1209 LYS LYS B . n 
B 1 210 THR 210 1210 1210 THR THR B . n 
B 1 211 PHE 211 1211 1211 PHE PHE B . n 
B 1 212 LEU 212 1212 1212 LEU LEU B . n 
B 1 213 VAL 213 1213 1213 VAL VAL B . n 
B 1 214 HIS 214 1214 1214 HIS HIS B . n 
B 1 215 ARG 215 1215 1215 ARG ARG B . n 
B 1 216 GLU 216 1216 1216 GLU GLU B . n 
B 1 217 TRP 217 1217 1217 TRP TRP B . n 
B 1 218 PHE 218 1218 1218 PHE PHE B . n 
B 1 219 MET 219 1219 1219 MET MET B . n 
B 1 220 ASP 220 1220 1220 ASP ASP B . n 
B 1 221 LEU 221 1221 1221 LEU LEU B . n 
B 1 222 ASN 222 1222 1222 ASN ASN B . n 
B 1 223 LEU 223 1223 1223 LEU LEU B . n 
B 1 224 PRO 224 1224 1224 PRO PRO B . n 
B 1 225 TRP 225 1225 1225 TRP TRP B . n 
B 1 226 SER 226 1226 1226 SER SER B . n 
B 1 227 SER 227 1227 1227 SER SER B . n 
B 1 228 ALA 228 1228 1228 ALA ALA B . n 
B 1 229 GLY 229 1229 1229 GLY GLY B . n 
B 1 230 SER 230 1230 1230 SER SER B . n 
B 1 231 THR 231 1231 1231 THR THR B . n 
B 1 232 VAL 232 1232 1232 VAL VAL B . n 
B 1 233 TRP 233 1233 1233 TRP TRP B . n 
B 1 234 ARG 234 1234 1234 ARG ARG B . n 
B 1 235 ASN 235 1235 1235 ASN ASN B . n 
B 1 236 ARG 236 1236 1236 ARG ARG B . n 
B 1 237 GLU 237 1237 1237 GLU GLU B . n 
B 1 238 THR 238 1238 1238 THR THR B . n 
B 1 239 LEU 239 1239 1239 LEU LEU B . n 
B 1 240 MET 240 1240 1240 MET MET B . n 
B 1 241 GLU 241 1241 1241 GLU GLU B . n 
B 1 242 PHE 242 1242 1242 PHE PHE B . n 
B 1 243 GLU 243 1243 1243 GLU GLU B . n 
B 1 244 GLU 244 1244 1244 GLU GLU B . n 
B 1 245 PRO 245 1245 1245 PRO PRO B . n 
B 1 246 HIS 246 1246 1246 HIS HIS B . n 
B 1 247 ALA 247 1247 1247 ALA ALA B . n 
B 1 248 THR 248 1248 1248 THR THR B . n 
B 1 249 LYS 249 1249 1249 LYS LYS B . n 
B 1 250 GLN 250 1250 1250 GLN GLN B . n 
B 1 251 SER 251 1251 1251 SER SER B . n 
B 1 252 VAL 252 1252 1252 VAL VAL B . n 
B 1 253 ILE 253 1253 1253 ILE ILE B . n 
B 1 254 ALA 254 1254 1254 ALA ALA B . n 
B 1 255 LEU 255 1255 1255 LEU LEU B . n 
B 1 256 GLY 256 1256 ?    ?   ?   B . n 
B 1 257 SER 257 1257 ?    ?   ?   B . n 
B 1 258 GLN 258 1258 ?    ?   ?   B . n 
B 1 259 GLU 259 1259 ?    ?   ?   B . n 
B 1 260 GLY 260 1260 ?    ?   ?   B . n 
B 1 261 ALA 261 1261 1261 ALA ALA B . n 
B 1 262 LEU 262 1262 1262 LEU LEU B . n 
B 1 263 HIS 263 1263 1263 HIS HIS B . n 
B 1 264 GLN 264 1264 1264 GLN GLN B . n 
B 1 265 ALA 265 1265 1265 ALA ALA B . n 
B 1 266 LEU 266 1266 1266 LEU LEU B . n 
B 1 267 ALA 267 1267 1267 ALA ALA B . n 
B 1 268 GLY 268 1268 1268 GLY GLY B . n 
B 1 269 ALA 269 1269 1269 ALA ALA B . n 
B 1 270 ILE 270 1270 1270 ILE ILE B . n 
B 1 271 PRO 271 1271 1271 PRO PRO B . n 
B 1 272 VAL 272 1272 1272 VAL VAL B . n 
B 1 273 GLU 273 1273 1273 GLU GLU B . n 
B 1 274 PHE 274 1274 1274 PHE PHE B . n 
B 1 275 SER 275 1275 1275 SER SER B . n 
B 1 276 SER 276 1276 1276 SER SER B . n 
B 1 277 ASN 277 1277 1277 ASN ASN B . n 
B 1 278 THR 278 1278 1278 THR THR B . n 
B 1 279 VAL 279 1279 1279 VAL VAL B . n 
B 1 280 LYS 280 1280 1280 LYS LYS B . n 
B 1 281 LEU 281 1281 1281 LEU LEU B . n 
B 1 282 THR 282 1282 1282 THR THR B . n 
B 1 283 SER 283 1283 1283 SER SER B . n 
B 1 284 GLY 284 1284 1284 GLY GLY B . n 
B 1 285 HIS 285 1285 1285 HIS HIS B . n 
B 1 286 LEU 286 1286 1286 LEU LEU B . n 
B 1 287 LYS 287 1287 1287 LYS LYS B . n 
B 1 288 CYS 288 1288 1288 CYS CYS B . n 
B 1 289 ARG 289 1289 1289 ARG ARG B . n 
B 1 290 VAL 290 1290 1290 VAL VAL B . n 
B 1 291 LYS 291 1291 1291 LYS LYS B . n 
B 1 292 MET 292 1292 1292 MET MET B . n 
B 1 293 GLU 293 1293 1293 GLU GLU B . n 
B 1 294 LYS 294 1294 1294 LYS LYS B . n 
B 1 295 LEU 295 1295 1295 LEU LEU B . n 
B 1 296 GLN 296 1296 1296 GLN GLN B . n 
B 1 297 LEU 297 1297 1297 LEU LEU B . n 
B 1 298 LYS 298 1298 1298 LYS LYS B . n 
B 1 299 GLY 299 1299 1299 GLY GLY B . n 
B 1 300 THR 300 1300 1300 THR THR B . n 
B 1 301 THR 301 1301 1301 THR THR B . n 
B 1 302 TYR 302 1302 1302 TYR TYR B . n 
B 1 303 GLY 303 1303 1303 GLY GLY B . n 
B 1 304 VAL 304 1304 1304 VAL VAL B . n 
B 1 305 CYS 305 1305 1305 CYS CYS B . n 
B 1 306 SER 306 1306 1306 SER SER B . n 
B 1 307 LYS 307 1307 1307 LYS LYS B . n 
B 1 308 ALA 308 1308 1308 ALA ALA B . n 
B 1 309 PHE 309 1309 1309 PHE PHE B . n 
B 1 310 LYS 310 1310 1310 LYS LYS B . n 
B 1 311 PHE 311 1311 1311 PHE PHE B . n 
B 1 312 LEU 312 1312 1312 LEU LEU B . n 
B 1 313 GLY 313 1313 1313 GLY GLY B . n 
B 1 314 THR 314 1314 1314 THR THR B . n 
B 1 315 PRO 315 1315 1315 PRO PRO B . n 
B 1 316 ALA 316 1316 1316 ALA ALA B . n 
B 1 317 ASP 317 1317 1317 ASP ASP B . n 
B 1 318 THR 318 1318 1318 THR THR B . n 
B 1 319 GLY 319 1319 1319 GLY GLY B . n 
B 1 320 HIS 320 1320 1320 HIS HIS B . n 
B 1 321 GLY 321 1321 1321 GLY GLY B . n 
B 1 322 THR 322 1322 1322 THR THR B . n 
B 1 323 VAL 323 1323 1323 VAL VAL B . n 
B 1 324 VAL 324 1324 1324 VAL VAL B . n 
B 1 325 LEU 325 1325 1325 LEU LEU B . n 
B 1 326 GLU 326 1326 1326 GLU GLU B . n 
B 1 327 LEU 327 1327 1327 LEU LEU B . n 
B 1 328 GLN 328 1328 1328 GLN GLN B . n 
B 1 329 TYR 329 1329 1329 TYR TYR B . n 
B 1 330 THR 330 1330 1330 THR THR B . n 
B 1 331 GLY 331 1331 1331 GLY GLY B . n 
B 1 332 THR 332 1332 1332 THR THR B . n 
B 1 333 ASP 333 1333 1333 ASP ASP B . n 
B 1 334 GLY 334 1334 1334 GLY GLY B . n 
B 1 335 PRO 335 1335 1335 PRO PRO B . n 
B 1 336 CYS 336 1336 1336 CYS CYS B . n 
B 1 337 LYS 337 1337 1337 LYS LYS B . n 
B 1 338 VAL 338 1338 1338 VAL VAL B . n 
B 1 339 PRO 339 1339 1339 PRO PRO B . n 
B 1 340 ILE 340 1340 1340 ILE ILE B . n 
B 1 341 SER 341 1341 1341 SER SER B . n 
B 1 342 SER 342 1342 1342 SER SER B . n 
B 1 343 VAL 343 1343 1343 VAL VAL B . n 
B 1 344 ALA 344 1344 1344 ALA ALA B . n 
B 1 345 SER 345 1345 1345 SER SER B . n 
B 1 346 LEU 346 1346 1346 LEU LEU B . n 
B 1 347 ASN 347 1347 1347 ASN ASN B . n 
B 1 348 ASP 348 1348 1348 ASP ASP B . n 
B 1 349 LEU 349 1349 1349 LEU LEU B . n 
B 1 350 THR 350 1350 1350 THR THR B . n 
B 1 351 PRO 351 1351 1351 PRO PRO B . n 
B 1 352 VAL 352 1352 1352 VAL VAL B . n 
B 1 353 GLY 353 1353 1353 GLY GLY B . n 
B 1 354 ARG 354 1354 1354 ARG ARG B . n 
B 1 355 LEU 355 1355 1355 LEU LEU B . n 
B 1 356 VAL 356 1356 1356 VAL VAL B . n 
B 1 357 THR 357 1357 1357 THR THR B . n 
B 1 358 VAL 358 1358 1358 VAL VAL B . n 
B 1 359 ASN 359 1359 1359 ASN ASN B . n 
B 1 360 PRO 360 1360 1360 PRO PRO B . n 
B 1 361 PHE 361 1361 1361 PHE PHE B . n 
B 1 362 VAL 362 1362 1362 VAL VAL B . n 
B 1 363 SER 363 1363 1363 SER SER B . n 
B 1 364 VAL 364 1364 1364 VAL VAL B . n 
B 1 365 ALA 365 1365 1365 ALA ALA B . n 
B 1 366 THR 366 1366 1366 THR THR B . n 
B 1 367 ALA 367 1367 1367 ALA ALA B . n 
B 1 368 ASN 368 1368 1368 ASN ASN B . n 
B 1 369 ALA 369 1369 1369 ALA ALA B . n 
B 1 370 LYS 370 1370 1370 LYS LYS B . n 
B 1 371 VAL 371 1371 1371 VAL VAL B . n 
B 1 372 LEU 372 1372 1372 LEU LEU B . n 
B 1 373 ILE 373 1373 1373 ILE ILE B . n 
B 1 374 GLU 374 1374 1374 GLU GLU B . n 
B 1 375 LEU 375 1375 1375 LEU LEU B . n 
B 1 376 GLU 376 1376 1376 GLU GLU B . n 
B 1 377 PRO 377 1377 1377 PRO PRO B . n 
B 1 378 PRO 378 1378 1378 PRO PRO B . n 
B 1 379 PHE 379 1379 1379 PHE PHE B . n 
B 1 380 GLY 380 1380 1380 GLY GLY B . n 
B 1 381 ASP 381 1381 1381 ASP ASP B . n 
B 1 382 SER 382 1382 1382 SER SER B . n 
B 1 383 TYR 383 1383 1383 TYR TYR B . n 
B 1 384 ILE 384 1384 1384 ILE ILE B . n 
B 1 385 VAL 385 1385 1385 VAL VAL B . n 
B 1 386 VAL 386 1386 1386 VAL VAL B . n 
B 1 387 GLY 387 1387 1387 GLY GLY B . n 
B 1 388 ARG 388 1388 1388 ARG ARG B . n 
B 1 389 GLY 389 1389 1389 GLY GLY B . n 
B 1 390 GLU 390 1390 1390 GLU GLU B . n 
B 1 391 GLN 391 1391 1391 GLN GLN B . n 
B 1 392 GLN 392 1392 1392 GLN GLN B . n 
B 1 393 ILE 393 1393 1393 ILE ILE B . n 
B 1 394 ASN 394 1394 1394 ASN ASN B . n 
B 1 395 HIS 395 1395 1395 HIS HIS B . n 
B 1 396 HIS 396 1396 1396 HIS HIS B . n 
B 1 397 TRP 397 1397 1397 TRP TRP B . n 
B 1 398 HIS 398 1398 1398 HIS HIS B . n 
B 1 399 LYS 399 1399 1399 LYS LYS B . n 
B 1 400 SER 400 1400 1400 SER SER B . n 
C 1 1   PHE 1   1001 1001 PHE PHE C . n 
C 1 2   ASN 2   1002 1002 ASN ASN C . n 
C 1 3   CYS 3   1003 1003 CYS CYS C . n 
C 1 4   LEU 4   1004 1004 LEU LEU C . n 
C 1 5   GLY 5   1005 1005 GLY GLY C . n 
C 1 6   MET 6   1006 1006 MET MET C . n 
C 1 7   SER 7   1007 1007 SER SER C . n 
C 1 8   ASN 8   1008 1008 ASN ASN C . n 
C 1 9   ARG 9   1009 1009 ARG ARG C . n 
C 1 10  ASP 10  1010 1010 ASP ASP C . n 
C 1 11  PHE 11  1011 1011 PHE PHE C . n 
C 1 12  LEU 12  1012 1012 LEU LEU C . n 
C 1 13  GLU 13  1013 1013 GLU GLU C . n 
C 1 14  GLY 14  1014 1014 GLY GLY C . n 
C 1 15  VAL 15  1015 1015 VAL VAL C . n 
C 1 16  SER 16  1016 1016 SER SER C . n 
C 1 17  GLY 17  1017 1017 GLY GLY C . n 
C 1 18  ALA 18  1018 1018 ALA ALA C . n 
C 1 19  THR 19  1019 1019 THR THR C . n 
C 1 20  TRP 20  1020 1020 TRP TRP C . n 
C 1 21  VAL 21  1021 1021 VAL VAL C . n 
C 1 22  ASP 22  1022 1022 ASP ASP C . n 
C 1 23  LEU 23  1023 1023 LEU LEU C . n 
C 1 24  VAL 24  1024 1024 VAL VAL C . n 
C 1 25  LEU 25  1025 1025 LEU LEU C . n 
C 1 26  GLU 26  1026 1026 GLU GLU C . n 
C 1 27  GLY 27  1027 1027 GLY GLY C . n 
C 1 28  ASP 28  1028 1028 ASP ASP C . n 
C 1 29  SER 29  1029 1029 SER SER C . n 
C 1 30  CYS 30  1030 1030 CYS CYS C . n 
C 1 31  VAL 31  1031 1031 VAL VAL C . n 
C 1 32  THR 32  1032 1032 THR THR C . n 
C 1 33  ILE 33  1033 1033 ILE ILE C . n 
C 1 34  MET 34  1034 1034 MET MET C . n 
C 1 35  SER 35  1035 1035 SER SER C . n 
C 1 36  LYS 36  1036 1036 LYS LYS C . n 
C 1 37  ASP 37  1037 1037 ASP ASP C . n 
C 1 38  LYS 38  1038 1038 LYS LYS C . n 
C 1 39  PRO 39  1039 1039 PRO PRO C . n 
C 1 40  THR 40  1040 1040 THR THR C . n 
C 1 41  ILE 41  1041 1041 ILE ILE C . n 
C 1 42  ASP 42  1042 1042 ASP ASP C . n 
C 1 43  VAL 43  1043 1043 VAL VAL C . n 
C 1 44  LYS 44  1044 1044 LYS LYS C . n 
C 1 45  MET 45  1045 1045 MET MET C . n 
C 1 46  MET 46  1046 1046 MET MET C . n 
C 1 47  ASN 47  1047 1047 ASN ASN C . n 
C 1 48  MET 48  1048 1048 MET MET C . n 
C 1 49  GLU 49  1049 1049 GLU GLU C . n 
C 1 50  ALA 50  1050 1050 ALA ALA C . n 
C 1 51  ALA 51  1051 1051 ALA ALA C . n 
C 1 52  ASN 52  1052 1052 ASN ASN C . n 
C 1 53  LEU 53  1053 1053 LEU LEU C . n 
C 1 54  ALA 54  1054 1054 ALA ALA C . n 
C 1 55  GLU 55  1055 1055 GLU GLU C . n 
C 1 56  VAL 56  1056 1056 VAL VAL C . n 
C 1 57  ARG 57  1057 1057 ARG ARG C . n 
C 1 58  SER 58  1058 1058 SER SER C . n 
C 1 59  TYR 59  1059 1059 TYR TYR C . n 
C 1 60  CYS 60  1060 1060 CYS CYS C . n 
C 1 61  TYR 61  1061 1061 TYR TYR C . n 
C 1 62  LEU 62  1062 1062 LEU LEU C . n 
C 1 63  ALA 63  1063 1063 ALA ALA C . n 
C 1 64  THR 64  1064 1064 THR THR C . n 
C 1 65  VAL 65  1065 1065 VAL VAL C . n 
C 1 66  SER 66  1066 1066 SER SER C . n 
C 1 67  ASP 67  1067 1067 ASP ASP C . n 
C 1 68  LEU 68  1068 1068 LEU LEU C . n 
C 1 69  SER 69  1069 1069 SER SER C . n 
C 1 70  THR 70  1070 1070 THR THR C . n 
C 1 71  LYS 71  1071 1071 LYS LYS C . n 
C 1 72  ALA 72  1072 1072 ALA ALA C . n 
C 1 73  ALA 73  1073 1073 ALA ALA C . n 
C 1 74  CYS 74  1074 1074 CYS CYS C . n 
C 1 75  PRO 75  1075 1075 PRO PRO C . n 
C 1 76  THR 76  1076 1076 THR THR C . n 
C 1 77  MET 77  1077 1077 MET MET C . n 
C 1 78  GLY 78  1078 1078 GLY GLY C . n 
C 1 79  GLU 79  1079 1079 GLU GLU C . n 
C 1 80  ALA 80  1080 1080 ALA ALA C . n 
C 1 81  HIS 81  1081 1081 HIS HIS C . n 
C 1 82  ASN 82  1082 1082 ASN ASN C . n 
C 1 83  ASP 83  1083 1083 ASP ASP C . n 
C 1 84  LYS 84  1084 1084 LYS LYS C . n 
C 1 85  ARG 85  1085 1085 ARG ARG C . n 
C 1 86  ALA 86  1086 1086 ALA ALA C . n 
C 1 87  ASP 87  1087 1087 ASP ASP C . n 
C 1 88  PRO 88  1088 1088 PRO PRO C . n 
C 1 89  ALA 89  1089 1089 ALA ALA C . n 
C 1 90  PHE 90  1090 1090 PHE PHE C . n 
C 1 91  VAL 91  1091 1091 VAL VAL C . n 
C 1 92  CYS 92  1092 1092 CYS CYS C . n 
C 1 93  ARG 93  1093 1093 ARG ARG C . n 
C 1 94  GLN 94  1094 1094 GLN GLN C . n 
C 1 95  GLY 95  1095 1095 GLY GLY C . n 
C 1 96  VAL 96  1096 1096 VAL VAL C . n 
C 1 97  VAL 97  1097 1097 VAL VAL C . n 
C 1 98  ASP 98  1098 1098 ASP ASP C . n 
C 1 99  ARG 99  1099 1099 ARG ARG C . n 
C 1 100 GLY 100 1100 1100 GLY GLY C . n 
C 1 101 TRP 101 1101 1101 TRP TRP C . n 
C 1 102 GLY 102 1102 1102 GLY GLY C . n 
C 1 103 ASN 103 1103 1103 ASN ASN C . n 
C 1 104 GLY 104 1104 1104 GLY GLY C . n 
C 1 105 CYS 105 1105 1105 CYS CYS C . n 
C 1 106 GLY 106 1106 1106 GLY GLY C . n 
C 1 107 LEU 107 1107 1107 LEU LEU C . n 
C 1 108 PHE 108 1108 1108 PHE PHE C . n 
C 1 109 GLY 109 1109 1109 GLY GLY C . n 
C 1 110 LYS 110 1110 1110 LYS LYS C . n 
C 1 111 GLY 111 1111 1111 GLY GLY C . n 
C 1 112 SER 112 1112 1112 SER SER C . n 
C 1 113 ILE 113 1113 1113 ILE ILE C . n 
C 1 114 ASP 114 1114 1114 ASP ASP C . n 
C 1 115 THR 115 1115 1115 THR THR C . n 
C 1 116 CYS 116 1116 1116 CYS CYS C . n 
C 1 117 ALA 117 1117 1117 ALA ALA C . n 
C 1 118 LYS 118 1118 1118 LYS LYS C . n 
C 1 119 PHE 119 1119 1119 PHE PHE C . n 
C 1 120 ALA 120 1120 1120 ALA ALA C . n 
C 1 121 CYS 121 1121 1121 CYS CYS C . n 
C 1 122 SER 122 1122 1122 SER SER C . n 
C 1 123 THR 123 1123 1123 THR THR C . n 
C 1 124 LYS 124 1124 1124 LYS LYS C . n 
C 1 125 ALA 125 1125 1125 ALA ALA C . n 
C 1 126 ILE 126 1126 1126 ILE ILE C . n 
C 1 127 GLY 127 1127 1127 GLY GLY C . n 
C 1 128 ARG 128 1128 1128 ARG ARG C . n 
C 1 129 THR 129 1129 1129 THR THR C . n 
C 1 130 ILE 130 1130 1130 ILE ILE C . n 
C 1 131 LEU 131 1131 1131 LEU LEU C . n 
C 1 132 LYS 132 1132 1132 LYS LYS C . n 
C 1 133 GLU 133 1133 1133 GLU GLU C . n 
C 1 134 ASN 134 1134 1134 ASN ASN C . n 
C 1 135 ILE 135 1135 1135 ILE ILE C . n 
C 1 136 LYS 136 1136 1136 LYS LYS C . n 
C 1 137 TYR 137 1137 1137 TYR TYR C . n 
C 1 138 GLU 138 1138 1138 GLU GLU C . n 
C 1 139 VAL 139 1139 1139 VAL VAL C . n 
C 1 140 ALA 140 1140 1140 ALA ALA C . n 
C 1 141 ILE 141 1141 1141 ILE ILE C . n 
C 1 142 PHE 142 1142 1142 PHE PHE C . n 
C 1 143 VAL 143 1143 1143 VAL VAL C . n 
C 1 144 HIS 144 1144 1144 HIS HIS C . n 
C 1 145 GLY 145 1145 1145 GLY GLY C . n 
C 1 146 PRO 146 1146 1146 PRO PRO C . n 
C 1 147 THR 147 1147 1147 THR THR C . n 
C 1 148 THR 148 1148 1148 THR THR C . n 
C 1 149 VAL 149 1149 1149 VAL VAL C . n 
C 1 150 GLU 150 1150 1150 GLU GLU C . n 
C 1 151 SER 151 1151 1151 SER SER C . n 
C 1 152 HIS 152 1152 1152 HIS HIS C . n 
C 1 153 GLY 153 1153 1153 GLY GLY C . n 
C 1 154 ASN 154 1154 1154 ASN ASN C . n 
C 1 155 TYR 155 1155 1155 TYR TYR C . n 
C 1 156 SER 156 1156 1156 SER SER C . n 
C 1 157 THR 157 1157 1157 THR THR C . n 
C 1 158 GLN 158 1158 1158 GLN GLN C . n 
C 1 159 VAL 159 1159 1159 VAL VAL C . n 
C 1 160 GLY 160 1160 1160 GLY GLY C . n 
C 1 161 ALA 161 1161 1161 ALA ALA C . n 
C 1 162 THR 162 1162 1162 THR THR C . n 
C 1 163 GLN 163 1163 1163 GLN GLN C . n 
C 1 164 ALA 164 1164 1164 ALA ALA C . n 
C 1 165 GLY 165 1165 1165 GLY GLY C . n 
C 1 166 ARG 166 1166 1166 ARG ARG C . n 
C 1 167 PHE 167 1167 1167 PHE PHE C . n 
C 1 168 SER 168 1168 1168 SER SER C . n 
C 1 169 ILE 169 1169 1169 ILE ILE C . n 
C 1 170 THR 170 1170 1170 THR THR C . n 
C 1 171 PRO 171 1171 1171 PRO PRO C . n 
C 1 172 ALA 172 1172 1172 ALA ALA C . n 
C 1 173 ALA 173 1173 1173 ALA ALA C . n 
C 1 174 PRO 174 1174 1174 PRO PRO C . n 
C 1 175 SER 175 1175 1175 SER SER C . n 
C 1 176 TYR 176 1176 1176 TYR TYR C . n 
C 1 177 THR 177 1177 1177 THR THR C . n 
C 1 178 LEU 178 1178 1178 LEU LEU C . n 
C 1 179 LYS 179 1179 1179 LYS LYS C . n 
C 1 180 LEU 180 1180 1180 LEU LEU C . n 
C 1 181 GLY 181 1181 1181 GLY GLY C . n 
C 1 182 GLU 182 1182 1182 GLU GLU C . n 
C 1 183 TYR 183 1183 1183 TYR TYR C . n 
C 1 184 GLY 184 1184 1184 GLY GLY C . n 
C 1 185 GLU 185 1185 1185 GLU GLU C . n 
C 1 186 VAL 186 1186 1186 VAL VAL C . n 
C 1 187 THR 187 1187 1187 THR THR C . n 
C 1 188 VAL 188 1188 1188 VAL VAL C . n 
C 1 189 ASP 189 1189 1189 ASP ASP C . n 
C 1 190 CYS 190 1190 1190 CYS CYS C . n 
C 1 191 GLU 191 1191 1191 GLU GLU C . n 
C 1 192 PRO 192 1192 1192 PRO PRO C . n 
C 1 193 ARG 193 1193 1193 ARG ARG C . n 
C 1 194 SER 194 1194 1194 SER SER C . n 
C 1 195 GLY 195 1195 1195 GLY GLY C . n 
C 1 196 ILE 196 1196 1196 ILE ILE C . n 
C 1 197 ASP 197 1197 1197 ASP ASP C . n 
C 1 198 THR 198 1198 1198 THR THR C . n 
C 1 199 ASN 199 1199 1199 ASN ASN C . n 
C 1 200 ALA 200 1200 1200 ALA ALA C . n 
C 1 201 TYR 201 1201 1201 TYR TYR C . n 
C 1 202 TYR 202 1202 1202 TYR TYR C . n 
C 1 203 VAL 203 1203 1203 VAL VAL C . n 
C 1 204 MET 204 1204 1204 MET MET C . n 
C 1 205 THR 205 1205 1205 THR THR C . n 
C 1 206 VAL 206 1206 1206 VAL VAL C . n 
C 1 207 GLY 207 1207 1207 GLY GLY C . n 
C 1 208 THR 208 1208 1208 THR THR C . n 
C 1 209 LYS 209 1209 1209 LYS LYS C . n 
C 1 210 THR 210 1210 1210 THR THR C . n 
C 1 211 PHE 211 1211 1211 PHE PHE C . n 
C 1 212 LEU 212 1212 1212 LEU LEU C . n 
C 1 213 VAL 213 1213 1213 VAL VAL C . n 
C 1 214 HIS 214 1214 1214 HIS HIS C . n 
C 1 215 ARG 215 1215 1215 ARG ARG C . n 
C 1 216 GLU 216 1216 1216 GLU GLU C . n 
C 1 217 TRP 217 1217 1217 TRP TRP C . n 
C 1 218 PHE 218 1218 1218 PHE PHE C . n 
C 1 219 MET 219 1219 1219 MET MET C . n 
C 1 220 ASP 220 1220 1220 ASP ASP C . n 
C 1 221 LEU 221 1221 1221 LEU LEU C . n 
C 1 222 ASN 222 1222 1222 ASN ASN C . n 
C 1 223 LEU 223 1223 1223 LEU LEU C . n 
C 1 224 PRO 224 1224 1224 PRO PRO C . n 
C 1 225 TRP 225 1225 1225 TRP TRP C . n 
C 1 226 SER 226 1226 1226 SER SER C . n 
C 1 227 SER 227 1227 1227 SER SER C . n 
C 1 228 ALA 228 1228 1228 ALA ALA C . n 
C 1 229 GLY 229 1229 1229 GLY GLY C . n 
C 1 230 SER 230 1230 1230 SER SER C . n 
C 1 231 THR 231 1231 1231 THR THR C . n 
C 1 232 VAL 232 1232 1232 VAL VAL C . n 
C 1 233 TRP 233 1233 1233 TRP TRP C . n 
C 1 234 ARG 234 1234 1234 ARG ARG C . n 
C 1 235 ASN 235 1235 1235 ASN ASN C . n 
C 1 236 ARG 236 1236 1236 ARG ARG C . n 
C 1 237 GLU 237 1237 1237 GLU GLU C . n 
C 1 238 THR 238 1238 1238 THR THR C . n 
C 1 239 LEU 239 1239 1239 LEU LEU C . n 
C 1 240 MET 240 1240 1240 MET MET C . n 
C 1 241 GLU 241 1241 1241 GLU GLU C . n 
C 1 242 PHE 242 1242 1242 PHE PHE C . n 
C 1 243 GLU 243 1243 1243 GLU GLU C . n 
C 1 244 GLU 244 1244 1244 GLU GLU C . n 
C 1 245 PRO 245 1245 1245 PRO PRO C . n 
C 1 246 HIS 246 1246 1246 HIS HIS C . n 
C 1 247 ALA 247 1247 1247 ALA ALA C . n 
C 1 248 THR 248 1248 1248 THR THR C . n 
C 1 249 LYS 249 1249 1249 LYS LYS C . n 
C 1 250 GLN 250 1250 1250 GLN GLN C . n 
C 1 251 SER 251 1251 1251 SER SER C . n 
C 1 252 VAL 252 1252 1252 VAL VAL C . n 
C 1 253 ILE 253 1253 1253 ILE ILE C . n 
C 1 254 ALA 254 1254 1254 ALA ALA C . n 
C 1 255 LEU 255 1255 1255 LEU LEU C . n 
C 1 256 GLY 256 1256 ?    ?   ?   C . n 
C 1 257 SER 257 1257 ?    ?   ?   C . n 
C 1 258 GLN 258 1258 ?    ?   ?   C . n 
C 1 259 GLU 259 1259 ?    ?   ?   C . n 
C 1 260 GLY 260 1260 ?    ?   ?   C . n 
C 1 261 ALA 261 1261 1261 ALA ALA C . n 
C 1 262 LEU 262 1262 1262 LEU LEU C . n 
C 1 263 HIS 263 1263 1263 HIS HIS C . n 
C 1 264 GLN 264 1264 1264 GLN GLN C . n 
C 1 265 ALA 265 1265 1265 ALA ALA C . n 
C 1 266 LEU 266 1266 1266 LEU LEU C . n 
C 1 267 ALA 267 1267 1267 ALA ALA C . n 
C 1 268 GLY 268 1268 1268 GLY GLY C . n 
C 1 269 ALA 269 1269 1269 ALA ALA C . n 
C 1 270 ILE 270 1270 1270 ILE ILE C . n 
C 1 271 PRO 271 1271 1271 PRO PRO C . n 
C 1 272 VAL 272 1272 1272 VAL VAL C . n 
C 1 273 GLU 273 1273 1273 GLU GLU C . n 
C 1 274 PHE 274 1274 1274 PHE PHE C . n 
C 1 275 SER 275 1275 1275 SER SER C . n 
C 1 276 SER 276 1276 1276 SER SER C . n 
C 1 277 ASN 277 1277 1277 ASN ASN C . n 
C 1 278 THR 278 1278 1278 THR THR C . n 
C 1 279 VAL 279 1279 1279 VAL VAL C . n 
C 1 280 LYS 280 1280 1280 LYS LYS C . n 
C 1 281 LEU 281 1281 1281 LEU LEU C . n 
C 1 282 THR 282 1282 1282 THR THR C . n 
C 1 283 SER 283 1283 1283 SER SER C . n 
C 1 284 GLY 284 1284 1284 GLY GLY C . n 
C 1 285 HIS 285 1285 1285 HIS HIS C . n 
C 1 286 LEU 286 1286 1286 LEU LEU C . n 
C 1 287 LYS 287 1287 1287 LYS LYS C . n 
C 1 288 CYS 288 1288 1288 CYS CYS C . n 
C 1 289 ARG 289 1289 1289 ARG ARG C . n 
C 1 290 VAL 290 1290 1290 VAL VAL C . n 
C 1 291 LYS 291 1291 1291 LYS LYS C . n 
C 1 292 MET 292 1292 1292 MET MET C . n 
C 1 293 GLU 293 1293 1293 GLU GLU C . n 
C 1 294 LYS 294 1294 1294 LYS LYS C . n 
C 1 295 LEU 295 1295 1295 LEU LEU C . n 
C 1 296 GLN 296 1296 1296 GLN GLN C . n 
C 1 297 LEU 297 1297 1297 LEU LEU C . n 
C 1 298 LYS 298 1298 1298 LYS LYS C . n 
C 1 299 GLY 299 1299 1299 GLY GLY C . n 
C 1 300 THR 300 1300 1300 THR THR C . n 
C 1 301 THR 301 1301 1301 THR THR C . n 
C 1 302 TYR 302 1302 1302 TYR TYR C . n 
C 1 303 GLY 303 1303 1303 GLY GLY C . n 
C 1 304 VAL 304 1304 1304 VAL VAL C . n 
C 1 305 CYS 305 1305 1305 CYS CYS C . n 
C 1 306 SER 306 1306 1306 SER SER C . n 
C 1 307 LYS 307 1307 1307 LYS LYS C . n 
C 1 308 ALA 308 1308 1308 ALA ALA C . n 
C 1 309 PHE 309 1309 1309 PHE PHE C . n 
C 1 310 LYS 310 1310 1310 LYS LYS C . n 
C 1 311 PHE 311 1311 1311 PHE PHE C . n 
C 1 312 LEU 312 1312 1312 LEU LEU C . n 
C 1 313 GLY 313 1313 1313 GLY GLY C . n 
C 1 314 THR 314 1314 1314 THR THR C . n 
C 1 315 PRO 315 1315 1315 PRO PRO C . n 
C 1 316 ALA 316 1316 1316 ALA ALA C . n 
C 1 317 ASP 317 1317 1317 ASP ASP C . n 
C 1 318 THR 318 1318 1318 THR THR C . n 
C 1 319 GLY 319 1319 1319 GLY GLY C . n 
C 1 320 HIS 320 1320 1320 HIS HIS C . n 
C 1 321 GLY 321 1321 1321 GLY GLY C . n 
C 1 322 THR 322 1322 1322 THR THR C . n 
C 1 323 VAL 323 1323 1323 VAL VAL C . n 
C 1 324 VAL 324 1324 1324 VAL VAL C . n 
C 1 325 LEU 325 1325 1325 LEU LEU C . n 
C 1 326 GLU 326 1326 1326 GLU GLU C . n 
C 1 327 LEU 327 1327 1327 LEU LEU C . n 
C 1 328 GLN 328 1328 1328 GLN GLN C . n 
C 1 329 TYR 329 1329 1329 TYR TYR C . n 
C 1 330 THR 330 1330 1330 THR THR C . n 
C 1 331 GLY 331 1331 1331 GLY GLY C . n 
C 1 332 THR 332 1332 1332 THR THR C . n 
C 1 333 ASP 333 1333 1333 ASP ASP C . n 
C 1 334 GLY 334 1334 1334 GLY GLY C . n 
C 1 335 PRO 335 1335 1335 PRO PRO C . n 
C 1 336 CYS 336 1336 1336 CYS CYS C . n 
C 1 337 LYS 337 1337 1337 LYS LYS C . n 
C 1 338 VAL 338 1338 1338 VAL VAL C . n 
C 1 339 PRO 339 1339 1339 PRO PRO C . n 
C 1 340 ILE 340 1340 1340 ILE ILE C . n 
C 1 341 SER 341 1341 1341 SER SER C . n 
C 1 342 SER 342 1342 1342 SER SER C . n 
C 1 343 VAL 343 1343 1343 VAL VAL C . n 
C 1 344 ALA 344 1344 1344 ALA ALA C . n 
C 1 345 SER 345 1345 1345 SER SER C . n 
C 1 346 LEU 346 1346 1346 LEU LEU C . n 
C 1 347 ASN 347 1347 1347 ASN ASN C . n 
C 1 348 ASP 348 1348 1348 ASP ASP C . n 
C 1 349 LEU 349 1349 1349 LEU LEU C . n 
C 1 350 THR 350 1350 1350 THR THR C . n 
C 1 351 PRO 351 1351 1351 PRO PRO C . n 
C 1 352 VAL 352 1352 1352 VAL VAL C . n 
C 1 353 GLY 353 1353 1353 GLY GLY C . n 
C 1 354 ARG 354 1354 1354 ARG ARG C . n 
C 1 355 LEU 355 1355 1355 LEU LEU C . n 
C 1 356 VAL 356 1356 1356 VAL VAL C . n 
C 1 357 THR 357 1357 1357 THR THR C . n 
C 1 358 VAL 358 1358 1358 VAL VAL C . n 
C 1 359 ASN 359 1359 1359 ASN ASN C . n 
C 1 360 PRO 360 1360 1360 PRO PRO C . n 
C 1 361 PHE 361 1361 1361 PHE PHE C . n 
C 1 362 VAL 362 1362 1362 VAL VAL C . n 
C 1 363 SER 363 1363 1363 SER SER C . n 
C 1 364 VAL 364 1364 1364 VAL VAL C . n 
C 1 365 ALA 365 1365 1365 ALA ALA C . n 
C 1 366 THR 366 1366 1366 THR THR C . n 
C 1 367 ALA 367 1367 1367 ALA ALA C . n 
C 1 368 ASN 368 1368 1368 ASN ASN C . n 
C 1 369 ALA 369 1369 1369 ALA ALA C . n 
C 1 370 LYS 370 1370 1370 LYS LYS C . n 
C 1 371 VAL 371 1371 1371 VAL VAL C . n 
C 1 372 LEU 372 1372 1372 LEU LEU C . n 
C 1 373 ILE 373 1373 1373 ILE ILE C . n 
C 1 374 GLU 374 1374 1374 GLU GLU C . n 
C 1 375 LEU 375 1375 1375 LEU LEU C . n 
C 1 376 GLU 376 1376 1376 GLU GLU C . n 
C 1 377 PRO 377 1377 1377 PRO PRO C . n 
C 1 378 PRO 378 1378 1378 PRO PRO C . n 
C 1 379 PHE 379 1379 1379 PHE PHE C . n 
C 1 380 GLY 380 1380 1380 GLY GLY C . n 
C 1 381 ASP 381 1381 1381 ASP ASP C . n 
C 1 382 SER 382 1382 1382 SER SER C . n 
C 1 383 TYR 383 1383 1383 TYR TYR C . n 
C 1 384 ILE 384 1384 1384 ILE ILE C . n 
C 1 385 VAL 385 1385 1385 VAL VAL C . n 
C 1 386 VAL 386 1386 1386 VAL VAL C . n 
C 1 387 GLY 387 1387 1387 GLY GLY C . n 
C 1 388 ARG 388 1388 1388 ARG ARG C . n 
C 1 389 GLY 389 1389 1389 GLY GLY C . n 
C 1 390 GLU 390 1390 1390 GLU GLU C . n 
C 1 391 GLN 391 1391 1391 GLN GLN C . n 
C 1 392 GLN 392 1392 1392 GLN GLN C . n 
C 1 393 ILE 393 1393 1393 ILE ILE C . n 
C 1 394 ASN 394 1394 1394 ASN ASN C . n 
C 1 395 HIS 395 1395 1395 HIS HIS C . n 
C 1 396 HIS 396 1396 1396 HIS HIS C . n 
C 1 397 TRP 397 1397 1397 TRP TRP C . n 
C 1 398 HIS 398 1398 1398 HIS HIS C . n 
C 1 399 LYS 399 1399 1399 LYS LYS C . n 
C 1 400 SER 400 1400 1400 SER SER C . n 
# 
_cell.entry_id           3J0B 
_cell.length_a           1 
_cell.length_b           1 
_cell.length_c           1 
_cell.angle_alpha        90 
_cell.angle_beta         90 
_cell.angle_gamma        90 
_cell.Z_PDB              1 
_cell.pdbx_unique_axis   ? 
_cell.length_a_esd       ? 
_cell.length_b_esd       ? 
_cell.length_c_esd       ? 
_cell.angle_alpha_esd    ? 
_cell.angle_beta_esd     ? 
_cell.angle_gamma_esd    ? 
# 
_symmetry.entry_id                         3J0B 
_symmetry.space_group_name_H-M             'P 1' 
_symmetry.pdbx_full_space_group_name_H-M   ? 
_symmetry.cell_setting                     ? 
_symmetry.Int_Tables_number                1 
_symmetry.space_group_name_Hall            ? 
# 
_exptl.entry_id          3J0B 
_exptl.method            'ELECTRON MICROSCOPY' 
_exptl.crystals_number   ? 
# 
_exptl_crystal.id                    1 
_exptl_crystal.density_meas          ? 
_exptl_crystal.density_Matthews      ? 
_exptl_crystal.density_percent_sol   ? 
_exptl_crystal.description           ? 
# 
_diffrn.id                     1 
_diffrn.ambient_temp           ? 
_diffrn.ambient_temp_details   ? 
_diffrn.crystal_id             1 
# 
_diffrn_radiation.diffrn_id                        1 
_diffrn_radiation.wavelength_id                    1 
_diffrn_radiation.pdbx_monochromatic_or_laue_m_l   M 
_diffrn_radiation.monochromator                    ? 
_diffrn_radiation.pdbx_diffrn_protocol             'SINGLE WAVELENGTH' 
_diffrn_radiation.pdbx_scattering_type             x-ray 
# 
_diffrn_radiation_wavelength.id           1 
_diffrn_radiation_wavelength.wavelength   . 
_diffrn_radiation_wavelength.wt           1.0 
# 
_refine_hist.pdbx_refine_id                   'ELECTRON MICROSCOPY' 
_refine_hist.cycle_id                         LAST 
_refine_hist.pdbx_number_atoms_protein        1185 
_refine_hist.pdbx_number_atoms_nucleic_acid   0 
_refine_hist.pdbx_number_atoms_ligand         0 
_refine_hist.number_atoms_solvent             0 
_refine_hist.number_atoms_total               1185 
_refine_hist.d_res_high                       . 
_refine_hist.d_res_low                        . 
# 
_struct.entry_id                  3J0B 
_struct.title                     'cryo-EM reconstruction of West Nile virus' 
_struct.pdbx_model_details        ? 
_struct.pdbx_CASP_flag            ? 
_struct.pdbx_model_type_details   ? 
# 
_struct_keywords.entry_id        3J0B 
_struct_keywords.pdbx_keywords   VIRUS 
_struct_keywords.text            'West Nile Virus, VIRUS' 
# 
loop_
_struct_asym.id 
_struct_asym.pdbx_blank_PDB_chainid_flag 
_struct_asym.pdbx_modified 
_struct_asym.entity_id 
_struct_asym.details 
A N N 1 ? 
B N N 1 ? 
C N N 1 ? 
# 
_struct_ref.id                         1 
_struct_ref.db_name                    UNP 
_struct_ref.db_code                    Q9Q6P4_WNV 
_struct_ref.pdbx_db_accession          Q9Q6P4 
_struct_ref.entity_id                  1 
_struct_ref.pdbx_seq_one_letter_code   
;FNCLGMSNRDFLEGVSGATWVDLVLEGDSCVTIMSKDKPTIDVKMMNMEAANLAEVRSYCYLATVSDLSTKAACPTMGEA
HNDKRADPAFVCRQGVVDRGWGNGCGLFGKGSIDTCAKFACSTKAIGRTILKENIKYEVAIFVHGPTTVESHGNYSTQVG
ATQAGRFSITPAAPSYTLKLGEYGEVTVDCEPRSGIDTNAYYVMTVGTKTFLVHREWFMDLNLPWSSAGSTVWRNRETLM
EFEEPHATKQSVIALGSQEGALHQALAGAIPVEFSSNTVKLTSGHLKCRVKMEKLQLKGTTYGVCSKAFKFLGTPADTGH
GTVVLELQYTGTDGPCKVPISSVASLNDLTPVGRLVTVNPFVSVATANAKVLIELEPPFGDSYIVVGRGEQQINHHWHKS

;
_struct_ref.pdbx_align_begin           291 
_struct_ref.pdbx_db_isoform            ? 
# 
loop_
_struct_ref_seq.align_id 
_struct_ref_seq.ref_id 
_struct_ref_seq.pdbx_PDB_id_code 
_struct_ref_seq.pdbx_strand_id 
_struct_ref_seq.seq_align_beg 
_struct_ref_seq.pdbx_seq_align_beg_ins_code 
_struct_ref_seq.seq_align_end 
_struct_ref_seq.pdbx_seq_align_end_ins_code 
_struct_ref_seq.pdbx_db_accession 
_struct_ref_seq.db_align_beg 
_struct_ref_seq.pdbx_db_align_beg_ins_code 
_struct_ref_seq.db_align_end 
_struct_ref_seq.pdbx_db_align_end_ins_code 
_struct_ref_seq.pdbx_auth_seq_align_beg 
_struct_ref_seq.pdbx_auth_seq_align_end 
1 1 3J0B A 1 ? 400 ? Q9Q6P4 291 ? 690 ? 1001 1400 
2 1 3J0B B 1 ? 400 ? Q9Q6P4 291 ? 690 ? 1001 1400 
3 1 3J0B C 1 ? 400 ? Q9Q6P4 291 ? 690 ? 1001 1400 
# 
loop_
_pdbx_struct_assembly.id 
_pdbx_struct_assembly.details 
_pdbx_struct_assembly.method_details 
_pdbx_struct_assembly.oligomeric_details 
_pdbx_struct_assembly.oligomeric_count 
1 'complete icosahedral assembly'                ? 180-meric      180 
2 'icosahedral asymmetric unit'                  ? trimeric       3   
3 'icosahedral pentamer'                         ? pentadecameric 15  
4 'icosahedral 23 hexamer'                       ? octadecameric  18  
5 'icosahedral asymmetric unit, std point frame' ? trimeric       3   
# 
loop_
_pdbx_struct_assembly_gen.assembly_id 
_pdbx_struct_assembly_gen.oper_expression 
_pdbx_struct_assembly_gen.asym_id_list 
1 '(1-60)'           A,B,C 
2 1                  A,B,C 
3 '(1-5)'            A,B,C 
4 '(1,2,6,10,23,24)' A,B,C 
5 P                  A,B,C 
# 
loop_
_pdbx_struct_oper_list.id 
_pdbx_struct_oper_list.type 
_pdbx_struct_oper_list.name 
_pdbx_struct_oper_list.symmetry_operation 
_pdbx_struct_oper_list.matrix[1][1] 
_pdbx_struct_oper_list.matrix[1][2] 
_pdbx_struct_oper_list.matrix[1][3] 
_pdbx_struct_oper_list.vector[1] 
_pdbx_struct_oper_list.matrix[2][1] 
_pdbx_struct_oper_list.matrix[2][2] 
_pdbx_struct_oper_list.matrix[2][3] 
_pdbx_struct_oper_list.vector[2] 
_pdbx_struct_oper_list.matrix[3][1] 
_pdbx_struct_oper_list.matrix[3][2] 
_pdbx_struct_oper_list.matrix[3][3] 
_pdbx_struct_oper_list.vector[3] 
P  'transform to point frame' ?     ?     0.80344142  0.57058298  0.17004985  26.06009   0.52801684  -0.81482161 0.23929889  21.52738   0.27510017  -0.10247346 -0.95593885 211.14674 
1  'identity operation'       1_555 x,y,z 1.00000000  0.00000000  0.00000000  0.00000    0.00000000  1.00000000  0.00000000  0.00000    0.00000000  0.00000000  1.00000000  0.00000   
2  'point symmetry operation' ?     ?     0.48987753  0.47146895  -0.73330554 83.41439   -0.83597370 0.49267190  -0.24170720 -16.76148  0.24732160  0.73143107  0.63548455  74.65758  
3  'point symmetry operation' ?     ?     -0.33551794 -0.07312090 -0.93919169 61.62790   -0.88116490 -0.32820220 0.34034061  -112.79690 -0.33313079 0.94177314  0.04568616  130.47163 
4  'point symmetry operation' ?     ?     -0.33551794 -0.88116490 -0.33313079 -35.25129  -0.07312090 -0.32820220 0.94177314  -155.38858 -0.93919169 0.34034061  0.04568616  90.30903  
5  'point symmetry operation' ?     ?     0.48987753  -0.83597370 0.24732160  -73.33942  0.47146895  0.49267190  0.73143107  -85.67626  -0.73330554 -0.24170720 0.63548455  9.67313   
6  'point symmetry operation' ?     ?     -0.84863979 -0.05638093 -0.52595789 -64.60915  -0.05638093 -0.97899838 0.19591671  5.34306    -0.52595789 0.19591671  0.82763817  -19.16598 
7  'point symmetry operation' ?     ?     -0.49867734 -0.81258655 0.30170183  -173.71963 0.83925158  -0.36560728 0.40247745  31.67621   -0.21674337 0.45391012  0.86428462  -4.53284  
8  'point symmetry operation' ?     ?     0.50962754  -0.41477536 0.75381772  -179.17202 0.81630994  0.50994114  -0.27128973 137.85798  -0.27187838 0.75360561  0.59846530  34.30484  
9  'point symmetry operation' ?     ?     0.78283178  0.58729111  0.20558101  -73.43130  -0.09350129 0.43766873  -0.89426147 177.14878  -0.61516819 0.68083421  0.39753347  43.67469  
10 'point symmetry operation' ?     ?     -0.05662359 0.80879105  -0.58536382 -2.62755   -0.63285390 -0.48254650 -0.60551201 95.25005   -0.77219796 0.33616351  0.53917009  10.62791  
11 'point symmetry operation' ?     ?     -0.44239643 -0.86047907 0.25270769  -158.04852 -0.86047907 0.32786851  -0.38997182 13.53499   0.25270769  -0.38997182 -0.88547208 394.82371 
12 'point symmetry operation' ?     ?     0.56511787  -0.44767178 0.69298757  -161.66130 -0.79206726 -0.52939507 0.30392482  -92.85127  0.23080563  -0.72064612 -0.65375678 356.33247 
13 'point symmetry operation' ?     ?     0.82247118  0.55275286  0.13418432  -55.28192  0.12971157  -0.41195314 0.90192544  -127.35734 0.55381953  -0.72440242 -0.41051803 338.85618 
14 'point symmetry operation' ?     ?     -0.02599002 0.75824201  -0.65145495 14.07693   0.63099042  0.51789354  0.57761351  -42.29702  0.77535514  -0.39604965 -0.49190352 366.54648 
15 'point symmetry operation' ?     ?     -0.80772119 -0.11518335 -0.57820348 -49.43631  0.01901896  0.97512846  -0.22082291 44.77923   0.58925780  -0.18936016 -0.78544126 401.13631 
16 'point symmetry operation' ?     ?     0.29103622  0.91686000  0.27325019  -138.90665 0.91686000  -0.34887012 0.19405511  78.35582   0.27325019  0.19405511  -0.94216609 393.38378 
17 'point symmetry operation' ?     ?     -0.55631806 0.78878938  -0.26138386 -109.59777 0.78878938  0.40233045  -0.46469507 175.17040  -0.26138386 -0.46469507 -0.84601239 342.58429 
18 'point symmetry operation' ?     ?     -0.99658077 -0.06485660 0.05118965  -188.73826 -0.06485660 0.23021420  -0.97097633 199.53013  0.05118965  -0.97097633 -0.23363343 265.40886 
19 'point symmetry operation' ?     ?     -0.42132381 -0.46436823 0.77900474  -266.95866 -0.46436823 -0.62736007 -0.62512518 117.77069  0.77900474  -0.62512518 0.04868388  268.51131 
20 'point symmetry operation' ?     ?     0.37446725  0.14236600  0.91624570  -236.16102 0.14236600  -0.98525386 0.09490385  42.88084   0.91624570  0.09490385  -0.38921338 347.60416 
21 'point symmetry operation' ?     ?     0.79051500  -0.00521156 -0.61242051 98.93531   -0.55180166 -0.43989537 -0.70852452 121.34489  -0.26570843 0.89803391  -0.35061963 213.82314 
22 'point symmetry operation' ?     ?     0.24014744  -0.07780770 -0.96761312 119.24116  -0.07780770 -0.99511828 0.06070871  29.79326   -0.96761312 0.06070871  -0.24502916 150.43045 
23 'point symmetry operation' ?     ?     -0.05662359 -0.63285390 -0.77219796 68.33743   0.80879105  -0.48254650 0.33616351  44.51500   -0.58536382 -0.60551201 0.53917009  50.40673  
24 'point symmetry operation' ?     ?     0.31032936  -0.90329519 -0.29623213 16.57135   0.88274524  0.38946321  -0.26282928 145.16516  0.35278394  -0.17993386 0.91824141  51.98137  
25 'point symmetry operation' ?     ?     0.83388980  -0.51539088 -0.19748423 35.48187   0.04185271  0.41582306  -0.90848199 192.64865  0.55034184  0.74930862  0.36832111  152.97827 
26 'point symmetry operation' ?     ?     -0.34846125 -0.15945128 -0.92366122 59.57061   0.86573661  0.32295615  -0.38236036 168.22551  0.35926992  -0.93288510 0.02550511  242.50856 
27 'point symmetry operation' ?     ?     -0.26584763 -0.91844034 -0.29290334 -35.78175  0.05955610  0.28760911  -0.95589438 206.48108  0.96217363  -0.27156644 -0.02176147 290.01752 
28 'point symmetry operation' ?     ?     0.56511787  -0.79206726 0.23080563  -64.43030  -0.44767178 -0.52939507 -0.72064612 135.26341  0.69298757  0.30392482  -0.65375678 373.20385 
29 'point symmetry operation' ?     ?     0.99606916  0.04502466  -0.07628229 13.21627   0.04502466  -0.99898439 -0.00172068 52.99289   -0.07628229 -0.00172068 -0.99708477 377.10686 
30 'point symmetry operation' ?     ?     0.43144622  0.43600284  -0.78978204 89.85304   0.85675568  -0.47220236 0.20735143  73.36459   -0.28253114 -0.76611124 -0.57727784 296.33273 
31 'point symmetry operation' ?     ?     -0.49999995 -0.44310357 0.74408284  -267.87309 0.44358624  0.60689054  0.65948095  -77.13993  -0.74379520 0.65980535  -0.10689059 129.53990 
32 'point symmetry operation' ?     ?     0.30951195  0.09020618  0.94660720  -246.60179 -0.12693771 0.99049991  -0.05288411 -1.07559   -0.94238483 -0.10379189 0.31802212  48.45717  
33 'point symmetry operation' ?     ?     0.31032936  0.88274524  0.35278394  -151.62463 -0.90329519 0.38946321  -0.17993386 -32.21446  -0.29623213 -0.26282928 0.91824141  -4.66883  
34 'point symmetry operation' ?     ?     -0.49867734 0.83925158  -0.21674337 -114.19681 -0.81258655 -0.36560728 0.45391012  -127.52369 0.30170183  0.40247745  0.86428462  43.58023  
35 'point symmetry operation' ?     ?     -0.99948839 0.01983194  0.02509264  -186.04231 0.01983194  -0.23122981 0.97269700  -155.28915 0.02509264  0.97269700  0.23071820  126.52579 
36 'point symmetry operation' ?     ?     0.05794620  0.60776641  0.79199888  -252.19713 -0.75752119 -0.48995132 0.43140393  -115.19661 0.65023371  -0.62495416 0.43200511  183.16991 
37 'point symmetry operation' ?     ?     -0.28381176 0.90604186  0.31390926  -198.42193 0.14518931  -0.28299073 0.94806978  -137.96490 0.94782432  0.31464962  -0.05123149 280.13637 
38 'point symmetry operation' ?     ?     -0.81882363 0.54217592  0.18860839  -213.84681 0.54217592  0.62247836  0.56441647  -50.33008  0.18860839  0.56441647  -0.80365473 350.09975 
39 'point symmetry operation' ?     ?     -0.80772119 0.01901896  0.58925780  -277.15511 -0.11518335 0.97512846  -0.18936016 26.59950   -0.57820348 -0.22082291 -0.78544126 296.37304 
40 'point symmetry operation' ?     ?     -0.26584763 0.05955610  0.96217363  -300.85691 -0.91844034 0.28760911  -0.27156644 -13.49022  -0.29290334 -0.95589438 -0.02176147 193.20472 
41 'point symmetry operation' ?     ?     0.79051500  -0.55180166 -0.26570843 45.56308   -0.00521156 -0.43989537 0.89803391  -138.12577 -0.61242051 -0.70852452 -0.35061963 221.53643 
42 'point symmetry operation' ?     ?     0.78283178  -0.09350129 -0.61516819 100.91527  0.58729111  0.43766873  0.68083421  -64.14216  0.20558101  -0.89426147 0.39753347  156.15125 
43 'point symmetry operation' ?     ?     0.30951195  -0.12693771 -0.94238483 121.85496  0.09020618  0.99049991  -0.10379189 28.33983   0.94660720  -0.05288411 0.31802212  217.96770 
44 'point symmetry operation' ?     ?     0.02466741  -0.60590292 -0.79515606 79.44421   -0.80951187 0.45460428  -0.37151779 11.51323   0.58658506  0.65285266  -0.47927169 321.55754 
45 'point symmetry operation' ?     ?     0.32194365  -0.86848328 -0.37694704 32.29323   -0.86848328 -0.42942862 0.24764460  -91.36817  -0.37694704 0.24764460  -0.89251502 323.76314 
46 'point symmetry operation' ?     ?     -0.49999995 0.44358624  -0.74379520 -3.36717   -0.44310357 0.60689054  0.65980535  -157.35115 0.74408284  0.65948095  -0.10689059 264.03868 
47 'point symmetry operation' ?     ?     -0.79972179 -0.56122689 -0.21323561 -108.03947 -0.56122689 0.57269047  0.59753659  -155.22528 -0.21323561 0.59753659  -0.77296868 307.07183 
48 'point symmetry operation' ?     ?     0.02466741  -0.80951187 0.58658506  -181.26044 -0.60590292 0.45460428  0.65285266  -167.02818 -0.79515606 -0.37151779 -0.47927169 221.56135 
49 'point symmetry operation' ?     ?     0.83388980  0.04185271  0.55034184  -121.84118 -0.51539088 0.41582306  0.74930862  -176.44865 -0.19748423 -0.90848199 0.36832111  125.67981 
50 'point symmetry operation' ?     ?     0.50962754  0.81630994  -0.27187838 -11.89710  -0.41477536 0.50994114  0.75360561  -170.46791 0.75381772  -0.27128973 0.59846530  151.93225 
51 'point symmetry operation' ?     ?     0.05794620  -0.75752119 0.65023371  -191.75326 0.60776641  -0.48995132 -0.62495416 211.30901  0.79199888  0.43140393  0.43200511  170.30578 
52 'point symmetry operation' ?     ?     0.82247118  0.12971157  0.55381953  -125.67766 0.55275286  -0.41195314 -0.72440242 223.56022  0.13418432  0.90192544  -0.41051803 261.39137 
53 'point symmetry operation' ?     ?     0.43144622  0.85675568  -0.28253114 -17.89906  0.43600284  -0.47220236 -0.76611124 222.49059  -0.78978204 0.20735143  -0.57727784 226.81839 
54 'point symmetry operation' ?     ?     -0.57474546 0.41886090  -0.70301009 -17.36382  0.41886090  -0.58743661 -0.69244045 209.57830  -0.70301009 -0.69244045 0.16218207  114.36552 
55 'point symmetry operation' ?     ?     -0.80558116 -0.57881708 -0.12652971 -124.81162 0.52501662  -0.59840606 -0.60520057 202.66771  0.27458427  -0.55396839 0.78595324  79.43880  
56 'point symmetry operation' ?     ?     -0.34846125 0.86573661  0.35926992  -212.00696 -0.15945128 0.32295615  -0.93288510 181.40177  -0.92366122 -0.38236036 0.02550511  113.16062 
57 'point symmetry operation' ?     ?     -0.80558116 0.52501662  0.27458427  -228.76245 -0.57881708 -0.59840606 -0.55396839 93.04107   -0.12652971 -0.60520057 0.78595324  44.42705  
58 'point symmetry operation' ?     ?     -0.76562559 0.07969390  0.63833090  -284.25978 0.07969390  -0.97290183 0.21705047  13.43163   0.63833090  0.21705047  0.73852741  102.69407 
59 'point symmetry operation' ?     ?     -0.28381176 0.14518931  0.94782432  -301.80352 0.90604186  -0.28299073 0.31464962  52.59098   0.31390926  0.94806978  -0.05123149 207.43864 
60 'point symmetry operation' ?     ?     -0.02599002 0.63099042  0.77535514  -257.14882 0.75824201  0.51789354  -0.39604965 156.40224  -0.65145495 0.57761351  -0.49190352 213.90732 
# 
_struct_biol.id        1 
_struct_biol.details   ? 
# 
_pdbx_validate_close_contact.id               1 
_pdbx_validate_close_contact.PDB_model_num    1 
_pdbx_validate_close_contact.auth_atom_id_1   CA 
_pdbx_validate_close_contact.auth_asym_id_1   A 
_pdbx_validate_close_contact.auth_comp_id_1   ALA 
_pdbx_validate_close_contact.auth_seq_id_1    1172 
_pdbx_validate_close_contact.PDB_ins_code_1   ? 
_pdbx_validate_close_contact.label_alt_id_1   ? 
_pdbx_validate_close_contact.auth_atom_id_2   CA 
_pdbx_validate_close_contact.auth_asym_id_2   C 
_pdbx_validate_close_contact.auth_comp_id_2   HIS 
_pdbx_validate_close_contact.auth_seq_id_2    1396 
_pdbx_validate_close_contact.PDB_ins_code_2   ? 
_pdbx_validate_close_contact.label_alt_id_2   ? 
_pdbx_validate_close_contact.dist             1.63 
# 
_pdbx_point_symmetry.entry_id             3J0B 
_pdbx_point_symmetry.Schoenflies_symbol   I 
_pdbx_point_symmetry.circular_symmetry    ? 
_pdbx_point_symmetry.H-M_notation         ? 
# 
_em_3d_fitting.id                1 
_em_3d_fitting.entry_id          3J0B 
_em_3d_fitting.ref_protocol      'RIGID BODY FIT' 
_em_3d_fitting.ref_space         REAL 
_em_3d_fitting.overall_b_value   ? 
_em_3d_fitting.target_criteria   'Cross-correlation coefficient' 
_em_3d_fitting.details           'REFINEMENT PROTOCOL--Rigid Body' 
_em_3d_fitting.method            ? 
# 
_em_3d_fitting_list.3d_fitting_id                 1 
_em_3d_fitting_list.id                            1 
_em_3d_fitting_list.pdb_entry_id                  2HG0 
_em_3d_fitting_list.pdb_chain_id                  ? 
_em_3d_fitting_list.details                       ? 
_em_3d_fitting_list.initial_refinement_model_id   1 
_em_3d_fitting_list.chain_id                      ? 
_em_3d_fitting_list.chain_residue_range           ? 
_em_3d_fitting_list.pdb_chain_residue_range       ? 
_em_3d_fitting_list.source_name                   PDB 
_em_3d_fitting_list.type                          'experimental model' 
_em_3d_fitting_list.accession_code                2HG0 
# 
_em_3d_reconstruction.entry_id                    3J0B 
_em_3d_reconstruction.id                          1 
_em_3d_reconstruction.resolution_method           'FSC 0.5 CUT-OFF' 
_em_3d_reconstruction.symmetry_type               POINT 
_em_3d_reconstruction.image_processing_id         1 
_em_3d_reconstruction.method                      ? 
_em_3d_reconstruction.nominal_pixel_size          ? 
_em_3d_reconstruction.actual_pixel_size           ? 
_em_3d_reconstruction.resolution                  10.3 
_em_3d_reconstruction.magnification_calibration   ? 
_em_3d_reconstruction.details                     ? 
_em_3d_reconstruction.num_particles               1556 
_em_3d_reconstruction.num_class_averages          ? 
_em_3d_reconstruction.algorithm                   ? 
# 
_em_buffer.id            1 
_em_buffer.specimen_id   1 
_em_buffer.name          'TNE (12 mM Tris, 120 mM NaCl, 1 mM EDTA)' 
_em_buffer.pH            8 
_em_buffer.details       '12 mM Tris-HCL, 120 mM NaCl, 1 mM EDTA' 
# 
_em_entity_assembly.id                   1 
_em_entity_assembly.name                 'West Nile Virus' 
_em_entity_assembly.type                 VIRUS 
_em_entity_assembly.parent_id            0 
_em_entity_assembly.synonym              ? 
_em_entity_assembly.details              ? 
_em_entity_assembly.oligomeric_details   ? 
# 
_em_imaging.entry_id                        3J0B 
_em_imaging.id                              1 
_em_imaging.specimen_id                     1 
_em_imaging.date                            2004-10-21 
_em_imaging.temperature                     ? 
_em_imaging.microscope_model                'FEI/PHILIPS CM300FEG/T' 
_em_imaging.nominal_defocus_min             112 
_em_imaging.nominal_defocus_max             321 
_em_imaging.tilt_angle_min                  0.0 
_em_imaging.tilt_angle_max                  0.0 
_em_imaging.nominal_cs                      2.0 
_em_imaging.mode                            'BRIGHT FIELD' 
_em_imaging.illumination_mode               'FLOOD BEAM' 
_em_imaging.nominal_magnification           ? 
_em_imaging.calibrated_magnification        47440 
_em_imaging.electron_source                 'FIELD EMISSION GUN' 
_em_imaging.accelerating_voltage            300 
_em_imaging.details                         ? 
_em_imaging.specimen_holder_type            Eucentric 
_em_imaging.specimen_holder_model           'GATAN LIQUID NITROGEN' 
_em_imaging.recording_temperature_minimum   ? 
_em_imaging.recording_temperature_maximum   ? 
_em_imaging.detector_distance               0.0 
_em_imaging.electron_beam_tilt_params       ? 
_em_imaging.astigmatism                     ? 
_em_imaging.citation_id                     ? 
# 
_em_sample_support.id               1 
_em_sample_support.specimen_id      1 
_em_sample_support.details          '400 mesh holey carbon copper grid' 
_em_sample_support.film_material    ? 
_em_sample_support.grid_material    ? 
_em_sample_support.grid_mesh_size   ? 
_em_sample_support.grid_type        ? 
_em_sample_support.method           ? 
# 
_em_virus_entity.id                    1 
_em_virus_entity.virus_host_category   VERTEBRATES 
_em_virus_entity.entity_assembly_id    1 
_em_virus_entity.virus_type            VIRION 
_em_virus_entity.virus_isolate         STRAIN 
_em_virus_entity.empty                 NO 
_em_virus_entity.enveloped             YES 
_em_virus_entity.details               ? 
# 
_em_vitrification.entry_id              3J0B 
_em_vitrification.id                    1 
_em_vitrification.instrument            'HOMEMADE PLUNGER' 
_em_vitrification.details               'vitrification carried out in a BSL3 lab' 
_em_vitrification.cryogen_name          ETHANE 
_em_vitrification.humidity              ? 
_em_vitrification.temp                  98 
_em_vitrification.method                
;A small vial of ethane is placed inside a larger liquid nitrogen reservoir. The grid holding a few microliters of the sample is held in place at the bottom of a plunger by means of fine tweezers. Once the ethane in the vial is completely frozen, it needs to be melted slightly. When the liquid ethane is ready, a piece of filter paper is then pressed against the sample to blot off excess buffer sufficient to leave a thin layer on the grid. After a predetermined time, the filter paper is removed and the plunger is allowed to drop into the liquid ethane. Once the grid enters the liquid ethane, the sample is rapidly frozen and the grid is transferred under liquid nitrogen to a storage box immersed in liquid nitrogen for later use in the microscope.
;
_em_vitrification.time_resolved_state   ? 
_em_vitrification.citation_id           ? 
_em_vitrification.specimen_id           1 
# 
_em_experiment.entry_id                3J0B 
_em_experiment.id                      1 
_em_experiment.aggregation_state       PARTICLE 
_em_experiment.entity_assembly_id      1 
_em_experiment.reconstruction_method   'SINGLE PARTICLE' 
# 
_em_single_particle_entity.entry_id              3J0B 
_em_single_particle_entity.id                    1 
_em_single_particle_entity.point_symmetry        I 
_em_single_particle_entity.image_processing_id   1 
# 
loop_
_pdbx_unobs_or_zero_occ_residues.id 
_pdbx_unobs_or_zero_occ_residues.PDB_model_num 
_pdbx_unobs_or_zero_occ_residues.polymer_flag 
_pdbx_unobs_or_zero_occ_residues.occupancy_flag 
_pdbx_unobs_or_zero_occ_residues.auth_asym_id 
_pdbx_unobs_or_zero_occ_residues.auth_comp_id 
_pdbx_unobs_or_zero_occ_residues.auth_seq_id 
_pdbx_unobs_or_zero_occ_residues.PDB_ins_code 
_pdbx_unobs_or_zero_occ_residues.label_asym_id 
_pdbx_unobs_or_zero_occ_residues.label_comp_id 
_pdbx_unobs_or_zero_occ_residues.label_seq_id 
1  1 Y 1 A GLY 1256 ? A GLY 256 
2  1 Y 1 A SER 1257 ? A SER 257 
3  1 Y 1 A GLN 1258 ? A GLN 258 
4  1 Y 1 A GLU 1259 ? A GLU 259 
5  1 Y 1 A GLY 1260 ? A GLY 260 
6  1 Y 1 B GLY 1256 ? B GLY 256 
7  1 Y 1 B SER 1257 ? B SER 257 
8  1 Y 1 B GLN 1258 ? B GLN 258 
9  1 Y 1 B GLU 1259 ? B GLU 259 
10 1 Y 1 B GLY 1260 ? B GLY 260 
11 1 Y 1 C GLY 1256 ? C GLY 256 
12 1 Y 1 C SER 1257 ? C SER 257 
13 1 Y 1 C GLN 1258 ? C GLN 258 
14 1 Y 1 C GLU 1259 ? C GLU 259 
15 1 Y 1 C GLY 1260 ? C GLY 260 
# 
loop_
_chem_comp_atom.comp_id 
_chem_comp_atom.atom_id 
_chem_comp_atom.type_symbol 
_chem_comp_atom.pdbx_aromatic_flag 
_chem_comp_atom.pdbx_stereo_config 
_chem_comp_atom.pdbx_ordinal 
ALA N    N N N 1   
ALA CA   C N S 2   
ALA C    C N N 3   
ALA O    O N N 4   
ALA CB   C N N 5   
ALA OXT  O N N 6   
ALA H    H N N 7   
ALA H2   H N N 8   
ALA HA   H N N 9   
ALA HB1  H N N 10  
ALA HB2  H N N 11  
ALA HB3  H N N 12  
ALA HXT  H N N 13  
ARG N    N N N 14  
ARG CA   C N S 15  
ARG C    C N N 16  
ARG O    O N N 17  
ARG CB   C N N 18  
ARG CG   C N N 19  
ARG CD   C N N 20  
ARG NE   N N N 21  
ARG CZ   C N N 22  
ARG NH1  N N N 23  
ARG NH2  N N N 24  
ARG OXT  O N N 25  
ARG H    H N N 26  
ARG H2   H N N 27  
ARG HA   H N N 28  
ARG HB2  H N N 29  
ARG HB3  H N N 30  
ARG HG2  H N N 31  
ARG HG3  H N N 32  
ARG HD2  H N N 33  
ARG HD3  H N N 34  
ARG HE   H N N 35  
ARG HH11 H N N 36  
ARG HH12 H N N 37  
ARG HH21 H N N 38  
ARG HH22 H N N 39  
ARG HXT  H N N 40  
ASN N    N N N 41  
ASN CA   C N S 42  
ASN C    C N N 43  
ASN O    O N N 44  
ASN CB   C N N 45  
ASN CG   C N N 46  
ASN OD1  O N N 47  
ASN ND2  N N N 48  
ASN OXT  O N N 49  
ASN H    H N N 50  
ASN H2   H N N 51  
ASN HA   H N N 52  
ASN HB2  H N N 53  
ASN HB3  H N N 54  
ASN HD21 H N N 55  
ASN HD22 H N N 56  
ASN HXT  H N N 57  
ASP N    N N N 58  
ASP CA   C N S 59  
ASP C    C N N 60  
ASP O    O N N 61  
ASP CB   C N N 62  
ASP CG   C N N 63  
ASP OD1  O N N 64  
ASP OD2  O N N 65  
ASP OXT  O N N 66  
ASP H    H N N 67  
ASP H2   H N N 68  
ASP HA   H N N 69  
ASP HB2  H N N 70  
ASP HB3  H N N 71  
ASP HD2  H N N 72  
ASP HXT  H N N 73  
CYS N    N N N 74  
CYS CA   C N R 75  
CYS C    C N N 76  
CYS O    O N N 77  
CYS CB   C N N 78  
CYS SG   S N N 79  
CYS OXT  O N N 80  
CYS H    H N N 81  
CYS H2   H N N 82  
CYS HA   H N N 83  
CYS HB2  H N N 84  
CYS HB3  H N N 85  
CYS HG   H N N 86  
CYS HXT  H N N 87  
GLN N    N N N 88  
GLN CA   C N S 89  
GLN C    C N N 90  
GLN O    O N N 91  
GLN CB   C N N 92  
GLN CG   C N N 93  
GLN CD   C N N 94  
GLN OE1  O N N 95  
GLN NE2  N N N 96  
GLN OXT  O N N 97  
GLN H    H N N 98  
GLN H2   H N N 99  
GLN HA   H N N 100 
GLN HB2  H N N 101 
GLN HB3  H N N 102 
GLN HG2  H N N 103 
GLN HG3  H N N 104 
GLN HE21 H N N 105 
GLN HE22 H N N 106 
GLN HXT  H N N 107 
GLU N    N N N 108 
GLU CA   C N S 109 
GLU C    C N N 110 
GLU O    O N N 111 
GLU CB   C N N 112 
GLU CG   C N N 113 
GLU CD   C N N 114 
GLU OE1  O N N 115 
GLU OE2  O N N 116 
GLU OXT  O N N 117 
GLU H    H N N 118 
GLU H2   H N N 119 
GLU HA   H N N 120 
GLU HB2  H N N 121 
GLU HB3  H N N 122 
GLU HG2  H N N 123 
GLU HG3  H N N 124 
GLU HE2  H N N 125 
GLU HXT  H N N 126 
GLY N    N N N 127 
GLY CA   C N N 128 
GLY C    C N N 129 
GLY O    O N N 130 
GLY OXT  O N N 131 
GLY H    H N N 132 
GLY H2   H N N 133 
GLY HA2  H N N 134 
GLY HA3  H N N 135 
GLY HXT  H N N 136 
HIS N    N N N 137 
HIS CA   C N S 138 
HIS C    C N N 139 
HIS O    O N N 140 
HIS CB   C N N 141 
HIS CG   C Y N 142 
HIS ND1  N Y N 143 
HIS CD2  C Y N 144 
HIS CE1  C Y N 145 
HIS NE2  N Y N 146 
HIS OXT  O N N 147 
HIS H    H N N 148 
HIS H2   H N N 149 
HIS HA   H N N 150 
HIS HB2  H N N 151 
HIS HB3  H N N 152 
HIS HD1  H N N 153 
HIS HD2  H N N 154 
HIS HE1  H N N 155 
HIS HE2  H N N 156 
HIS HXT  H N N 157 
ILE N    N N N 158 
ILE CA   C N S 159 
ILE C    C N N 160 
ILE O    O N N 161 
ILE CB   C N S 162 
ILE CG1  C N N 163 
ILE CG2  C N N 164 
ILE CD1  C N N 165 
ILE OXT  O N N 166 
ILE H    H N N 167 
ILE H2   H N N 168 
ILE HA   H N N 169 
ILE HB   H N N 170 
ILE HG12 H N N 171 
ILE HG13 H N N 172 
ILE HG21 H N N 173 
ILE HG22 H N N 174 
ILE HG23 H N N 175 
ILE HD11 H N N 176 
ILE HD12 H N N 177 
ILE HD13 H N N 178 
ILE HXT  H N N 179 
LEU N    N N N 180 
LEU CA   C N S 181 
LEU C    C N N 182 
LEU O    O N N 183 
LEU CB   C N N 184 
LEU CG   C N N 185 
LEU CD1  C N N 186 
LEU CD2  C N N 187 
LEU OXT  O N N 188 
LEU H    H N N 189 
LEU H2   H N N 190 
LEU HA   H N N 191 
LEU HB2  H N N 192 
LEU HB3  H N N 193 
LEU HG   H N N 194 
LEU HD11 H N N 195 
LEU HD12 H N N 196 
LEU HD13 H N N 197 
LEU HD21 H N N 198 
LEU HD22 H N N 199 
LEU HD23 H N N 200 
LEU HXT  H N N 201 
LYS N    N N N 202 
LYS CA   C N S 203 
LYS C    C N N 204 
LYS O    O N N 205 
LYS CB   C N N 206 
LYS CG   C N N 207 
LYS CD   C N N 208 
LYS CE   C N N 209 
LYS NZ   N N N 210 
LYS OXT  O N N 211 
LYS H    H N N 212 
LYS H2   H N N 213 
LYS HA   H N N 214 
LYS HB2  H N N 215 
LYS HB3  H N N 216 
LYS HG2  H N N 217 
LYS HG3  H N N 218 
LYS HD2  H N N 219 
LYS HD3  H N N 220 
LYS HE2  H N N 221 
LYS HE3  H N N 222 
LYS HZ1  H N N 223 
LYS HZ2  H N N 224 
LYS HZ3  H N N 225 
LYS HXT  H N N 226 
MET N    N N N 227 
MET CA   C N S 228 
MET C    C N N 229 
MET O    O N N 230 
MET CB   C N N 231 
MET CG   C N N 232 
MET SD   S N N 233 
MET CE   C N N 234 
MET OXT  O N N 235 
MET H    H N N 236 
MET H2   H N N 237 
MET HA   H N N 238 
MET HB2  H N N 239 
MET HB3  H N N 240 
MET HG2  H N N 241 
MET HG3  H N N 242 
MET HE1  H N N 243 
MET HE2  H N N 244 
MET HE3  H N N 245 
MET HXT  H N N 246 
PHE N    N N N 247 
PHE CA   C N S 248 
PHE C    C N N 249 
PHE O    O N N 250 
PHE CB   C N N 251 
PHE CG   C Y N 252 
PHE CD1  C Y N 253 
PHE CD2  C Y N 254 
PHE CE1  C Y N 255 
PHE CE2  C Y N 256 
PHE CZ   C Y N 257 
PHE OXT  O N N 258 
PHE H    H N N 259 
PHE H2   H N N 260 
PHE HA   H N N 261 
PHE HB2  H N N 262 
PHE HB3  H N N 263 
PHE HD1  H N N 264 
PHE HD2  H N N 265 
PHE HE1  H N N 266 
PHE HE2  H N N 267 
PHE HZ   H N N 268 
PHE HXT  H N N 269 
PRO N    N N N 270 
PRO CA   C N S 271 
PRO C    C N N 272 
PRO O    O N N 273 
PRO CB   C N N 274 
PRO CG   C N N 275 
PRO CD   C N N 276 
PRO OXT  O N N 277 
PRO H    H N N 278 
PRO HA   H N N 279 
PRO HB2  H N N 280 
PRO HB3  H N N 281 
PRO HG2  H N N 282 
PRO HG3  H N N 283 
PRO HD2  H N N 284 
PRO HD3  H N N 285 
PRO HXT  H N N 286 
SER N    N N N 287 
SER CA   C N S 288 
SER C    C N N 289 
SER O    O N N 290 
SER CB   C N N 291 
SER OG   O N N 292 
SER OXT  O N N 293 
SER H    H N N 294 
SER H2   H N N 295 
SER HA   H N N 296 
SER HB2  H N N 297 
SER HB3  H N N 298 
SER HG   H N N 299 
SER HXT  H N N 300 
THR N    N N N 301 
THR CA   C N S 302 
THR C    C N N 303 
THR O    O N N 304 
THR CB   C N R 305 
THR OG1  O N N 306 
THR CG2  C N N 307 
THR OXT  O N N 308 
THR H    H N N 309 
THR H2   H N N 310 
THR HA   H N N 311 
THR HB   H N N 312 
THR HG1  H N N 313 
THR HG21 H N N 314 
THR HG22 H N N 315 
THR HG23 H N N 316 
THR HXT  H N N 317 
TRP N    N N N 318 
TRP CA   C N S 319 
TRP C    C N N 320 
TRP O    O N N 321 
TRP CB   C N N 322 
TRP CG   C Y N 323 
TRP CD1  C Y N 324 
TRP CD2  C Y N 325 
TRP NE1  N Y N 326 
TRP CE2  C Y N 327 
TRP CE3  C Y N 328 
TRP CZ2  C Y N 329 
TRP CZ3  C Y N 330 
TRP CH2  C Y N 331 
TRP OXT  O N N 332 
TRP H    H N N 333 
TRP H2   H N N 334 
TRP HA   H N N 335 
TRP HB2  H N N 336 
TRP HB3  H N N 337 
TRP HD1  H N N 338 
TRP HE1  H N N 339 
TRP HE3  H N N 340 
TRP HZ2  H N N 341 
TRP HZ3  H N N 342 
TRP HH2  H N N 343 
TRP HXT  H N N 344 
TYR N    N N N 345 
TYR CA   C N S 346 
TYR C    C N N 347 
TYR O    O N N 348 
TYR CB   C N N 349 
TYR CG   C Y N 350 
TYR CD1  C Y N 351 
TYR CD2  C Y N 352 
TYR CE1  C Y N 353 
TYR CE2  C Y N 354 
TYR CZ   C Y N 355 
TYR OH   O N N 356 
TYR OXT  O N N 357 
TYR H    H N N 358 
TYR H2   H N N 359 
TYR HA   H N N 360 
TYR HB2  H N N 361 
TYR HB3  H N N 362 
TYR HD1  H N N 363 
TYR HD2  H N N 364 
TYR HE1  H N N 365 
TYR HE2  H N N 366 
TYR HH   H N N 367 
TYR HXT  H N N 368 
VAL N    N N N 369 
VAL CA   C N S 370 
VAL C    C N N 371 
VAL O    O N N 372 
VAL CB   C N N 373 
VAL CG1  C N N 374 
VAL CG2  C N N 375 
VAL OXT  O N N 376 
VAL H    H N N 377 
VAL H2   H N N 378 
VAL HA   H N N 379 
VAL HB   H N N 380 
VAL HG11 H N N 381 
VAL HG12 H N N 382 
VAL HG13 H N N 383 
VAL HG21 H N N 384 
VAL HG22 H N N 385 
VAL HG23 H N N 386 
VAL HXT  H N N 387 
# 
loop_
_chem_comp_bond.comp_id 
_chem_comp_bond.atom_id_1 
_chem_comp_bond.atom_id_2 
_chem_comp_bond.value_order 
_chem_comp_bond.pdbx_aromatic_flag 
_chem_comp_bond.pdbx_stereo_config 
_chem_comp_bond.pdbx_ordinal 
ALA N   CA   sing N N 1   
ALA N   H    sing N N 2   
ALA N   H2   sing N N 3   
ALA CA  C    sing N N 4   
ALA CA  CB   sing N N 5   
ALA CA  HA   sing N N 6   
ALA C   O    doub N N 7   
ALA C   OXT  sing N N 8   
ALA CB  HB1  sing N N 9   
ALA CB  HB2  sing N N 10  
ALA CB  HB3  sing N N 11  
ALA OXT HXT  sing N N 12  
ARG N   CA   sing N N 13  
ARG N   H    sing N N 14  
ARG N   H2   sing N N 15  
ARG CA  C    sing N N 16  
ARG CA  CB   sing N N 17  
ARG CA  HA   sing N N 18  
ARG C   O    doub N N 19  
ARG C   OXT  sing N N 20  
ARG CB  CG   sing N N 21  
ARG CB  HB2  sing N N 22  
ARG CB  HB3  sing N N 23  
ARG CG  CD   sing N N 24  
ARG CG  HG2  sing N N 25  
ARG CG  HG3  sing N N 26  
ARG CD  NE   sing N N 27  
ARG CD  HD2  sing N N 28  
ARG CD  HD3  sing N N 29  
ARG NE  CZ   sing N N 30  
ARG NE  HE   sing N N 31  
ARG CZ  NH1  sing N N 32  
ARG CZ  NH2  doub N N 33  
ARG NH1 HH11 sing N N 34  
ARG NH1 HH12 sing N N 35  
ARG NH2 HH21 sing N N 36  
ARG NH2 HH22 sing N N 37  
ARG OXT HXT  sing N N 38  
ASN N   CA   sing N N 39  
ASN N   H    sing N N 40  
ASN N   H2   sing N N 41  
ASN CA  C    sing N N 42  
ASN CA  CB   sing N N 43  
ASN CA  HA   sing N N 44  
ASN C   O    doub N N 45  
ASN C   OXT  sing N N 46  
ASN CB  CG   sing N N 47  
ASN CB  HB2  sing N N 48  
ASN CB  HB3  sing N N 49  
ASN CG  OD1  doub N N 50  
ASN CG  ND2  sing N N 51  
ASN ND2 HD21 sing N N 52  
ASN ND2 HD22 sing N N 53  
ASN OXT HXT  sing N N 54  
ASP N   CA   sing N N 55  
ASP N   H    sing N N 56  
ASP N   H2   sing N N 57  
ASP CA  C    sing N N 58  
ASP CA  CB   sing N N 59  
ASP CA  HA   sing N N 60  
ASP C   O    doub N N 61  
ASP C   OXT  sing N N 62  
ASP CB  CG   sing N N 63  
ASP CB  HB2  sing N N 64  
ASP CB  HB3  sing N N 65  
ASP CG  OD1  doub N N 66  
ASP CG  OD2  sing N N 67  
ASP OD2 HD2  sing N N 68  
ASP OXT HXT  sing N N 69  
CYS N   CA   sing N N 70  
CYS N   H    sing N N 71  
CYS N   H2   sing N N 72  
CYS CA  C    sing N N 73  
CYS CA  CB   sing N N 74  
CYS CA  HA   sing N N 75  
CYS C   O    doub N N 76  
CYS C   OXT  sing N N 77  
CYS CB  SG   sing N N 78  
CYS CB  HB2  sing N N 79  
CYS CB  HB3  sing N N 80  
CYS SG  HG   sing N N 81  
CYS OXT HXT  sing N N 82  
GLN N   CA   sing N N 83  
GLN N   H    sing N N 84  
GLN N   H2   sing N N 85  
GLN CA  C    sing N N 86  
GLN CA  CB   sing N N 87  
GLN CA  HA   sing N N 88  
GLN C   O    doub N N 89  
GLN C   OXT  sing N N 90  
GLN CB  CG   sing N N 91  
GLN CB  HB2  sing N N 92  
GLN CB  HB3  sing N N 93  
GLN CG  CD   sing N N 94  
GLN CG  HG2  sing N N 95  
GLN CG  HG3  sing N N 96  
GLN CD  OE1  doub N N 97  
GLN CD  NE2  sing N N 98  
GLN NE2 HE21 sing N N 99  
GLN NE2 HE22 sing N N 100 
GLN OXT HXT  sing N N 101 
GLU N   CA   sing N N 102 
GLU N   H    sing N N 103 
GLU N   H2   sing N N 104 
GLU CA  C    sing N N 105 
GLU CA  CB   sing N N 106 
GLU CA  HA   sing N N 107 
GLU C   O    doub N N 108 
GLU C   OXT  sing N N 109 
GLU CB  CG   sing N N 110 
GLU CB  HB2  sing N N 111 
GLU CB  HB3  sing N N 112 
GLU CG  CD   sing N N 113 
GLU CG  HG2  sing N N 114 
GLU CG  HG3  sing N N 115 
GLU CD  OE1  doub N N 116 
GLU CD  OE2  sing N N 117 
GLU OE2 HE2  sing N N 118 
GLU OXT HXT  sing N N 119 
GLY N   CA   sing N N 120 
GLY N   H    sing N N 121 
GLY N   H2   sing N N 122 
GLY CA  C    sing N N 123 
GLY CA  HA2  sing N N 124 
GLY CA  HA3  sing N N 125 
GLY C   O    doub N N 126 
GLY C   OXT  sing N N 127 
GLY OXT HXT  sing N N 128 
HIS N   CA   sing N N 129 
HIS N   H    sing N N 130 
HIS N   H2   sing N N 131 
HIS CA  C    sing N N 132 
HIS CA  CB   sing N N 133 
HIS CA  HA   sing N N 134 
HIS C   O    doub N N 135 
HIS C   OXT  sing N N 136 
HIS CB  CG   sing N N 137 
HIS CB  HB2  sing N N 138 
HIS CB  HB3  sing N N 139 
HIS CG  ND1  sing Y N 140 
HIS CG  CD2  doub Y N 141 
HIS ND1 CE1  doub Y N 142 
HIS ND1 HD1  sing N N 143 
HIS CD2 NE2  sing Y N 144 
HIS CD2 HD2  sing N N 145 
HIS CE1 NE2  sing Y N 146 
HIS CE1 HE1  sing N N 147 
HIS NE2 HE2  sing N N 148 
HIS OXT HXT  sing N N 149 
ILE N   CA   sing N N 150 
ILE N   H    sing N N 151 
ILE N   H2   sing N N 152 
ILE CA  C    sing N N 153 
ILE CA  CB   sing N N 154 
ILE CA  HA   sing N N 155 
ILE C   O    doub N N 156 
ILE C   OXT  sing N N 157 
ILE CB  CG1  sing N N 158 
ILE CB  CG2  sing N N 159 
ILE CB  HB   sing N N 160 
ILE CG1 CD1  sing N N 161 
ILE CG1 HG12 sing N N 162 
ILE CG1 HG13 sing N N 163 
ILE CG2 HG21 sing N N 164 
ILE CG2 HG22 sing N N 165 
ILE CG2 HG23 sing N N 166 
ILE CD1 HD11 sing N N 167 
ILE CD1 HD12 sing N N 168 
ILE CD1 HD13 sing N N 169 
ILE OXT HXT  sing N N 170 
LEU N   CA   sing N N 171 
LEU N   H    sing N N 172 
LEU N   H2   sing N N 173 
LEU CA  C    sing N N 174 
LEU CA  CB   sing N N 175 
LEU CA  HA   sing N N 176 
LEU C   O    doub N N 177 
LEU C   OXT  sing N N 178 
LEU CB  CG   sing N N 179 
LEU CB  HB2  sing N N 180 
LEU CB  HB3  sing N N 181 
LEU CG  CD1  sing N N 182 
LEU CG  CD2  sing N N 183 
LEU CG  HG   sing N N 184 
LEU CD1 HD11 sing N N 185 
LEU CD1 HD12 sing N N 186 
LEU CD1 HD13 sing N N 187 
LEU CD2 HD21 sing N N 188 
LEU CD2 HD22 sing N N 189 
LEU CD2 HD23 sing N N 190 
LEU OXT HXT  sing N N 191 
LYS N   CA   sing N N 192 
LYS N   H    sing N N 193 
LYS N   H2   sing N N 194 
LYS CA  C    sing N N 195 
LYS CA  CB   sing N N 196 
LYS CA  HA   sing N N 197 
LYS C   O    doub N N 198 
LYS C   OXT  sing N N 199 
LYS CB  CG   sing N N 200 
LYS CB  HB2  sing N N 201 
LYS CB  HB3  sing N N 202 
LYS CG  CD   sing N N 203 
LYS CG  HG2  sing N N 204 
LYS CG  HG3  sing N N 205 
LYS CD  CE   sing N N 206 
LYS CD  HD2  sing N N 207 
LYS CD  HD3  sing N N 208 
LYS CE  NZ   sing N N 209 
LYS CE  HE2  sing N N 210 
LYS CE  HE3  sing N N 211 
LYS NZ  HZ1  sing N N 212 
LYS NZ  HZ2  sing N N 213 
LYS NZ  HZ3  sing N N 214 
LYS OXT HXT  sing N N 215 
MET N   CA   sing N N 216 
MET N   H    sing N N 217 
MET N   H2   sing N N 218 
MET CA  C    sing N N 219 
MET CA  CB   sing N N 220 
MET CA  HA   sing N N 221 
MET C   O    doub N N 222 
MET C   OXT  sing N N 223 
MET CB  CG   sing N N 224 
MET CB  HB2  sing N N 225 
MET CB  HB3  sing N N 226 
MET CG  SD   sing N N 227 
MET CG  HG2  sing N N 228 
MET CG  HG3  sing N N 229 
MET SD  CE   sing N N 230 
MET CE  HE1  sing N N 231 
MET CE  HE2  sing N N 232 
MET CE  HE3  sing N N 233 
MET OXT HXT  sing N N 234 
PHE N   CA   sing N N 235 
PHE N   H    sing N N 236 
PHE N   H2   sing N N 237 
PHE CA  C    sing N N 238 
PHE CA  CB   sing N N 239 
PHE CA  HA   sing N N 240 
PHE C   O    doub N N 241 
PHE C   OXT  sing N N 242 
PHE CB  CG   sing N N 243 
PHE CB  HB2  sing N N 244 
PHE CB  HB3  sing N N 245 
PHE CG  CD1  doub Y N 246 
PHE CG  CD2  sing Y N 247 
PHE CD1 CE1  sing Y N 248 
PHE CD1 HD1  sing N N 249 
PHE CD2 CE2  doub Y N 250 
PHE CD2 HD2  sing N N 251 
PHE CE1 CZ   doub Y N 252 
PHE CE1 HE1  sing N N 253 
PHE CE2 CZ   sing Y N 254 
PHE CE2 HE2  sing N N 255 
PHE CZ  HZ   sing N N 256 
PHE OXT HXT  sing N N 257 
PRO N   CA   sing N N 258 
PRO N   CD   sing N N 259 
PRO N   H    sing N N 260 
PRO CA  C    sing N N 261 
PRO CA  CB   sing N N 262 
PRO CA  HA   sing N N 263 
PRO C   O    doub N N 264 
PRO C   OXT  sing N N 265 
PRO CB  CG   sing N N 266 
PRO CB  HB2  sing N N 267 
PRO CB  HB3  sing N N 268 
PRO CG  CD   sing N N 269 
PRO CG  HG2  sing N N 270 
PRO CG  HG3  sing N N 271 
PRO CD  HD2  sing N N 272 
PRO CD  HD3  sing N N 273 
PRO OXT HXT  sing N N 274 
SER N   CA   sing N N 275 
SER N   H    sing N N 276 
SER N   H2   sing N N 277 
SER CA  C    sing N N 278 
SER CA  CB   sing N N 279 
SER CA  HA   sing N N 280 
SER C   O    doub N N 281 
SER C   OXT  sing N N 282 
SER CB  OG   sing N N 283 
SER CB  HB2  sing N N 284 
SER CB  HB3  sing N N 285 
SER OG  HG   sing N N 286 
SER OXT HXT  sing N N 287 
THR N   CA   sing N N 288 
THR N   H    sing N N 289 
THR N   H2   sing N N 290 
THR CA  C    sing N N 291 
THR CA  CB   sing N N 292 
THR CA  HA   sing N N 293 
THR C   O    doub N N 294 
THR C   OXT  sing N N 295 
THR CB  OG1  sing N N 296 
THR CB  CG2  sing N N 297 
THR CB  HB   sing N N 298 
THR OG1 HG1  sing N N 299 
THR CG2 HG21 sing N N 300 
THR CG2 HG22 sing N N 301 
THR CG2 HG23 sing N N 302 
THR OXT HXT  sing N N 303 
TRP N   CA   sing N N 304 
TRP N   H    sing N N 305 
TRP N   H2   sing N N 306 
TRP CA  C    sing N N 307 
TRP CA  CB   sing N N 308 
TRP CA  HA   sing N N 309 
TRP C   O    doub N N 310 
TRP C   OXT  sing N N 311 
TRP CB  CG   sing N N 312 
TRP CB  HB2  sing N N 313 
TRP CB  HB3  sing N N 314 
TRP CG  CD1  doub Y N 315 
TRP CG  CD2  sing Y N 316 
TRP CD1 NE1  sing Y N 317 
TRP CD1 HD1  sing N N 318 
TRP CD2 CE2  doub Y N 319 
TRP CD2 CE3  sing Y N 320 
TRP NE1 CE2  sing Y N 321 
TRP NE1 HE1  sing N N 322 
TRP CE2 CZ2  sing Y N 323 
TRP CE3 CZ3  doub Y N 324 
TRP CE3 HE3  sing N N 325 
TRP CZ2 CH2  doub Y N 326 
TRP CZ2 HZ2  sing N N 327 
TRP CZ3 CH2  sing Y N 328 
TRP CZ3 HZ3  sing N N 329 
TRP CH2 HH2  sing N N 330 
TRP OXT HXT  sing N N 331 
TYR N   CA   sing N N 332 
TYR N   H    sing N N 333 
TYR N   H2   sing N N 334 
TYR CA  C    sing N N 335 
TYR CA  CB   sing N N 336 
TYR CA  HA   sing N N 337 
TYR C   O    doub N N 338 
TYR C   OXT  sing N N 339 
TYR CB  CG   sing N N 340 
TYR CB  HB2  sing N N 341 
TYR CB  HB3  sing N N 342 
TYR CG  CD1  doub Y N 343 
TYR CG  CD2  sing Y N 344 
TYR CD1 CE1  sing Y N 345 
TYR CD1 HD1  sing N N 346 
TYR CD2 CE2  doub Y N 347 
TYR CD2 HD2  sing N N 348 
TYR CE1 CZ   doub Y N 349 
TYR CE1 HE1  sing N N 350 
TYR CE2 CZ   sing Y N 351 
TYR CE2 HE2  sing N N 352 
TYR CZ  OH   sing N N 353 
TYR OH  HH   sing N N 354 
TYR OXT HXT  sing N N 355 
VAL N   CA   sing N N 356 
VAL N   H    sing N N 357 
VAL N   H2   sing N N 358 
VAL CA  C    sing N N 359 
VAL CA  CB   sing N N 360 
VAL CA  HA   sing N N 361 
VAL C   O    doub N N 362 
VAL C   OXT  sing N N 363 
VAL CB  CG1  sing N N 364 
VAL CB  CG2  sing N N 365 
VAL CB  HB   sing N N 366 
VAL CG1 HG11 sing N N 367 
VAL CG1 HG12 sing N N 368 
VAL CG1 HG13 sing N N 369 
VAL CG2 HG21 sing N N 370 
VAL CG2 HG22 sing N N 371 
VAL CG2 HG23 sing N N 372 
VAL OXT HXT  sing N N 373 
# 
_em_ctf_correction.id        1 
_em_ctf_correction.details   'each particle' 
_em_ctf_correction.type      . 
# 
_em_image_processing.id                   1 
_em_image_processing.image_recording_id   1 
_em_image_processing.details              ? 
# 
_em_image_recording.avg_electron_dose_per_image   30 
_em_image_recording.details                       ? 
_em_image_recording.id                            1 
_em_image_recording.film_or_detector_model        'KODAK SO-163 FILM' 
_em_image_recording.imaging_id                    1 
_em_image_recording.detector_mode                 ? 
_em_image_recording.average_exposure_time         ? 
_em_image_recording.num_diffraction_images        ? 
_em_image_recording.num_grids_imaged              ? 
_em_image_recording.num_real_images               ? 
# 
loop_
_em_software.id 
_em_software.name 
_em_software.version 
_em_software.category 
_em_software.details 
_em_software.image_processing_id 
1 EMfit    ? 'MODEL FITTING' ? ? 
2 Auto3DEM ? RECONSTRUCTION  ? 1 
# 
_em_specimen.experiment_id           1 
_em_specimen.id                      1 
_em_specimen.concentration           1 
_em_specimen.vitrification_applied   YES 
_em_specimen.staining_applied        NO 
_em_specimen.embedding_applied       NO 
_em_specimen.shadowing_applied       NO 
_em_specimen.details                 '12 mM Tris-HCL, 120 mM NaCl, 1 mM EDTA' 
# 
loop_
_pdbx_coordinate_model.asym_id 
_pdbx_coordinate_model.type 
A 'CA ATOMS ONLY' 
B 'CA ATOMS ONLY' 
C 'CA ATOMS ONLY' 
# 
_pdbx_initial_refinement_model.id               1 
_pdbx_initial_refinement_model.type             'experimental model' 
_pdbx_initial_refinement_model.source_name      PDB 
_pdbx_initial_refinement_model.accession_code   2HG0 
# 
_atom_sites.entry_id                    3J0B 
_atom_sites.fract_transf_matrix[1][1]   1.000000 
_atom_sites.fract_transf_matrix[1][2]   0.000000 
_atom_sites.fract_transf_matrix[1][3]   0.000000 
_atom_sites.fract_transf_matrix[2][1]   0.000000 
_atom_sites.fract_transf_matrix[2][2]   1.000000 
_atom_sites.fract_transf_matrix[2][3]   0.000000 
_atom_sites.fract_transf_matrix[3][1]   0.000000 
_atom_sites.fract_transf_matrix[3][2]   0.000000 
_atom_sites.fract_transf_matrix[3][3]   1.000000 
_atom_sites.fract_transf_vector[1]      0.00000 
_atom_sites.fract_transf_vector[2]      0.00000 
_atom_sites.fract_transf_vector[3]      0.00000 
# 
_atom_type.symbol   C 
# 
loop_
_atom_site.group_PDB 
_atom_site.id 
_atom_site.type_symbol 
_atom_site.label_atom_id 
_atom_site.label_alt_id 
_atom_site.label_comp_id 
_atom_site.label_asym_id 
_atom_site.label_entity_id 
_atom_site.label_seq_id 
_atom_site.pdbx_PDB_ins_code 
_atom_site.Cartn_x 
_atom_site.Cartn_y 
_atom_site.Cartn_z 
_atom_site.occupancy 
_atom_site.B_iso_or_equiv 
_atom_site.pdbx_formal_charge 
_atom_site.auth_seq_id 
_atom_site.auth_comp_id 
_atom_site.auth_asym_id 
_atom_site.auth_atom_id 
_atom_site.pdbx_PDB_model_num 
ATOM 1    C CA . PHE A 1 1   ? -25.562 42.752  -23.138 1.00 42.04  ? 1001 PHE A CA 1 
ATOM 2    C CA . ASN A 1 2   ? -28.692 44.805  -22.494 1.00 31.87  ? 1002 ASN A CA 1 
ATOM 3    C CA . CYS A 1 3   ? -32.109 43.746  -21.214 1.00 35.65  ? 1003 CYS A CA 1 
ATOM 4    C CA . LEU A 1 4   ? -34.655 44.381  -23.969 1.00 51.09  ? 1004 LEU A CA 1 
ATOM 5    C CA . GLY A 1 5   ? -36.156 41.194  -25.369 1.00 65.66  ? 1005 GLY A CA 1 
ATOM 6    C CA . MET A 1 6   ? -34.920 38.867  -22.642 1.00 65.46  ? 1006 MET A CA 1 
ATOM 7    C CA . SER A 1 7   ? -37.417 36.810  -20.647 1.00 89.48  ? 1007 SER A CA 1 
ATOM 8    C CA . ASN A 1 8   ? -35.322 36.907  -17.455 1.00 72.91  ? 1008 ASN A CA 1 
ATOM 9    C CA . ARG A 1 9   ? -35.574 40.622  -16.874 1.00 33.10  ? 1009 ARG A CA 1 
ATOM 10   C CA . ASP A 1 10  ? -36.191 42.527  -13.611 1.00 34.87  ? 1010 ASP A CA 1 
ATOM 11   C CA . PHE A 1 11  ? -36.838 46.261  -13.263 1.00 55.47  ? 1011 PHE A CA 1 
ATOM 12   C CA . LEU A 1 12  ? -35.452 48.132  -10.305 1.00 62.47  ? 1012 LEU A CA 1 
ATOM 13   C CA . GLU A 1 13  ? -35.700 51.455  -8.571  1.00 79.07  ? 1013 GLU A CA 1 
ATOM 14   C CA . GLY A 1 14  ? -33.013 51.124  -5.942  1.00 64.20  ? 1014 GLY A CA 1 
ATOM 15   C CA . VAL A 1 15  ? -34.303 53.179  -3.050  1.00 72.48  ? 1015 VAL A CA 1 
ATOM 16   C CA . SER A 1 16  ? -35.682 56.648  -2.423  1.00 78.86  ? 1016 SER A CA 1 
ATOM 17   C CA . GLY A 1 17  ? -32.987 59.256  -2.996  1.00 85.67  ? 1017 GLY A CA 1 
ATOM 18   C CA . ALA A 1 18  ? -30.506 56.420  -3.471  1.00 70.19  ? 1018 ALA A CA 1 
ATOM 19   C CA . THR A 1 19  ? -27.396 56.915  -5.600  1.00 69.49  ? 1019 THR A CA 1 
ATOM 20   C CA . TRP A 1 20  ? -26.724 53.208  -5.303  1.00 75.07  ? 1020 TRP A CA 1 
ATOM 21   C CA . VAL A 1 21  ? -28.684 49.942  -5.362  1.00 67.58  ? 1021 VAL A CA 1 
ATOM 22   C CA . ASP A 1 22  ? -28.034 46.436  -4.135  1.00 61.35  ? 1022 ASP A CA 1 
ATOM 23   C CA . LEU A 1 23  ? -28.692 43.750  -6.692  1.00 60.68  ? 1023 LEU A CA 1 
ATOM 24   C CA . VAL A 1 24  ? -28.505 40.077  -7.666  1.00 63.90  ? 1024 VAL A CA 1 
ATOM 25   C CA . LEU A 1 25  ? -27.413 38.796  -11.090 1.00 68.82  ? 1025 LEU A CA 1 
ATOM 26   C CA . GLU A 1 26  ? -27.551 35.225  -12.423 1.00 66.56  ? 1026 GLU A CA 1 
ATOM 27   C CA . GLY A 1 27  ? -26.721 33.232  -15.547 1.00 97.39  ? 1027 GLY A CA 1 
ATOM 28   C CA . ASP A 1 28  ? -29.106 34.092  -18.378 1.00 83.35  ? 1028 ASP A CA 1 
ATOM 29   C CA . SER A 1 29  ? -30.740 37.011  -16.550 1.00 56.48  ? 1029 SER A CA 1 
ATOM 30   C CA . CYS A 1 30  ? -30.671 40.812  -16.904 1.00 35.63  ? 1030 CYS A CA 1 
ATOM 31   C CA . VAL A 1 31  ? -31.709 43.801  -14.801 1.00 31.34  ? 1031 VAL A CA 1 
ATOM 32   C CA . THR A 1 32  ? -32.903 47.292  -15.727 1.00 48.32  ? 1032 THR A CA 1 
ATOM 33   C CA . ILE A 1 33  ? -32.328 49.959  -13.079 1.00 41.99  ? 1033 ILE A CA 1 
ATOM 34   C CA . MET A 1 34  ? -34.052 53.326  -12.829 1.00 59.86  ? 1034 MET A CA 1 
ATOM 35   C CA . SER A 1 35  ? -33.102 56.322  -10.747 1.00 57.95  ? 1035 SER A CA 1 
ATOM 36   C CA . LYS A 1 36  ? -34.582 59.800  -10.553 1.00 76.57  ? 1036 LYS A CA 1 
ATOM 37   C CA . ASP A 1 37  ? -32.892 62.322  -12.828 1.00 78.92  ? 1037 ASP A CA 1 
ATOM 38   C CA . LYS A 1 38  ? -30.422 59.743  -14.104 1.00 47.93  ? 1038 LYS A CA 1 
ATOM 39   C CA . PRO A 1 39  ? -30.078 57.493  -17.137 1.00 40.34  ? 1039 PRO A CA 1 
ATOM 40   C CA . THR A 1 40  ? -31.523 53.998  -16.999 1.00 38.13  ? 1040 THR A CA 1 
ATOM 41   C CA . ILE A 1 41  ? -29.023 51.144  -17.224 1.00 21.62  ? 1041 ILE A CA 1 
ATOM 42   C CA . ASP A 1 42  ? -28.987 47.397  -17.537 1.00 23.57  ? 1042 ASP A CA 1 
ATOM 43   C CA . VAL A 1 43  ? -26.641 45.253  -15.490 1.00 36.02  ? 1043 VAL A CA 1 
ATOM 44   C CA . LYS A 1 44  ? -26.295 41.744  -16.865 1.00 34.89  ? 1044 LYS A CA 1 
ATOM 45   C CA . MET A 1 45  ? -24.090 38.767  -16.168 1.00 89.61  ? 1045 MET A CA 1 
ATOM 46   C CA . MET A 1 46  ? -22.717 37.435  -19.380 1.00 83.13  ? 1046 MET A CA 1 
ATOM 47   C CA . ASN A 1 47  ? -20.403 34.540  -18.575 1.00 100.00 ? 1047 ASN A CA 1 
ATOM 48   C CA . MET A 1 48  ? -17.598 33.788  -20.202 1.00 29.36  ? 1048 MET A CA 1 
ATOM 49   C CA . GLU A 1 49  ? -15.552 30.592  -20.692 1.00 39.62  ? 1049 GLU A CA 1 
ATOM 50   C CA . ALA A 1 50  ? -13.558 27.920  -18.883 1.00 54.96  ? 1050 ALA A CA 1 
ATOM 51   C CA . ALA A 1 51  ? -10.424 27.480  -20.983 1.00 55.16  ? 1051 ALA A CA 1 
ATOM 52   C CA . ASN A 1 52  ? -7.460  25.106  -20.756 1.00 55.10  ? 1052 ASN A CA 1 
ATOM 53   C CA . LEU A 1 53  ? -9.396  22.308  -19.043 1.00 43.20  ? 1053 LEU A CA 1 
ATOM 54   C CA . ALA A 1 54  ? -8.243  18.900  -17.851 1.00 45.09  ? 1054 ALA A CA 1 
ATOM 55   C CA . GLU A 1 55  ? -9.881  15.477  -17.647 1.00 38.33  ? 1055 GLU A CA 1 
ATOM 56   C CA . VAL A 1 56  ? -10.476 13.759  -14.299 1.00 46.57  ? 1056 VAL A CA 1 
ATOM 57   C CA . ARG A 1 57  ? -12.426 10.519  -14.810 1.00 33.08  ? 1057 ARG A CA 1 
ATOM 58   C CA . SER A 1 58  ? -14.025 8.467   -17.602 1.00 30.06  ? 1058 SER A CA 1 
ATOM 59   C CA . TYR A 1 59  ? -16.975 6.113   -17.170 1.00 32.78  ? 1059 TYR A CA 1 
ATOM 60   C CA . CYS A 1 60  ? -17.698 3.756   -20.054 1.00 23.64  ? 1060 CYS A CA 1 
ATOM 61   C CA . TYR A 1 61  ? -20.636 2.057   -21.692 1.00 28.50  ? 1061 TYR A CA 1 
ATOM 62   C CA . LEU A 1 62  ? -19.194 -0.996  -23.373 1.00 35.14  ? 1062 LEU A CA 1 
ATOM 63   C CA . ALA A 1 63  ? -18.525 -3.518  -26.122 1.00 56.21  ? 1063 ALA A CA 1 
ATOM 64   C CA . THR A 1 64  ? -15.705 -6.133  -25.985 1.00 58.11  ? 1064 THR A CA 1 
ATOM 65   C CA . VAL A 1 65  ? -17.264 -9.039  -24.081 1.00 50.25  ? 1065 VAL A CA 1 
ATOM 66   C CA . SER A 1 66  ? -16.385 -11.415 -26.905 1.00 64.26  ? 1066 SER A CA 1 
ATOM 67   C CA . ASP A 1 67  ? -13.385 -13.602 -26.025 1.00 48.89  ? 1067 ASP A CA 1 
ATOM 68   C CA . LEU A 1 68  ? -13.872 -16.323 -23.417 1.00 44.80  ? 1068 LEU A CA 1 
ATOM 69   C CA . SER A 1 69  ? -11.870 -18.668 -21.168 1.00 43.12  ? 1069 SER A CA 1 
ATOM 70   C CA . THR A 1 70  ? -12.632 -21.434 -18.666 1.00 36.13  ? 1070 THR A CA 1 
ATOM 71   C CA . LYS A 1 71  ? -9.667  -22.896 -16.741 1.00 29.33  ? 1071 LYS A CA 1 
ATOM 72   C CA . ALA A 1 72  ? -11.044 -26.124 -15.290 1.00 37.61  ? 1072 ALA A CA 1 
ATOM 73   C CA . ALA A 1 73  ? -9.957  -27.863 -12.094 1.00 45.16  ? 1073 ALA A CA 1 
ATOM 74   C CA . CYS A 1 74  ? -11.202 -31.244 -10.889 1.00 56.36  ? 1074 CYS A CA 1 
ATOM 75   C CA . PRO A 1 75  ? -12.508 -31.771 -7.331  1.00 52.29  ? 1075 PRO A CA 1 
ATOM 76   C CA . THR A 1 76  ? -9.808  -31.845 -4.646  1.00 65.39  ? 1076 THR A CA 1 
ATOM 77   C CA . MET A 1 77  ? -7.339  -30.702 -7.338  1.00 65.40  ? 1077 MET A CA 1 
ATOM 78   C CA . GLY A 1 78  ? -7.518  -27.231 -5.809  1.00 56.47  ? 1078 GLY A CA 1 
ATOM 79   C CA . GLU A 1 79  ? -8.215  -23.925 -7.521  1.00 58.67  ? 1079 GLU A CA 1 
ATOM 80   C CA . ALA A 1 80  ? -7.991  -23.043 -11.207 1.00 46.19  ? 1080 ALA A CA 1 
ATOM 81   C CA . HIS A 1 81  ? -5.551  -20.475 -12.575 1.00 46.84  ? 1081 HIS A CA 1 
ATOM 82   C CA . ASN A 1 82  ? -6.322  -19.053 -16.002 1.00 36.95  ? 1082 ASN A CA 1 
ATOM 83   C CA . ASP A 1 83  ? -3.300  -17.866 -17.952 1.00 51.35  ? 1083 ASP A CA 1 
ATOM 84   C CA . LYS A 1 84  ? -5.478  -14.908 -18.933 1.00 40.83  ? 1084 LYS A CA 1 
ATOM 85   C CA . ARG A 1 85  ? -4.704  -13.636 -15.443 1.00 42.96  ? 1085 ARG A CA 1 
ATOM 86   C CA . ALA A 1 86  ? -1.198  -12.340 -16.220 1.00 46.66  ? 1086 ALA A CA 1 
ATOM 87   C CA . ASP A 1 87  ? -2.383  -9.276  -18.146 1.00 41.26  ? 1087 ASP A CA 1 
ATOM 88   C CA . PRO A 1 88  ? -5.587  -7.177  -17.887 1.00 47.14  ? 1088 PRO A CA 1 
ATOM 89   C CA . ALA A 1 89  ? -6.210  -8.696  -21.317 1.00 48.06  ? 1089 ALA A CA 1 
ATOM 90   C CA . PHE A 1 90  ? -9.251  -10.210 -19.618 1.00 34.38  ? 1090 PHE A CA 1 
ATOM 91   C CA . VAL A 1 91  ? -11.257 -10.044 -16.380 1.00 45.93  ? 1091 VAL A CA 1 
ATOM 92   C CA . CYS A 1 92  ? -11.286 -13.325 -14.474 1.00 46.26  ? 1092 CYS A CA 1 
ATOM 93   C CA . ARG A 1 93  ? -13.570 -14.672 -11.752 1.00 55.40  ? 1093 ARG A CA 1 
ATOM 94   C CA . GLN A 1 94  ? -13.593 -18.043 -10.001 1.00 44.06  ? 1094 GLN A CA 1 
ATOM 95   C CA . GLY A 1 95  ? -16.493 -20.372 -9.274  1.00 51.68  ? 1095 GLY A CA 1 
ATOM 96   C CA . VAL A 1 96  ? -17.195 -24.057 -8.651  1.00 51.21  ? 1096 VAL A CA 1 
ATOM 97   C CA . VAL A 1 97  ? -19.110 -26.707 -10.583 1.00 49.10  ? 1097 VAL A CA 1 
ATOM 98   C CA . ASP A 1 98  ? -20.792 -29.864 -9.403  1.00 50.36  ? 1098 ASP A CA 1 
ATOM 99   C CA . ARG A 1 99  ? -19.225 -32.703 -11.355 1.00 47.13  ? 1099 ARG A CA 1 
ATOM 100  C CA . GLY A 1 100 ? -17.355 -35.991 -11.547 1.00 34.32  ? 1100 GLY A CA 1 
ATOM 101  C CA . TRP A 1 101 ? -17.471 -39.116 -13.715 1.00 35.73  ? 1101 TRP A CA 1 
ATOM 102  C CA . GLY A 1 102 ? -20.372 -37.762 -15.706 1.00 57.24  ? 1102 GLY A CA 1 
ATOM 103  C CA . ASN A 1 103 ? -18.011 -35.168 -17.131 1.00 60.85  ? 1103 ASN A CA 1 
ATOM 104  C CA . GLY A 1 104 ? -14.501 -36.569 -17.192 1.00 66.79  ? 1104 GLY A CA 1 
ATOM 105  C CA . CYS A 1 105 ? -13.577 -36.127 -13.559 1.00 50.55  ? 1105 CYS A CA 1 
ATOM 106  C CA . GLY A 1 106 ? -12.490 -38.955 -11.251 1.00 53.23  ? 1106 GLY A CA 1 
ATOM 107  C CA . LEU A 1 107 ? -14.226 -38.032 -7.974  1.00 39.17  ? 1107 LEU A CA 1 
ATOM 108  C CA . PHE A 1 108 ? -17.627 -36.394 -7.339  1.00 41.50  ? 1108 PHE A CA 1 
ATOM 109  C CA . GLY A 1 109 ? -18.108 -32.922 -5.949  1.00 56.24  ? 1109 GLY A CA 1 
ATOM 110  C CA . LYS A 1 110 ? -17.221 -29.266 -6.410  1.00 53.82  ? 1110 LYS A CA 1 
ATOM 111  C CA . GLY A 1 111 ? -14.458 -28.462 -8.858  1.00 43.02  ? 1111 GLY A CA 1 
ATOM 112  C CA . SER A 1 112 ? -12.646 -25.147 -9.261  1.00 38.57  ? 1112 SER A CA 1 
ATOM 113  C CA . ILE A 1 113 ? -13.345 -22.780 -12.163 1.00 23.69  ? 1113 ILE A CA 1 
ATOM 114  C CA . ASP A 1 114 ? -11.627 -19.522 -13.210 1.00 22.47  ? 1114 ASP A CA 1 
ATOM 115  C CA . THR A 1 115 ? -12.868 -18.010 -16.479 1.00 27.47  ? 1115 THR A CA 1 
ATOM 116  C CA . CYS A 1 116 ? -11.998 -14.708 -18.160 1.00 34.24  ? 1116 CYS A CA 1 
ATOM 117  C CA . ALA A 1 117 ? -13.523 -12.159 -20.568 1.00 36.20  ? 1117 ALA A CA 1 
ATOM 118  C CA . LYS A 1 118 ? -11.811 -9.259  -22.389 1.00 35.60  ? 1118 LYS A CA 1 
ATOM 119  C CA . PHE A 1 119 ? -12.056 -5.543  -21.712 1.00 42.81  ? 1119 PHE A CA 1 
ATOM 120  C CA . ALA A 1 120 ? -11.641 -2.373  -23.792 1.00 50.41  ? 1120 ALA A CA 1 
ATOM 121  C CA . CYS A 1 121 ? -13.891 0.699   -23.950 1.00 38.48  ? 1121 CYS A CA 1 
ATOM 122  C CA . SER A 1 122 ? -16.370 2.110   -26.489 1.00 50.28  ? 1122 SER A CA 1 
ATOM 123  C CA . THR A 1 123 ? -18.331 5.217   -25.489 1.00 47.82  ? 1123 THR A CA 1 
ATOM 124  C CA . LYS A 1 124 ? -16.443 7.028   -22.689 1.00 41.04  ? 1124 LYS A CA 1 
ATOM 125  C CA . ALA A 1 125 ? -18.756 9.327   -20.719 1.00 48.03  ? 1125 ALA A CA 1 
ATOM 126  C CA . ILE A 1 126 ? -15.760 11.613  -20.117 1.00 37.93  ? 1126 ILE A CA 1 
ATOM 127  C CA . GLY A 1 127 ? -15.661 14.379  -17.511 1.00 25.02  ? 1127 GLY A CA 1 
ATOM 128  C CA . ARG A 1 128 ? -13.253 17.158  -16.480 1.00 26.04  ? 1128 ARG A CA 1 
ATOM 129  C CA . THR A 1 129 ? -12.413 20.002  -14.049 1.00 38.57  ? 1129 THR A CA 1 
ATOM 130  C CA . ILE A 1 130 ? -12.594 23.790  -14.030 1.00 51.96  ? 1130 ILE A CA 1 
ATOM 131  C CA . LEU A 1 131 ? -9.741  25.483  -12.161 1.00 48.32  ? 1131 LEU A CA 1 
ATOM 132  C CA . LYS A 1 132 ? -10.778 28.940  -10.983 1.00 53.98  ? 1132 LYS A CA 1 
ATOM 133  C CA . GLU A 1 133 ? -7.600  29.710  -12.913 1.00 49.46  ? 1133 GLU A CA 1 
ATOM 134  C CA . ASN A 1 134 ? -9.301  28.550  -16.117 1.00 39.83  ? 1134 ASN A CA 1 
ATOM 135  C CA . ILE A 1 135 ? -11.851 31.371  -15.991 1.00 44.47  ? 1135 ILE A CA 1 
ATOM 136  C CA . LYS A 1 136 ? -11.261 34.023  -18.636 1.00 42.12  ? 1136 LYS A CA 1 
ATOM 137  C CA . TYR A 1 137 ? -17.166 36.863  -13.859 1.00 72.01  ? 1137 TYR A CA 1 
ATOM 138  C CA . GLU A 1 138 ? -18.161 38.783  -16.974 1.00 80.57  ? 1138 GLU A CA 1 
ATOM 139  C CA . VAL A 1 139 ? -20.679 41.558  -16.400 1.00 66.67  ? 1139 VAL A CA 1 
ATOM 140  C CA . ALA A 1 140 ? -22.035 43.743  -19.177 1.00 35.88  ? 1140 ALA A CA 1 
ATOM 141  C CA . ILE A 1 141 ? -23.506 47.196  -18.575 1.00 36.94  ? 1141 ILE A CA 1 
ATOM 142  C CA . PHE A 1 142 ? -25.788 49.035  -20.983 1.00 19.78  ? 1142 PHE A CA 1 
ATOM 143  C CA . VAL A 1 143 ? -27.023 52.658  -20.916 1.00 25.07  ? 1143 VAL A CA 1 
ATOM 144  C CA . HIS A 1 144 ? -30.537 53.539  -22.101 1.00 32.86  ? 1144 HIS A CA 1 
ATOM 145  C CA . GLY A 1 145 ? -29.246 56.435  -24.101 1.00 35.32  ? 1145 GLY A CA 1 
ATOM 146  C CA . PRO A 1 146 ? -30.543 57.120  -27.633 1.00 43.87  ? 1146 PRO A CA 1 
ATOM 147  C CA . THR A 1 147 ? -31.165 54.041  -29.749 1.00 46.18  ? 1147 THR A CA 1 
ATOM 148  C CA . THR A 1 148 ? -33.241 52.556  -32.552 1.00 42.46  ? 1148 THR A CA 1 
ATOM 149  C CA . VAL A 1 149 ? -34.828 49.177  -33.008 1.00 34.27  ? 1149 VAL A CA 1 
ATOM 150  C CA . GLU A 1 150 ? -31.685 48.541  -35.023 1.00 36.64  ? 1150 GLU A CA 1 
ATOM 151  C CA . SER A 1 151 ? -28.766 49.729  -32.881 1.00 29.02  ? 1151 SER A CA 1 
ATOM 152  C CA . HIS A 1 152 ? -30.368 48.622  -29.642 1.00 19.99  ? 1152 HIS A CA 1 
ATOM 153  C CA . GLY A 1 153 ? -28.893 45.152  -29.774 1.00 19.50  ? 1153 GLY A CA 1 
ATOM 154  C CA . ASN A 1 154 ? -25.637 45.861  -31.584 1.00 20.21  ? 1154 ASN A CA 1 
ATOM 155  C CA . TYR A 1 155 ? -22.916 45.675  -28.979 1.00 32.88  ? 1155 TYR A CA 1 
ATOM 156  C CA . SER A 1 156 ? -20.527 47.371  -31.378 1.00 47.21  ? 1156 SER A CA 1 
ATOM 157  C CA . THR A 1 157 ? -22.620 50.415  -32.185 1.00 36.40  ? 1157 THR A CA 1 
ATOM 158  C CA . GLN A 1 158 ? -23.370 50.813  -28.487 1.00 28.31  ? 1158 GLN A CA 1 
ATOM 159  C CA . VAL A 1 159 ? -19.762 50.613  -27.339 1.00 51.98  ? 1159 VAL A CA 1 
ATOM 160  C CA . GLY A 1 160 ? -18.987 53.085  -30.098 1.00 63.26  ? 1160 GLY A CA 1 
ATOM 161  C CA . ALA A 1 161 ? -21.743 55.319  -28.778 1.00 49.09  ? 1161 ALA A CA 1 
ATOM 162  C CA . THR A 1 162 ? -20.202 54.806  -25.309 1.00 42.61  ? 1162 THR A CA 1 
ATOM 163  C CA . GLN A 1 163 ? -23.538 53.446  -24.180 1.00 33.69  ? 1163 GLN A CA 1 
ATOM 164  C CA . ALA A 1 164 ? -22.295 49.986  -23.287 1.00 39.64  ? 1164 ALA A CA 1 
ATOM 165  C CA . GLY A 1 165 ? -19.427 48.069  -21.766 1.00 50.94  ? 1165 GLY A CA 1 
ATOM 166  C CA . ARG A 1 166 ? -18.291 44.600  -20.805 1.00 39.49  ? 1166 ARG A CA 1 
ATOM 167  C CA . PHE A 1 167 ? -15.850 44.147  -17.932 1.00 50.64  ? 1167 PHE A CA 1 
ATOM 168  C CA . SER A 1 168 ? -14.890 41.216  -15.707 1.00 48.36  ? 1168 SER A CA 1 
ATOM 169  C CA . ILE A 1 169 ? -15.062 40.645  -11.953 1.00 42.06  ? 1169 ILE A CA 1 
ATOM 170  C CA . THR A 1 170 ? -12.691 38.511  -9.952  1.00 28.17  ? 1170 THR A CA 1 
ATOM 171  C CA . PRO A 1 171 ? -12.224 37.541  -6.305  1.00 40.66  ? 1171 PRO A CA 1 
ATOM 172  C CA . ALA A 1 172 ? -8.946  39.417  -6.718  1.00 27.70  ? 1172 ALA A CA 1 
ATOM 173  C CA . ALA A 1 173 ? -10.684 42.699  -7.644  1.00 44.13  ? 1173 ALA A CA 1 
ATOM 174  C CA . PRO A 1 174 ? -14.481 42.254  -7.068  1.00 45.39  ? 1174 PRO A CA 1 
ATOM 175  C CA . SER A 1 175 ? -15.294 45.765  -8.234  1.00 32.70  ? 1175 SER A CA 1 
ATOM 176  C CA . TYR A 1 176 ? -14.899 48.133  -11.186 1.00 32.08  ? 1176 TYR A CA 1 
ATOM 177  C CA . THR A 1 177 ? -15.746 51.625  -12.302 1.00 28.82  ? 1177 THR A CA 1 
ATOM 178  C CA . LEU A 1 178 ? -16.996 51.523  -15.858 1.00 40.84  ? 1178 LEU A CA 1 
ATOM 179  C CA . LYS A 1 179 ? -16.771 54.943  -17.481 1.00 32.89  ? 1179 LYS A CA 1 
ATOM 180  C CA . LEU A 1 180 ? -19.437 55.896  -20.004 1.00 43.42  ? 1180 LEU A CA 1 
ATOM 181  C CA . GLY A 1 181 ? -18.281 59.182  -21.444 1.00 40.81  ? 1181 GLY A CA 1 
ATOM 182  C CA . GLU A 1 182 ? -20.440 62.214  -20.721 1.00 42.41  ? 1182 GLU A CA 1 
ATOM 183  C CA . TYR A 1 183 ? -22.790 59.848  -18.871 1.00 37.06  ? 1183 TYR A CA 1 
ATOM 184  C CA . GLY A 1 184 ? -20.223 59.785  -16.098 1.00 36.89  ? 1184 GLY A CA 1 
ATOM 185  C CA . GLU A 1 185 ? -19.662 56.261  -14.862 1.00 44.61  ? 1185 GLU A CA 1 
ATOM 186  C CA . VAL A 1 186 ? -21.088 53.326  -12.937 1.00 60.13  ? 1186 VAL A CA 1 
ATOM 187  C CA . THR A 1 187 ? -19.046 51.439  -10.365 1.00 34.31  ? 1187 THR A CA 1 
ATOM 188  C CA . VAL A 1 188 ? -20.137 47.966  -9.385  1.00 46.24  ? 1188 VAL A CA 1 
ATOM 189  C CA . ASP A 1 189 ? -18.766 46.083  -6.348  1.00 33.09  ? 1189 ASP A CA 1 
ATOM 190  C CA . CYS A 1 190 ? -20.111 42.658  -7.136  1.00 38.19  ? 1190 CYS A CA 1 
ATOM 191  C CA . GLU A 1 191 ? -19.232 40.206  -4.423  1.00 51.06  ? 1191 GLU A CA 1 
ATOM 192  C CA . PRO A 1 192 ? -18.073 36.906  -6.031  1.00 77.02  ? 1192 PRO A CA 1 
ATOM 193  C CA . ARG A 1 193 ? -19.894 35.209  -3.181  1.00 67.63  ? 1193 ARG A CA 1 
ATOM 194  C CA . SER A 1 194 ? -22.557 32.896  -4.566  1.00 87.83  ? 1194 SER A CA 1 
ATOM 195  C CA . GLY A 1 195 ? -21.619 35.644  -7.750  1.00 40.46  ? 1195 GLY A CA 1 
ATOM 196  C CA . ILE A 1 196 ? -21.623 32.182  -9.297  1.00 46.70  ? 1196 ILE A CA 1 
ATOM 197  C CA . ASP A 1 197 ? -21.331 28.466  -8.716  1.00 64.19  ? 1197 ASP A CA 1 
ATOM 198  C CA . THR A 1 198 ? -18.055 27.283  -7.241  1.00 67.26  ? 1198 THR A CA 1 
ATOM 199  C CA . ASN A 1 199 ? -15.747 25.144  -9.364  1.00 55.91  ? 1199 ASN A CA 1 
ATOM 200  C CA . ALA A 1 200 ? -16.955 22.420  -6.983  1.00 52.56  ? 1200 ALA A CA 1 
ATOM 201  C CA . TYR A 1 201 ? -19.109 21.025  -9.790  1.00 38.73  ? 1201 TYR A CA 1 
ATOM 202  C CA . TYR A 1 202 ? -17.508 18.615  -12.280 1.00 19.69  ? 1202 TYR A CA 1 
ATOM 203  C CA . VAL A 1 203 ? -17.609 18.849  -16.074 1.00 38.03  ? 1203 VAL A CA 1 
ATOM 204  C CA . MET A 1 204 ? -19.789 15.998  -17.346 1.00 35.54  ? 1204 MET A CA 1 
ATOM 205  C CA . THR A 1 205 ? -19.427 15.070  -21.028 1.00 36.52  ? 1205 THR A CA 1 
ATOM 206  C CA . VAL A 1 206 ? -21.830 12.604  -22.639 1.00 43.67  ? 1206 VAL A CA 1 
ATOM 207  C CA . GLY A 1 207 ? -21.548 11.925  -26.361 1.00 55.92  ? 1207 GLY A CA 1 
ATOM 208  C CA . THR A 1 208 ? -22.704 15.330  -27.573 1.00 60.22  ? 1208 THR A CA 1 
ATOM 209  C CA . LYS A 1 209 ? -24.705 16.790  -24.687 1.00 47.18  ? 1209 LYS A CA 1 
ATOM 210  C CA . THR A 1 210 ? -22.309 18.285  -22.139 1.00 25.45  ? 1210 THR A CA 1 
ATOM 211  C CA . PHE A 1 211 ? -23.527 18.882  -18.583 1.00 16.25  ? 1211 PHE A CA 1 
ATOM 212  C CA . LEU A 1 212 ? -22.350 20.178  -15.233 1.00 30.10  ? 1212 LEU A CA 1 
ATOM 213  C CA . VAL A 1 213 ? -22.622 17.543  -12.486 1.00 34.09  ? 1213 VAL A CA 1 
ATOM 214  C CA . HIS A 1 214 ? -21.880 17.391  -8.736  1.00 32.44  ? 1214 HIS A CA 1 
ATOM 215  C CA . ARG A 1 215 ? -18.365 16.109  -7.936  1.00 23.05  ? 1215 ARG A CA 1 
ATOM 216  C CA . GLU A 1 216 ? -19.855 13.200  -5.987  1.00 40.32  ? 1216 GLU A CA 1 
ATOM 217  C CA . TRP A 1 217 ? -22.909 12.101  -7.974  1.00 44.89  ? 1217 TRP A CA 1 
ATOM 218  C CA . PHE A 1 218 ? -20.261 11.721  -10.657 1.00 39.23  ? 1218 PHE A CA 1 
ATOM 219  C CA . MET A 1 219 ? -17.203 10.388  -8.816  1.00 31.24  ? 1219 MET A CA 1 
ATOM 220  C CA . ASP A 1 220 ? -19.423 8.238   -6.595  1.00 45.11  ? 1220 ASP A CA 1 
ATOM 221  C CA . LEU A 1 221 ? -21.277 6.414   -9.361  1.00 50.49  ? 1221 LEU A CA 1 
ATOM 222  C CA . ASN A 1 222 ? -21.201 2.784   -10.482 1.00 54.88  ? 1222 ASN A CA 1 
ATOM 223  C CA . LEU A 1 223 ? -19.575 2.270   -13.897 1.00 47.56  ? 1223 LEU A CA 1 
ATOM 224  C CA . PRO A 1 224 ? -16.189 1.229   -15.309 1.00 15.73  ? 1224 PRO A CA 1 
ATOM 225  C CA . TRP A 1 225 ? -13.721 4.108   -15.328 1.00 7.03   ? 1225 TRP A CA 1 
ATOM 226  C CA . SER A 1 226 ? -10.258 5.382   -16.212 1.00 19.80  ? 1226 SER A CA 1 
ATOM 227  C CA . SER A 1 227 ? -8.351  8.539   -15.276 1.00 44.78  ? 1227 SER A CA 1 
ATOM 228  C CA . ALA A 1 228 ? -5.869  9.626   -17.969 1.00 60.51  ? 1228 ALA A CA 1 
ATOM 229  C CA . GLY A 1 229 ? -4.679  6.168   -19.025 1.00 44.00  ? 1229 GLY A CA 1 
ATOM 230  C CA . SER A 1 230 ? -5.697  3.386   -21.416 1.00 46.83  ? 1230 SER A CA 1 
ATOM 231  C CA . THR A 1 231 ? -5.935  1.278   -18.270 1.00 32.03  ? 1231 THR A CA 1 
ATOM 232  C CA . VAL A 1 232 ? -9.446  0.669   -16.944 1.00 13.56  ? 1232 VAL A CA 1 
ATOM 233  C CA . TRP A 1 233 ? -10.499 -0.332  -13.408 1.00 26.28  ? 1233 TRP A CA 1 
ATOM 234  C CA . ARG A 1 234 ? -13.764 -1.635  -11.909 1.00 37.86  ? 1234 ARG A CA 1 
ATOM 235  C CA . ASN A 1 235 ? -14.681 -3.104  -15.294 1.00 28.35  ? 1235 ASN A CA 1 
ATOM 236  C CA . ARG A 1 236 ? -16.775 -5.455  -13.192 1.00 49.03  ? 1236 ARG A CA 1 
ATOM 237  C CA . GLU A 1 237 ? -19.687 -3.978  -15.107 1.00 45.02  ? 1237 GLU A CA 1 
ATOM 238  C CA . THR A 1 238 ? -18.872 -6.715  -17.596 1.00 41.44  ? 1238 THR A CA 1 
ATOM 239  C CA . LEU A 1 239 ? -21.460 -8.474  -15.426 1.00 45.11  ? 1239 LEU A CA 1 
ATOM 240  C CA . MET A 1 240 ? -24.128 -11.156 -15.692 1.00 45.05  ? 1240 MET A CA 1 
ATOM 241  C CA . GLU A 1 241 ? -21.548 -13.764 -16.635 1.00 35.33  ? 1241 GLU A CA 1 
ATOM 242  C CA . PHE A 1 242 ? -21.889 -16.276 -13.831 1.00 45.54  ? 1242 PHE A CA 1 
ATOM 243  C CA . GLU A 1 243 ? -24.545 -18.503 -15.335 1.00 43.93  ? 1243 GLU A CA 1 
ATOM 244  C CA . GLU A 1 244 ? -22.615 -20.733 -12.878 1.00 65.11  ? 1244 GLU A CA 1 
ATOM 245  C CA . PRO A 1 245 ? -21.594 -22.881 -15.908 1.00 46.59  ? 1245 PRO A CA 1 
ATOM 246  C CA . HIS A 1 246 ? -19.724 -25.999 -16.930 1.00 48.39  ? 1246 HIS A CA 1 
ATOM 247  C CA . ALA A 1 247 ? -15.959 -26.178 -17.574 1.00 55.77  ? 1247 ALA A CA 1 
ATOM 248  C CA . THR A 1 248 ? -16.732 -25.897 -21.296 1.00 60.40  ? 1248 THR A CA 1 
ATOM 249  C CA . LYS A 1 249 ? -18.251 -22.417 -21.565 1.00 47.64  ? 1249 LYS A CA 1 
ATOM 250  C CA . GLN A 1 250 ? -19.247 -19.697 -19.133 1.00 41.61  ? 1250 GLN A CA 1 
ATOM 251  C CA . SER A 1 251 ? -21.697 -17.419 -20.906 1.00 47.81  ? 1251 SER A CA 1 
ATOM 252  C CA . VAL A 1 252 ? -20.219 -13.943 -20.769 1.00 42.28  ? 1252 VAL A CA 1 
ATOM 253  C CA . ILE A 1 253 ? -23.237 -11.842 -21.709 1.00 50.03  ? 1253 ILE A CA 1 
ATOM 254  C CA . ALA A 1 254 ? -22.297 -8.236  -22.426 1.00 47.76  ? 1254 ALA A CA 1 
ATOM 255  C CA . LEU A 1 255 ? -24.281 -6.220  -19.900 1.00 42.84  ? 1255 LEU A CA 1 
ATOM 256  C CA . ALA A 1 261 ? -28.975 5.328   -15.887 1.00 30.86  ? 1261 ALA A CA 1 
ATOM 257  C CA . LEU A 1 262 ? -27.412 8.544   -17.144 1.00 25.48  ? 1262 LEU A CA 1 
ATOM 258  C CA . HIS A 1 263 ? -30.342 10.306  -18.771 1.00 36.12  ? 1263 HIS A CA 1 
ATOM 259  C CA . GLN A 1 264 ? -32.483 9.736   -15.671 1.00 48.21  ? 1264 GLN A CA 1 
ATOM 260  C CA . ALA A 1 265 ? -30.153 12.018  -13.706 1.00 26.68  ? 1265 ALA A CA 1 
ATOM 261  C CA . LEU A 1 266 ? -30.446 14.718  -16.371 1.00 34.58  ? 1266 LEU A CA 1 
ATOM 262  C CA . ALA A 1 267 ? -32.306 17.632  -14.766 1.00 41.11  ? 1267 ALA A CA 1 
ATOM 263  C CA . GLY A 1 268 ? -30.121 17.450  -11.669 1.00 46.92  ? 1268 GLY A CA 1 
ATOM 264  C CA . ALA A 1 269 ? -27.007 18.613  -13.490 1.00 41.04  ? 1269 ALA A CA 1 
ATOM 265  C CA . ILE A 1 270 ? -27.204 21.829  -15.489 1.00 47.22  ? 1270 ILE A CA 1 
ATOM 266  C CA . PRO A 1 271 ? -26.609 21.536  -19.265 1.00 46.07  ? 1271 PRO A CA 1 
ATOM 267  C CA . VAL A 1 272 ? -23.813 23.501  -20.956 1.00 45.09  ? 1272 VAL A CA 1 
ATOM 268  C CA . GLU A 1 273 ? -22.446 23.972  -24.458 1.00 56.33  ? 1273 GLU A CA 1 
ATOM 269  C CA . PHE A 1 274 ? -18.913 22.638  -24.688 1.00 40.15  ? 1274 PHE A CA 1 
ATOM 270  C CA . SER A 1 275 ? -16.499 22.637  -27.631 1.00 47.24  ? 1275 SER A CA 1 
ATOM 271  C CA . SER A 1 276 ? -13.506 20.269  -27.560 1.00 56.25  ? 1276 SER A CA 1 
ATOM 272  C CA . ASN A 1 277 ? -11.528 22.766  -25.414 1.00 48.12  ? 1277 ASN A CA 1 
ATOM 273  C CA . THR A 1 278 ? -14.089 25.287  -24.203 1.00 38.99  ? 1278 THR A CA 1 
ATOM 274  C CA . VAL A 1 279 ? -16.859 25.669  -21.656 1.00 42.77  ? 1279 VAL A CA 1 
ATOM 275  C CA . LYS A 1 280 ? -19.014 28.754  -22.032 1.00 30.99  ? 1280 LYS A CA 1 
ATOM 276  C CA . LEU A 1 281 ? -20.229 29.662  -18.567 1.00 37.81  ? 1281 LEU A CA 1 
ATOM 277  C CA . THR A 1 282 ? -23.626 31.339  -18.690 1.00 44.56  ? 1282 THR A CA 1 
ATOM 278  C CA . SER A 1 283 ? -24.152 32.556  -15.108 1.00 40.80  ? 1283 SER A CA 1 
ATOM 279  C CA . GLY A 1 284 ? -21.680 35.169  -13.864 1.00 37.06  ? 1284 GLY A CA 1 
ATOM 280  C CA . HIS A 1 285 ? -20.906 38.856  -13.304 1.00 50.16  ? 1285 HIS A CA 1 
ATOM 281  C CA . LEU A 1 286 ? -23.549 37.321  -7.815  1.00 80.76  ? 1286 LEU A CA 1 
ATOM 282  C CA . LYS A 1 287 ? -24.565 39.910  -5.252  1.00 45.44  ? 1287 LYS A CA 1 
ATOM 283  C CA . CYS A 1 288 ? -23.671 43.374  -6.437  1.00 46.65  ? 1288 CYS A CA 1 
ATOM 284  C CA . ARG A 1 289 ? -24.048 46.963  -5.311  1.00 54.10  ? 1289 ARG A CA 1 
ATOM 285  C CA . VAL A 1 290 ? -24.499 49.248  -8.302  1.00 72.00  ? 1290 VAL A CA 1 
ATOM 286  C CA . LYS A 1 291 ? -23.161 52.487  -6.859  1.00 66.56  ? 1291 LYS A CA 1 
ATOM 287  C CA . MET A 1 292 ? -23.938 55.222  -9.344  1.00 68.28  ? 1292 MET A CA 1 
ATOM 288  C CA . GLU A 1 293 ? -23.717 58.682  -7.881  1.00 69.16  ? 1293 GLU A CA 1 
ATOM 289  C CA . LYS A 1 294 ? -21.298 59.115  -10.771 1.00 53.90  ? 1294 LYS A CA 1 
ATOM 290  C CA . LEU A 1 295 ? -23.915 58.145  -13.362 1.00 48.23  ? 1295 LEU A CA 1 
ATOM 291  C CA . GLN A 1 296 ? -25.180 61.298  -15.053 1.00 41.13  ? 1296 GLN A CA 1 
ATOM 292  C CA . LEU A 1 297 ? -27.640 62.556  -17.662 1.00 48.35  ? 1297 LEU A CA 1 
ATOM 293  C CA . LYS A 1 298 ? -26.654 64.092  -20.959 1.00 43.20  ? 1298 LYS A CA 1 
ATOM 294  C CA . GLY A 1 299 ? -28.262 66.396  -23.520 1.00 38.17  ? 1299 GLY A CA 1 
ATOM 295  C CA . THR A 1 300 ? -30.188 68.156  -20.755 1.00 45.92  ? 1300 THR A CA 1 
ATOM 296  C CA . THR A 1 301 ? -29.403 71.648  -22.037 1.00 56.08  ? 1301 THR A CA 1 
ATOM 297  C CA . TYR A 1 302 ? -31.206 71.036  -25.334 1.00 43.05  ? 1302 TYR A CA 1 
ATOM 298  C CA . GLY A 1 303 ? -34.631 72.299  -26.315 1.00 46.73  ? 1303 GLY A CA 1 
ATOM 299  C CA . VAL A 1 304 ? -37.749 70.219  -26.912 1.00 34.91  ? 1304 VAL A CA 1 
ATOM 300  C CA . CYS A 1 305 ? -38.275 68.657  -30.338 1.00 32.85  ? 1305 CYS A CA 1 
ATOM 301  C CA . SER A 1 306 ? -40.782 70.796  -32.196 1.00 47.07  ? 1306 SER A CA 1 
ATOM 302  C CA . LYS A 1 307 ? -41.721 69.138  -35.474 1.00 46.88  ? 1307 LYS A CA 1 
ATOM 303  C CA . ALA A 1 308 ? -43.962 66.215  -36.361 1.00 47.64  ? 1308 ALA A CA 1 
ATOM 304  C CA . PHE A 1 309 ? -43.439 62.720  -34.957 1.00 26.90  ? 1309 PHE A CA 1 
ATOM 305  C CA . LYS A 1 310 ? -44.739 59.578  -36.632 1.00 49.77  ? 1310 LYS A CA 1 
ATOM 306  C CA . PHE A 1 311 ? -45.113 56.053  -35.238 1.00 62.79  ? 1311 PHE A CA 1 
ATOM 307  C CA . LEU A 1 312 ? -43.358 53.322  -37.236 1.00 90.24  ? 1312 LEU A CA 1 
ATOM 308  C CA . GLY A 1 313 ? -45.676 50.553  -36.085 1.00 98.63  ? 1313 GLY A CA 1 
ATOM 309  C CA . THR A 1 314 ? -47.905 49.139  -33.382 1.00 92.37  ? 1314 THR A CA 1 
ATOM 310  C CA . PRO A 1 315 ? -46.069 49.238  -30.061 1.00 74.00  ? 1315 PRO A CA 1 
ATOM 311  C CA . ALA A 1 316 ? -45.115 45.758  -28.824 1.00 98.34  ? 1316 ALA A CA 1 
ATOM 312  C CA . ASP A 1 317 ? -45.574 43.987  -25.475 1.00 100.00 ? 1317 ASP A CA 1 
ATOM 313  C CA . THR A 1 318 ? -42.279 43.052  -23.806 1.00 99.77  ? 1318 THR A CA 1 
ATOM 314  C CA . GLY A 1 319 ? -44.152 40.654  -21.587 1.00 100.00 ? 1319 GLY A CA 1 
ATOM 315  C CA . HIS A 1 320 ? -42.949 42.760  -18.673 1.00 79.04  ? 1320 HIS A CA 1 
ATOM 316  C CA . GLY A 1 321 ? -45.716 45.303  -18.335 1.00 53.86  ? 1321 GLY A CA 1 
ATOM 317  C CA . THR A 1 322 ? -43.894 47.655  -20.663 1.00 38.59  ? 1322 THR A CA 1 
ATOM 318  C CA . VAL A 1 323 ? -44.099 48.180  -24.367 1.00 78.69  ? 1323 VAL A CA 1 
ATOM 319  C CA . VAL A 1 324 ? -41.599 49.102  -27.043 1.00 94.19  ? 1324 VAL A CA 1 
ATOM 320  C CA . LEU A 1 325 ? -41.959 51.219  -30.142 1.00 66.91  ? 1325 LEU A CA 1 
ATOM 321  C CA . GLU A 1 326 ? -39.944 53.206  -32.628 1.00 50.98  ? 1326 GLU A CA 1 
ATOM 322  C CA . LEU A 1 327 ? -40.511 56.791  -33.699 1.00 38.94  ? 1327 LEU A CA 1 
ATOM 323  C CA . GLN A 1 328 ? -39.358 58.717  -36.767 1.00 50.11  ? 1328 GLN A CA 1 
ATOM 324  C CA . TYR A 1 329 ? -38.740 62.453  -36.641 1.00 38.00  ? 1329 TYR A CA 1 
ATOM 325  C CA . THR A 1 330 ? -39.908 64.659  -39.507 1.00 56.17  ? 1330 THR A CA 1 
ATOM 326  C CA . GLY A 1 331 ? -37.885 67.313  -37.700 1.00 53.25  ? 1331 GLY A CA 1 
ATOM 327  C CA . THR A 1 332 ? -34.988 68.918  -39.526 1.00 70.54  ? 1332 THR A CA 1 
ATOM 328  C CA . ASP A 1 333 ? -33.558 70.433  -36.350 1.00 64.28  ? 1333 ASP A CA 1 
ATOM 329  C CA . GLY A 1 334 ? -30.779 68.702  -34.455 1.00 55.01  ? 1334 GLY A CA 1 
ATOM 330  C CA . PRO A 1 335 ? -30.566 66.899  -31.066 1.00 40.77  ? 1335 PRO A CA 1 
ATOM 331  C CA . CYS A 1 336 ? -33.735 67.893  -29.213 1.00 24.37  ? 1336 CYS A CA 1 
ATOM 332  C CA . LYS A 1 337 ? -35.708 66.149  -26.451 1.00 26.30  ? 1337 LYS A CA 1 
ATOM 333  C CA . VAL A 1 338 ? -38.524 63.822  -27.603 1.00 40.58  ? 1338 VAL A CA 1 
ATOM 334  C CA . PRO A 1 339 ? -41.886 64.943  -26.165 1.00 38.45  ? 1339 PRO A CA 1 
ATOM 335  C CA . ILE A 1 340 ? -43.360 61.542  -25.381 1.00 51.05  ? 1340 ILE A CA 1 
ATOM 336  C CA . SER A 1 341 ? -45.499 60.583  -22.447 1.00 52.93  ? 1341 SER A CA 1 
ATOM 337  C CA . SER A 1 342 ? -48.345 58.300  -21.494 1.00 48.26  ? 1342 SER A CA 1 
ATOM 338  C CA . VAL A 1 343 ? -51.685 59.989  -20.953 1.00 20.64  ? 1343 VAL A CA 1 
ATOM 339  C CA . ALA A 1 344 ? -54.760 58.432  -19.333 1.00 14.07  ? 1344 ALA A CA 1 
ATOM 340  C CA . SER A 1 345 ? -57.129 60.227  -21.739 1.00 16.61  ? 1345 SER A CA 1 
ATOM 341  C CA . LEU A 1 346 ? -56.561 62.514  -24.678 1.00 38.69  ? 1346 LEU A CA 1 
ATOM 342  C CA . ASN A 1 347 ? -55.450 66.010  -23.719 1.00 61.03  ? 1347 ASN A CA 1 
ATOM 343  C CA . ASP A 1 348 ? -54.949 65.374  -19.977 1.00 53.48  ? 1348 ASP A CA 1 
ATOM 344  C CA . LEU A 1 349 ? -52.369 67.625  -18.375 1.00 58.87  ? 1349 LEU A CA 1 
ATOM 345  C CA . THR A 1 350 ? -50.512 65.226  -16.103 1.00 42.05  ? 1350 THR A CA 1 
ATOM 346  C CA . PRO A 1 351 ? -48.685 62.070  -17.382 1.00 28.24  ? 1351 PRO A CA 1 
ATOM 347  C CA . VAL A 1 352 ? -49.247 58.597  -15.942 1.00 41.25  ? 1352 VAL A CA 1 
ATOM 348  C CA . GLY A 1 353 ? -46.894 56.341  -17.806 1.00 60.76  ? 1353 GLY A CA 1 
ATOM 349  C CA . ARG A 1 354 ? -43.302 56.172  -16.581 1.00 46.14  ? 1354 ARG A CA 1 
ATOM 350  C CA . LEU A 1 355 ? -40.696 55.928  -19.326 1.00 36.28  ? 1355 LEU A CA 1 
ATOM 351  C CA . VAL A 1 356 ? -38.088 53.202  -19.114 1.00 37.65  ? 1356 VAL A CA 1 
ATOM 352  C CA . THR A 1 357 ? -36.107 55.116  -21.753 1.00 35.50  ? 1357 THR A CA 1 
ATOM 353  C CA . VAL A 1 358 ? -35.930 58.213  -19.576 1.00 42.13  ? 1358 VAL A CA 1 
ATOM 354  C CA . ASN A 1 359 ? -35.037 61.595  -21.069 1.00 45.92  ? 1359 ASN A CA 1 
ATOM 355  C CA . PRO A 1 360 ? -35.307 60.407  -24.694 1.00 42.30  ? 1360 PRO A CA 1 
ATOM 356  C CA . PHE A 1 361 ? -34.027 62.516  -27.560 1.00 37.08  ? 1361 PHE A CA 1 
ATOM 357  C CA . VAL A 1 362 ? -33.201 62.593  -31.257 1.00 42.37  ? 1362 VAL A CA 1 
ATOM 358  C CA . SER A 1 363 ? -29.517 61.783  -31.346 1.00 54.77  ? 1363 SER A CA 1 
ATOM 359  C CA . VAL A 1 364 ? -28.722 63.384  -34.716 1.00 69.94  ? 1364 VAL A CA 1 
ATOM 360  C CA . ALA A 1 365 ? -29.583 66.640  -36.511 1.00 70.67  ? 1365 ALA A CA 1 
ATOM 361  C CA . THR A 1 366 ? -30.136 64.610  -39.682 1.00 81.79  ? 1366 THR A CA 1 
ATOM 362  C CA . ALA A 1 367 ? -33.910 64.806  -40.170 1.00 61.05  ? 1367 ALA A CA 1 
ATOM 363  C CA . ASN A 1 368 ? -36.051 61.622  -40.122 1.00 61.22  ? 1368 ASN A CA 1 
ATOM 364  C CA . ALA A 1 369 ? -34.007 59.882  -37.413 1.00 63.53  ? 1369 ALA A CA 1 
ATOM 365  C CA . LYS A 1 370 ? -35.425 56.898  -35.562 1.00 60.73  ? 1370 LYS A CA 1 
ATOM 366  C CA . VAL A 1 371 ? -35.969 56.665  -31.827 1.00 40.58  ? 1371 VAL A CA 1 
ATOM 367  C CA . LEU A 1 372 ? -36.566 53.501  -29.842 1.00 32.65  ? 1372 LEU A CA 1 
ATOM 368  C CA . ILE A 1 373 ? -38.684 53.752  -26.724 1.00 32.92  ? 1373 ILE A CA 1 
ATOM 369  C CA . GLU A 1 374 ? -39.681 51.418  -23.962 1.00 43.08  ? 1374 GLU A CA 1 
ATOM 370  C CA . LEU A 1 375 ? -42.248 52.591  -21.472 1.00 32.59  ? 1375 LEU A CA 1 
ATOM 371  C CA . GLU A 1 376 ? -44.606 51.089  -18.920 1.00 29.86  ? 1376 GLU A CA 1 
ATOM 372  C CA . PRO A 1 377 ? -48.136 52.231  -19.502 1.00 42.71  ? 1377 PRO A CA 1 
ATOM 373  C CA . PRO A 1 378 ? -50.813 52.251  -16.786 1.00 36.12  ? 1378 PRO A CA 1 
ATOM 374  C CA . PHE A 1 379 ? -53.142 49.275  -16.501 1.00 48.83  ? 1379 PHE A CA 1 
ATOM 375  C CA . GLY A 1 380 ? -56.294 49.324  -18.580 1.00 47.49  ? 1380 GLY A CA 1 
ATOM 376  C CA . ASP A 1 381 ? -56.570 51.685  -21.521 1.00 40.13  ? 1381 ASP A CA 1 
ATOM 377  C CA . SER A 1 382 ? -54.234 54.644  -21.939 1.00 29.73  ? 1382 SER A CA 1 
ATOM 378  C CA . TYR A 1 383 ? -52.696 56.776  -24.658 1.00 34.96  ? 1383 TYR A CA 1 
ATOM 379  C CA . ILE A 1 384 ? -49.098 57.145  -25.761 1.00 40.98  ? 1384 ILE A CA 1 
ATOM 380  C CA . VAL A 1 385 ? -48.492 60.609  -27.156 1.00 44.02  ? 1385 VAL A CA 1 
ATOM 381  C CA . VAL A 1 386 ? -45.685 62.455  -28.869 1.00 37.90  ? 1386 VAL A CA 1 
ATOM 382  C CA . GLY A 1 387 ? -45.455 66.208  -29.447 1.00 36.39  ? 1387 GLY A CA 1 
ATOM 383  C CA . ARG A 1 388 ? -48.307 68.503  -28.416 1.00 40.59  ? 1388 ARG A CA 1 
ATOM 384  C CA . GLY A 1 389 ? -51.250 70.429  -29.776 1.00 63.10  ? 1389 GLY A CA 1 
ATOM 385  C CA . GLU A 1 390 ? -51.765 69.987  -33.472 1.00 95.16  ? 1390 GLU A CA 1 
ATOM 386  C CA . GLN A 1 391 ? -48.359 68.435  -34.036 1.00 73.53  ? 1391 GLN A CA 1 
ATOM 387  C CA . GLN A 1 392 ? -49.086 65.777  -31.432 1.00 63.13  ? 1392 GLN A CA 1 
ATOM 388  C CA . ILE A 1 393 ? -49.912 62.234  -32.486 1.00 71.37  ? 1393 ILE A CA 1 
ATOM 389  C CA . ASN A 1 394 ? -51.158 59.408  -30.318 1.00 65.09  ? 1394 ASN A CA 1 
ATOM 390  C CA . HIS A 1 395 ? -51.771 55.727  -30.145 1.00 66.76  ? 1395 HIS A CA 1 
ATOM 391  C CA . HIS A 1 396 ? -54.003 53.960  -27.642 1.00 62.80  ? 1396 HIS A CA 1 
ATOM 392  C CA . TRP A 1 397 ? -53.072 50.995  -25.464 1.00 60.68  ? 1397 TRP A CA 1 
ATOM 393  C CA . HIS A 1 398 ? -54.664 48.716  -22.893 1.00 60.65  ? 1398 HIS A CA 1 
ATOM 394  C CA . LYS A 1 399 ? -52.618 46.896  -20.239 1.00 73.76  ? 1399 LYS A CA 1 
ATOM 395  C CA . SER A 1 400 ? -54.024 43.953  -18.233 1.00 92.69  ? 1400 SER A CA 1 
ATOM 396  C CA . PHE B 1 1   ? 7.713   -54.974 13.330  1.00 31.28  ? 1001 PHE B CA 1 
ATOM 397  C CA . ASN B 1 2   ? 8.307   -56.580 16.721  1.00 39.43  ? 1002 ASN B CA 1 
ATOM 398  C CA . CYS B 1 3   ? 8.545   -55.017 20.175  1.00 36.63  ? 1003 CYS B CA 1 
ATOM 399  C CA . LEU B 1 4   ? 12.067  -55.594 21.496  1.00 37.32  ? 1004 LEU B CA 1 
ATOM 400  C CA . GLY B 1 5   ? 14.065  -52.391 21.852  1.00 40.50  ? 1005 GLY B CA 1 
ATOM 401  C CA . MET B 1 6   ? 11.156  -49.989 21.468  1.00 51.13  ? 1006 MET B CA 1 
ATOM 402  C CA . SER B 1 7   ? 10.406  -47.483 24.225  1.00 67.34  ? 1007 SER B CA 1 
ATOM 403  C CA . ASN B 1 8   ? 6.639   -47.538 23.591  1.00 61.11  ? 1008 ASN B CA 1 
ATOM 404  C CA . ARG B 1 9   ? 6.078   -51.131 24.580  1.00 43.84  ? 1009 ARG B CA 1 
ATOM 405  C CA . ASP B 1 10  ? 3.271   -52.648 26.697  1.00 59.03  ? 1010 ASP B CA 1 
ATOM 406  C CA . PHE B 1 11  ? 3.080   -56.235 27.956  1.00 50.60  ? 1011 PHE B CA 1 
ATOM 407  C CA . LEU B 1 12  ? -0.250  -57.982 28.129  1.00 51.75  ? 1012 LEU B CA 1 
ATOM 408  C CA . GLU B 1 13  ? -1.856  -61.082 29.513  1.00 60.25  ? 1013 GLU B CA 1 
ATOM 409  C CA . GLY B 1 14  ? -5.328  -60.835 28.058  1.00 69.02  ? 1014 GLY B CA 1 
ATOM 410  C CA . VAL B 1 15  ? -7.530  -62.456 30.661  1.00 73.18  ? 1015 VAL B CA 1 
ATOM 411  C CA . SER B 1 16  ? -7.673  -65.668 32.658  1.00 77.24  ? 1016 SER B CA 1 
ATOM 412  C CA . GLY B 1 17  ? -8.324  -68.615 30.359  1.00 83.72  ? 1017 GLY B CA 1 
ATOM 413  C CA . ALA B 1 18  ? -8.785  -66.144 27.513  1.00 72.71  ? 1018 ALA B CA 1 
ATOM 414  C CA . THR B 1 19  ? -8.102  -67.189 23.922  1.00 68.88  ? 1019 THR B CA 1 
ATOM 415  C CA . TRP B 1 20  ? -8.513  -63.576 22.895  1.00 58.49  ? 1020 TRP B CA 1 
ATOM 416  C CA . VAL B 1 21  ? -7.555  -60.120 24.185  1.00 60.14  ? 1021 VAL B CA 1 
ATOM 417  C CA . ASP B 1 22  ? -8.815  -56.619 23.572  1.00 46.60  ? 1022 ASP B CA 1 
ATOM 418  C CA . LEU B 1 23  ? -6.115  -54.116 22.780  1.00 45.98  ? 1023 LEU B CA 1 
ATOM 419  C CA . VAL B 1 24  ? -5.169  -50.593 21.701  1.00 41.02  ? 1024 VAL B CA 1 
ATOM 420  C CA . LEU B 1 25  ? -2.429  -49.762 19.180  1.00 70.60  ? 1025 LEU B CA 1 
ATOM 421  C CA . GLU B 1 26  ? -1.027  -46.334 18.269  1.00 77.99  ? 1026 GLU B CA 1 
ATOM 422  C CA . GLY B 1 27  ? 1.569   -44.741 16.002  1.00 100.00 ? 1027 GLY B CA 1 
ATOM 423  C CA . ASP B 1 28  ? 5.088   -45.566 17.179  1.00 75.12  ? 1028 ASP B CA 1 
ATOM 424  C CA . SER B 1 29  ? 3.967   -48.096 19.800  1.00 50.97  ? 1029 SER B CA 1 
ATOM 425  C CA . CYS B 1 30  ? 4.129   -51.895 20.142  1.00 41.96  ? 1030 CYS B CA 1 
ATOM 426  C CA . VAL B 1 31  ? 2.515   -54.540 22.341  1.00 46.21  ? 1031 VAL B CA 1 
ATOM 427  C CA . THR B 1 32  ? 3.718   -57.937 23.562  1.00 30.53  ? 1032 THR B CA 1 
ATOM 428  C CA . ILE B 1 33  ? 0.969   -60.404 24.463  1.00 41.56  ? 1033 ILE B CA 1 
ATOM 429  C CA . MET B 1 34  ? 1.312   -63.510 26.611  1.00 48.22  ? 1034 MET B CA 1 
ATOM 430  C CA . SER B 1 35  ? -1.081  -66.397 26.996  1.00 53.35  ? 1035 SER B CA 1 
ATOM 431  C CA . LYS B 1 36  ? -0.788  -69.645 28.915  1.00 66.83  ? 1036 LYS B CA 1 
ATOM 432  C CA . ASP B 1 37  ? 0.527   -72.542 26.847  1.00 65.28  ? 1037 ASP B CA 1 
ATOM 433  C CA . LYS B 1 38  ? 0.794   -70.397 23.733  1.00 46.67  ? 1038 LYS B CA 1 
ATOM 434  C CA . PRO B 1 39  ? 3.510   -68.485 21.906  1.00 44.72  ? 1039 PRO B CA 1 
ATOM 435  C CA . THR B 1 40  ? 4.089   -64.847 22.771  1.00 37.43  ? 1040 THR B CA 1 
ATOM 436  C CA . ILE B 1 41  ? 3.393   -62.337 20.002  1.00 30.79  ? 1041 ILE B CA 1 
ATOM 437  C CA . ASP B 1 42  ? 3.798   -58.663 19.309  1.00 36.55  ? 1042 ASP B CA 1 
ATOM 438  C CA . VAL B 1 43  ? 1.059   -56.634 17.676  1.00 62.57  ? 1043 VAL B CA 1 
ATOM 439  C CA . LYS B 1 44  ? 2.302   -53.326 16.317  1.00 56.45  ? 1044 LYS B CA 1 
ATOM 440  C CA . MET B 1 45  ? 0.885   -50.580 14.161  1.00 99.23  ? 1045 MET B CA 1 
ATOM 441  C CA . MET B 1 46  ? 3.320   -49.711 11.462  1.00 94.11  ? 1046 MET B CA 1 
ATOM 442  C CA . ASN B 1 47  ? 1.756   -47.048 9.260   1.00 82.82  ? 1047 ASN B CA 1 
ATOM 443  C CA . MET B 1 48  ? 6.034   -46.587 7.292   1.00 29.26  ? 1048 MET B CA 1 
ATOM 444  C CA . GLU B 1 49  ? 6.602   -44.008 4.523   1.00 29.16  ? 1049 GLU B CA 1 
ATOM 445  C CA . ALA B 1 50  ? 4.855   -41.585 2.184   1.00 51.71  ? 1050 ALA B CA 1 
ATOM 446  C CA . ALA B 1 51  ? 6.521   -42.137 -1.185  1.00 40.11  ? 1051 ALA B CA 1 
ATOM 447  C CA . ASN B 1 52  ? 6.154   -40.441 -4.571  1.00 40.46  ? 1052 ASN B CA 1 
ATOM 448  C CA . LEU B 1 53  ? 5.082   -37.074 -3.149  1.00 43.03  ? 1053 LEU B CA 1 
ATOM 449  C CA . ALA B 1 54  ? 4.149   -33.852 -4.913  1.00 42.55  ? 1054 ALA B CA 1 
ATOM 450  C CA . GLU B 1 55  ? 4.591   -30.167 -4.095  1.00 37.89  ? 1055 GLU B CA 1 
ATOM 451  C CA . VAL B 1 56  ? 1.591   -27.886 -3.537  1.00 38.21  ? 1056 VAL B CA 1 
ATOM 452  C CA . ARG B 1 57  ? 2.759   -24.417 -2.456  1.00 36.41  ? 1057 ARG B CA 1 
ATOM 453  C CA . SER B 1 58  ? 5.974   -22.508 -1.701  1.00 35.33  ? 1058 SER B CA 1 
ATOM 454  C CA . TYR B 1 59  ? 6.253   -19.543 0.656   1.00 41.00  ? 1059 TYR B CA 1 
ATOM 455  C CA . CYS B 1 60  ? 9.472   -17.539 0.485   1.00 48.59  ? 1060 CYS B CA 1 
ATOM 456  C CA . TYR B 1 61  ? 11.705  -15.515 2.749   1.00 56.16  ? 1061 TYR B CA 1 
ATOM 457  C CA . LEU B 1 62  ? 13.512  -13.122 0.461   1.00 46.78  ? 1062 LEU B CA 1 
ATOM 458  C CA . ALA B 1 63  ? 16.415  -11.234 -1.081  1.00 52.38  ? 1063 ALA B CA 1 
ATOM 459  C CA . THR B 1 64  ? 16.187  -9.289  -4.392  1.00 56.19  ? 1064 THR B CA 1 
ATOM 460  C CA . VAL B 1 65  ? 14.887  -5.869  -3.339  1.00 48.44  ? 1065 VAL B CA 1 
ATOM 461  C CA . SER B 1 66  ? 17.816  -4.178  -5.056  1.00 72.78  ? 1066 SER B CA 1 
ATOM 462  C CA . ASP B 1 67  ? 16.781  -2.575  -8.359  1.00 74.09  ? 1067 ASP B CA 1 
ATOM 463  C CA . LEU B 1 68  ? 14.611  0.541   -8.220  1.00 53.68  ? 1068 LEU B CA 1 
ATOM 464  C CA . SER B 1 69  ? 12.393  2.713   -10.440 1.00 46.63  ? 1069 SER B CA 1 
ATOM 465  C CA . THR B 1 70  ? 10.373  5.917   -10.057 1.00 49.10  ? 1070 THR B CA 1 
ATOM 466  C CA . LYS B 1 71  ? 8.229   6.983   -13.042 1.00 49.17  ? 1071 LYS B CA 1 
ATOM 467  C CA . ALA B 1 72  ? 7.385   10.609  -12.289 1.00 57.31  ? 1072 ALA B CA 1 
ATOM 468  C CA . ALA B 1 73  ? 4.296   12.528  -13.379 1.00 57.32  ? 1073 ALA B CA 1 
ATOM 469  C CA . CYS B 1 74  ? 3.692   16.238  -12.817 1.00 58.69  ? 1074 CYS B CA 1 
ATOM 470  C CA . PRO B 1 75  ? 0.446   17.551  -11.273 1.00 54.09  ? 1075 PRO B CA 1 
ATOM 471  C CA . THR B 1 76  ? -2.570  17.445  -13.595 1.00 68.78  ? 1076 THR B CA 1 
ATOM 472  C CA . MET B 1 77  ? -0.416  15.417  -16.024 1.00 76.18  ? 1077 MET B CA 1 
ATOM 473  C CA . GLY B 1 78  ? -2.304  12.330  -14.877 1.00 85.62  ? 1078 GLY B CA 1 
ATOM 474  C CA . GLU B 1 79  ? -0.916  9.031   -13.637 1.00 60.16  ? 1079 GLU B CA 1 
ATOM 475  C CA . ALA B 1 80  ? 2.569   7.587   -14.067 1.00 37.26  ? 1080 ALA B CA 1 
ATOM 476  C CA . HIS B 1 81  ? 3.259   4.385   -15.990 1.00 40.41  ? 1081 HIS B CA 1 
ATOM 477  C CA . ASN B 1 82  ? 6.567   2.668   -15.305 1.00 37.57  ? 1082 ASN B CA 1 
ATOM 478  C CA . ASP B 1 83  ? 7.908   0.590   -18.173 1.00 59.21  ? 1083 ASP B CA 1 
ATOM 479  C CA . LYS B 1 84  ? 8.832   -1.949  -15.499 1.00 41.06  ? 1084 LYS B CA 1 
ATOM 480  C CA . ARG B 1 85  ? 5.142   -2.825  -15.557 1.00 33.58  ? 1085 ARG B CA 1 
ATOM 481  C CA . ALA B 1 86  ? 5.248   -4.938  -18.734 1.00 56.17  ? 1086 ALA B CA 1 
ATOM 482  C CA . ASP B 1 87  ? 6.946   -7.930  -17.102 1.00 49.00  ? 1087 ASP B CA 1 
ATOM 483  C CA . PRO B 1 88  ? 6.901   -9.237  -13.493 1.00 31.74  ? 1088 PRO B CA 1 
ATOM 484  C CA . ALA B 1 89  ? 10.542  -8.144  -13.630 1.00 40.68  ? 1089 ALA B CA 1 
ATOM 485  C CA . PHE B 1 90  ? 9.489   -5.784  -10.847 1.00 39.40  ? 1090 PHE B CA 1 
ATOM 486  C CA . VAL B 1 91  ? 6.577   -5.037  -8.502  1.00 45.79  ? 1091 VAL B CA 1 
ATOM 487  C CA . CYS B 1 92  ? 5.098   -1.581  -9.015  1.00 42.79  ? 1092 CYS B CA 1 
ATOM 488  C CA . ARG B 1 93  ? 2.911   0.609   -6.808  1.00 43.47  ? 1093 ARG B CA 1 
ATOM 489  C CA . GLN B 1 94  ? 1.596   4.129   -7.365  1.00 36.06  ? 1094 GLN B CA 1 
ATOM 490  C CA . GLY B 1 95  ? 1.573   7.103   -5.015  1.00 50.31  ? 1095 GLY B CA 1 
ATOM 491  C CA . VAL B 1 96  ? 1.500   10.904  -5.115  1.00 53.30  ? 1096 VAL B CA 1 
ATOM 492  C CA . VAL B 1 97  ? 3.988   13.585  -4.095  1.00 49.15  ? 1097 VAL B CA 1 
ATOM 493  C CA . ASP B 1 98  ? 3.446   17.167  -3.063  1.00 61.48  ? 1098 ASP B CA 1 
ATOM 494  C CA . ARG B 1 99  ? 5.476   19.286  -5.452  1.00 49.39  ? 1099 ARG B CA 1 
ATOM 495  C CA . GLY B 1 100 ? 5.786   22.035  -8.040  1.00 34.64  ? 1100 GLY B CA 1 
ATOM 496  C CA . TRP B 1 101 ? 8.305   24.757  -8.893  1.00 44.14  ? 1101 TRP B CA 1 
ATOM 497  C CA . GLY B 1 102 ? 10.517  23.772  -6.003  1.00 46.38  ? 1102 GLY B CA 1 
ATOM 498  C CA . ASN B 1 103 ? 11.269  20.554  -7.849  1.00 55.83  ? 1103 ASN B CA 1 
ATOM 499  C CA . GLY B 1 104 ? 10.990  21.151  -11.571 1.00 45.00  ? 1104 GLY B CA 1 
ATOM 500  C CA . CYS B 1 105 ? 7.236   21.064  -11.950 1.00 32.95  ? 1105 CYS B CA 1 
ATOM 501  C CA . GLY B 1 106 ? 5.150   23.906  -13.390 1.00 53.21  ? 1106 GLY B CA 1 
ATOM 502  C CA . LEU B 1 107 ? 2.070   23.869  -11.128 1.00 60.49  ? 1107 LEU B CA 1 
ATOM 503  C CA . PHE B 1 108 ? 1.738   23.105  -7.391  1.00 52.60  ? 1108 PHE B CA 1 
ATOM 504  C CA . GLY B 1 109 ? 0.030   20.060  -5.969  1.00 58.58  ? 1109 GLY B CA 1 
ATOM 505  C CA . LYS B 1 110 ? -0.079  16.271  -6.036  1.00 51.32  ? 1110 LYS B CA 1 
ATOM 506  C CA . GLY B 1 111 ? 1.835   14.545  -8.799  1.00 44.14  ? 1111 GLY B CA 1 
ATOM 507  C CA . SER B 1 112 ? 1.576   10.898  -9.832  1.00 45.13  ? 1112 SER B CA 1 
ATOM 508  C CA . ILE B 1 113 ? 4.246   8.331   -8.940  1.00 35.27  ? 1113 ILE B CA 1 
ATOM 509  C CA . ASP B 1 114 ? 4.642   4.663   -9.969  1.00 28.59  ? 1114 ASP B CA 1 
ATOM 510  C CA . THR B 1 115 ? 7.851   2.985   -8.793  1.00 47.58  ? 1115 THR B CA 1 
ATOM 511  C CA . CYS B 1 116 ? 8.985   -0.638  -9.062  1.00 47.30  ? 1116 CYS B CA 1 
ATOM 512  C CA . ALA B 1 117 ? 11.267  -3.132  -7.275  1.00 47.46  ? 1117 ALA B CA 1 
ATOM 513  C CA . LYS B 1 118 ? 12.466  -6.567  -8.468  1.00 46.65  ? 1118 LYS B CA 1 
ATOM 514  C CA . PHE B 1 119 ? 11.394  -10.003 -7.298  1.00 40.78  ? 1119 PHE B CA 1 
ATOM 515  C CA . ALA B 1 120 ? 13.001  -13.461 -7.205  1.00 44.39  ? 1120 ALA B CA 1 
ATOM 516  C CA . CYS B 1 121 ? 13.116  -15.973 -4.341  1.00 41.75  ? 1121 CYS B CA 1 
ATOM 517  C CA . SER B 1 122 ? 15.799  -17.183 -1.907  1.00 50.71  ? 1122 SER B CA 1 
ATOM 518  C CA . THR B 1 123 ? 14.728  -19.618 0.818   1.00 40.09  ? 1123 THR B CA 1 
ATOM 519  C CA . LYS B 1 124 ? 11.490  -21.356 -0.272  1.00 36.60  ? 1124 LYS B CA 1 
ATOM 520  C CA . ALA B 1 125 ? 9.614   -22.792 2.716   1.00 57.08  ? 1125 ALA B CA 1 
ATOM 521  C CA . ILE B 1 126 ? 8.322   -25.549 0.416   1.00 48.61  ? 1126 ILE B CA 1 
ATOM 522  C CA . GLY B 1 127 ? 5.418   -27.856 1.254   1.00 43.85  ? 1127 GLY B CA 1 
ATOM 523  C CA . ARG B 1 128 ? 3.729   -30.900 -0.318  1.00 28.07  ? 1128 ARG B CA 1 
ATOM 524  C CA . THR B 1 129 ? 0.882   -33.466 -0.198  1.00 28.98  ? 1129 THR B CA 1 
ATOM 525  C CA . ILE B 1 130 ? 0.439   -37.083 0.852   1.00 49.12  ? 1130 ILE B CA 1 
ATOM 526  C CA . LEU B 1 131 ? -2.008  -39.049 -1.304  1.00 41.55  ? 1131 LEU B CA 1 
ATOM 527  C CA . LYS B 1 132 ? -3.426  -41.994 0.628   1.00 76.79  ? 1132 LYS B CA 1 
ATOM 528  C CA . GLU B 1 133 ? -2.077  -43.699 -2.484  1.00 54.83  ? 1133 GLU B CA 1 
ATOM 529  C CA . ASN B 1 134 ? 1.451   -42.690 -1.471  1.00 50.38  ? 1134 ASN B CA 1 
ATOM 530  C CA . ILE B 1 135 ? 1.358   -44.853 1.658   1.00 45.00  ? 1135 ILE B CA 1 
ATOM 531  C CA . LYS B 1 136 ? 3.556   -47.932 1.398   1.00 42.37  ? 1136 LYS B CA 1 
ATOM 532  C CA . TYR B 1 137 ? -3.942  -49.300 8.507   1.00 78.07  ? 1137 TYR B CA 1 
ATOM 533  C CA . GLU B 1 138 ? -0.760  -51.362 8.463   1.00 93.38  ? 1138 GLU B CA 1 
ATOM 534  C CA . VAL B 1 139 ? -0.373  -53.760 11.373  1.00 99.61  ? 1139 VAL B CA 1 
ATOM 535  C CA . ALA B 1 140 ? 2.635   -56.012 11.827  1.00 44.10  ? 1140 ALA B CA 1 
ATOM 536  C CA . ILE B 1 141 ? 2.552   -59.202 13.895  1.00 58.10  ? 1141 ILE B CA 1 
ATOM 537  C CA . PHE B 1 142 ? 5.609   -60.968 15.284  1.00 33.43  ? 1142 PHE B CA 1 
ATOM 538  C CA . VAL B 1 143 ? 5.913   -64.400 16.952  1.00 21.97  ? 1143 VAL B CA 1 
ATOM 539  C CA . HIS B 1 144 ? 8.379   -64.965 19.804  1.00 28.43  ? 1144 HIS B CA 1 
ATOM 540  C CA . GLY B 1 145 ? 9.587   -68.161 18.260  1.00 34.70  ? 1145 GLY B CA 1 
ATOM 541  C CA . PRO B 1 146 ? 13.315  -69.004 18.150  1.00 41.14  ? 1146 PRO B CA 1 
ATOM 542  C CA . THR B 1 147 ? 15.611  -66.077 17.440  1.00 41.29  ? 1147 THR B CA 1 
ATOM 543  C CA . THR B 1 148 ? 19.063  -64.616 18.011  1.00 33.58  ? 1148 THR B CA 1 
ATOM 544  C CA . VAL B 1 149 ? 20.238  -61.129 18.788  1.00 40.83  ? 1149 VAL B CA 1 
ATOM 545  C CA . GLU B 1 150 ? 20.842  -61.050 15.051  1.00 35.97  ? 1150 GLU B CA 1 
ATOM 546  C CA . SER B 1 151 ? 17.667  -62.375 13.412  1.00 24.91  ? 1151 SER B CA 1 
ATOM 547  C CA . HIS B 1 152 ? 15.386  -60.802 15.981  1.00 36.22  ? 1152 HIS B CA 1 
ATOM 548  C CA . GLY B 1 153 ? 15.038  -57.553 14.092  1.00 44.07  ? 1153 GLY B CA 1 
ATOM 549  C CA . ASN B 1 154 ? 15.361  -58.800 10.525  1.00 41.02  ? 1154 ASN B CA 1 
ATOM 550  C CA . TYR B 1 155 ? 11.890  -58.700 9.051   1.00 40.79  ? 1155 TYR B CA 1 
ATOM 551  C CA . SER B 1 156 ? 13.067  -60.874 6.181   1.00 50.49  ? 1156 SER B CA 1 
ATOM 552  C CA . THR B 1 157 ? 14.538  -63.712 8.202   1.00 31.20  ? 1157 THR B CA 1 
ATOM 553  C CA . GLN B 1 158 ? 11.441  -63.686 10.393  1.00 30.02  ? 1158 GLN B CA 1 
ATOM 554  C CA . VAL B 1 159 ? 8.948   -63.807 7.539   1.00 51.33  ? 1159 VAL B CA 1 
ATOM 555  C CA . GLY B 1 160 ? 11.072  -66.590 6.105   1.00 53.93  ? 1160 GLY B CA 1 
ATOM 556  C CA . ALA B 1 161 ? 10.892  -68.358 9.448   1.00 36.12  ? 1161 ALA B CA 1 
ATOM 557  C CA . THR B 1 162 ? 7.117   -67.719 9.338   1.00 48.47  ? 1162 THR B CA 1 
ATOM 558  C CA . GLN B 1 163 ? 7.472   -65.882 12.617  1.00 31.73  ? 1163 GLN B CA 1 
ATOM 559  C CA . ALA B 1 164 ? 6.280   -62.525 11.343  1.00 41.72  ? 1164 ALA B CA 1 
ATOM 560  C CA . GLY B 1 165 ? 3.804   -60.829 9.061   1.00 46.90  ? 1165 GLY B CA 1 
ATOM 561  C CA . ARG B 1 166 ? 2.593   -57.445 7.909   1.00 36.97  ? 1166 ARG B CA 1 
ATOM 562  C CA . PHE B 1 167 ? -1.003  -57.025 6.756   1.00 45.41  ? 1167 PHE B CA 1 
ATOM 563  C CA . SER B 1 168 ? -3.320  -54.039 6.337   1.00 89.95  ? 1168 SER B CA 1 
ATOM 564  C CA . ILE B 1 169 ? -6.665  -53.116 7.889   1.00 93.82  ? 1169 ILE B CA 1 
ATOM 565  C CA . THR B 1 170 ? -9.372  -51.104 6.215   1.00 100.00 ? 1170 THR B CA 1 
ATOM 566  C CA . PRO B 1 171 ? -12.863 -49.872 7.086   1.00 90.04  ? 1171 PRO B CA 1 
ATOM 567  C CA . ALA B 1 172 ? -13.870 -52.149 4.216   1.00 100.00 ? 1172 ALA B CA 1 
ATOM 568  C CA . ALA B 1 173 ? -12.440 -55.274 5.900   1.00 100.00 ? 1173 ALA B CA 1 
ATOM 569  C CA . PRO B 1 174 ? -11.425 -54.337 9.511   1.00 71.59  ? 1174 PRO B CA 1 
ATOM 570  C CA . SER B 1 175 ? -10.158 -57.819 10.295  1.00 75.12  ? 1175 SER B CA 1 
ATOM 571  C CA . TYR B 1 176 ? -7.699  -60.473 9.115   1.00 85.22  ? 1176 TYR B CA 1 
ATOM 572  C CA . THR B 1 177 ? -6.461  -63.927 9.947   1.00 57.26  ? 1177 THR B CA 1 
ATOM 573  C CA . LEU B 1 178 ? -2.702  -63.999 9.671   1.00 38.05  ? 1178 LEU B CA 1 
ATOM 574  C CA . LYS B 1 179 ? -1.428  -67.554 9.318   1.00 40.50  ? 1179 LYS B CA 1 
ATOM 575  C CA . LEU B 1 180 ? 1.917   -68.411 10.885  1.00 50.98  ? 1180 LEU B CA 1 
ATOM 576  C CA . GLY B 1 181 ? 2.654   -71.926 9.740   1.00 47.47  ? 1181 GLY B CA 1 
ATOM 577  C CA . GLU B 1 182 ? 2.751   -74.606 12.421  1.00 46.13  ? 1182 GLU B CA 1 
ATOM 578  C CA . TYR B 1 183 ? 2.086   -71.824 14.942  1.00 37.28  ? 1183 TYR B CA 1 
ATOM 579  C CA . GLY B 1 184 ? -1.480  -71.814 13.692  1.00 41.31  ? 1184 GLY B CA 1 
ATOM 580  C CA . GLU B 1 185 ? -2.711  -68.284 13.163  1.00 45.44  ? 1185 GLU B CA 1 
ATOM 581  C CA . VAL B 1 186 ? -3.795  -65.040 14.794  1.00 45.01  ? 1186 VAL B CA 1 
ATOM 582  C CA . THR B 1 187 ? -6.903  -63.182 13.679  1.00 36.02  ? 1187 THR B CA 1 
ATOM 583  C CA . VAL B 1 188 ? -7.238  -59.532 14.558  1.00 30.01  ? 1188 VAL B CA 1 
ATOM 584  C CA . ASP B 1 189 ? -10.501 -57.557 14.236  1.00 42.27  ? 1189 ASP B CA 1 
ATOM 585  C CA . CYS B 1 190 ? -9.118  -54.083 14.656  1.00 44.05  ? 1190 CYS B CA 1 
ATOM 586  C CA . GLU B 1 191 ? -11.867 -51.516 14.572  1.00 68.66  ? 1191 GLU B CA 1 
ATOM 587  C CA . PRO B 1 192 ? -10.742 -48.533 12.415  1.00 66.93  ? 1192 PRO B CA 1 
ATOM 588  C CA . ARG B 1 193 ? -12.557 -46.385 14.945  1.00 79.76  ? 1193 ARG B CA 1 
ATOM 589  C CA . SER B 1 194 ? -10.139 -43.909 16.487  1.00 74.15  ? 1194 SER B CA 1 
ATOM 590  C CA . GLY B 1 195 ? -5.843  -45.681 13.017  1.00 45.06  ? 1195 GLY B CA 1 
ATOM 591  C CA . ILE B 1 196 ? -3.910  -42.566 12.048  1.00 58.21  ? 1196 ILE B CA 1 
ATOM 592  C CA . ASP B 1 197 ? -4.082  -38.953 10.975  1.00 74.85  ? 1197 ASP B CA 1 
ATOM 593  C CA . THR B 1 198 ? -5.861  -38.290 7.704   1.00 65.30  ? 1198 THR B CA 1 
ATOM 594  C CA . ASN B 1 199 ? -3.853  -37.030 4.740   1.00 50.44  ? 1199 ASN B CA 1 
ATOM 595  C CA . ALA B 1 200 ? -5.696  -33.789 5.549   1.00 41.23  ? 1200 ALA B CA 1 
ATOM 596  C CA . TYR B 1 201 ? -2.462  -32.399 6.992   1.00 25.37  ? 1201 TYR B CA 1 
ATOM 597  C CA . TYR B 1 202 ? 0.041   -30.781 4.606   1.00 14.92  ? 1202 TYR B CA 1 
ATOM 598  C CA . VAL B 1 203 ? 3.755   -31.546 4.327   1.00 26.48  ? 1203 VAL B CA 1 
ATOM 599  C CA . MET B 1 204 ? 5.657   -28.516 5.634   1.00 42.56  ? 1204 MET B CA 1 
ATOM 600  C CA . THR B 1 205 ? 9.333   -28.242 4.652   1.00 44.04  ? 1205 THR B CA 1 
ATOM 601  C CA . VAL B 1 206 ? 11.553  -25.587 6.224   1.00 40.92  ? 1206 VAL B CA 1 
ATOM 602  C CA . GLY B 1 207 ? 15.249  -25.542 5.373   1.00 50.34  ? 1207 GLY B CA 1 
ATOM 603  C CA . THR B 1 208 ? 16.202  -28.763 7.137   1.00 66.33  ? 1208 THR B CA 1 
ATOM 604  C CA . LYS B 1 209 ? 13.480  -29.321 9.736   1.00 48.86  ? 1209 LYS B CA 1 
ATOM 605  C CA . THR B 1 210 ? 10.456  -30.897 8.053   1.00 32.45  ? 1210 THR B CA 1 
ATOM 606  C CA . PHE B 1 211 ? 7.066   -30.689 9.771   1.00 26.85  ? 1211 PHE B CA 1 
ATOM 607  C CA . LEU B 1 212 ? 3.452   -31.695 9.311   1.00 35.40  ? 1212 LEU B CA 1 
ATOM 608  C CA . VAL B 1 213 ? 1.105   -28.687 9.279   1.00 31.37  ? 1213 VAL B CA 1 
ATOM 609  C CA . HIS B 1 214 ? -2.669  -28.143 8.953   1.00 32.40  ? 1214 HIS B CA 1 
ATOM 610  C CA . ARG B 1 215 ? -3.806  -27.535 5.350   1.00 34.71  ? 1215 ARG B CA 1 
ATOM 611  C CA . GLU B 1 216 ? -5.162  -24.120 6.342   1.00 49.65  ? 1216 GLU B CA 1 
ATOM 612  C CA . TRP B 1 217 ? -2.640  -22.703 8.814   1.00 39.17  ? 1217 TRP B CA 1 
ATOM 613  C CA . PHE B 1 218 ? -0.340  -23.296 5.863   1.00 31.91  ? 1218 PHE B CA 1 
ATOM 614  C CA . MET B 1 219 ? -2.428  -22.387 2.810   1.00 43.29  ? 1219 MET B CA 1 
ATOM 615  C CA . ASP B 1 220 ? -4.037  -19.510 4.711   1.00 60.47  ? 1220 ASP B CA 1 
ATOM 616  C CA . LEU B 1 221 ? -0.836  -17.762 5.770   1.00 51.74  ? 1221 LEU B CA 1 
ATOM 617  C CA . ASN B 1 222 ? 0.685   -14.438 4.732   1.00 58.79  ? 1222 ASN B CA 1 
ATOM 618  C CA . LEU B 1 223 ? 3.868   -14.793 2.656   1.00 38.51  ? 1223 LEU B CA 1 
ATOM 619  C CA . PRO B 1 224 ? 4.893   -14.718 -1.017  1.00 22.81  ? 1224 PRO B CA 1 
ATOM 620  C CA . TRP B 1 225 ? 4.215   -18.026 -2.741  1.00 13.91  ? 1225 TRP B CA 1 
ATOM 621  C CA . SER B 1 226 ? 4.435   -20.124 -5.895  1.00 21.22  ? 1226 SER B CA 1 
ATOM 622  C CA . SER B 1 227 ? 2.865   -23.441 -6.904  1.00 34.34  ? 1227 SER B CA 1 
ATOM 623  C CA . ALA B 1 228 ? 5.026   -25.418 -9.358  1.00 59.59  ? 1228 ALA B CA 1 
ATOM 624  C CA . GLY B 1 229 ? 6.304   -22.487 -11.425 1.00 63.62  ? 1229 GLY B CA 1 
ATOM 625  C CA . SER B 1 230 ? 9.130   -19.938 -11.353 1.00 66.47  ? 1230 SER B CA 1 
ATOM 626  C CA . THR B 1 231 ? 6.324   -17.385 -11.251 1.00 51.50  ? 1231 THR B CA 1 
ATOM 627  C CA . VAL B 1 232 ? 5.598   -15.854 -7.849  1.00 30.18  ? 1232 VAL B CA 1 
ATOM 628  C CA . TRP B 1 233 ? 2.394   -14.140 -6.660  1.00 28.38  ? 1233 TRP B CA 1 
ATOM 629  C CA . ARG B 1 234 ? 1.544   -11.965 -3.636  1.00 41.85  ? 1234 ARG B CA 1 
ATOM 630  C CA . ASN B 1 235 ? 5.177   -10.851 -3.471  1.00 39.12  ? 1235 ASN B CA 1 
ATOM 631  C CA . ARG B 1 236 ? 3.692   -7.824  -1.751  1.00 56.44  ? 1236 ARG B CA 1 
ATOM 632  C CA . GLU B 1 237 ? 5.815   -8.914  1.186   1.00 58.82  ? 1237 GLU B CA 1 
ATOM 633  C CA . THR B 1 238 ? 8.469   -6.812  -0.513  1.00 47.71  ? 1238 THR B CA 1 
ATOM 634  C CA . LEU B 1 239 ? 6.918   -4.241  1.828   1.00 52.49  ? 1239 LEU B CA 1 
ATOM 635  C CA . MET B 1 240 ? 7.881   -1.123  3.759   1.00 41.95  ? 1240 MET B CA 1 
ATOM 636  C CA . GLU B 1 241 ? 8.746   0.708   0.558   1.00 48.89  ? 1241 GLU B CA 1 
ATOM 637  C CA . PHE B 1 242 ? 6.340   3.621   0.625   1.00 75.71  ? 1242 PHE B CA 1 
ATOM 638  C CA . GLU B 1 243 ? 8.463   6.115   2.510   1.00 77.54  ? 1243 GLU B CA 1 
ATOM 639  C CA . GLU B 1 244 ? 6.037   8.221   0.409   1.00 84.54  ? 1244 GLU B CA 1 
ATOM 640  C CA . PRO B 1 245 ? 9.122   9.630   -1.416  1.00 63.52  ? 1245 PRO B CA 1 
ATOM 641  C CA . HIS B 1 246 ? 10.228  12.092  -4.057  1.00 54.48  ? 1246 HIS B CA 1 
ATOM 642  C CA . ALA B 1 247 ? 10.342  11.369  -7.811  1.00 51.87  ? 1247 ALA B CA 1 
ATOM 643  C CA . THR B 1 248 ? 14.076  10.711  -7.422  1.00 54.33  ? 1248 THR B CA 1 
ATOM 644  C CA . LYS B 1 249 ? 14.145  7.634   -5.181  1.00 47.78  ? 1249 LYS B CA 1 
ATOM 645  C CA . GLN B 1 250 ? 11.575  5.579   -3.317  1.00 46.66  ? 1250 GLN B CA 1 
ATOM 646  C CA . SER B 1 251 ? 13.399  3.638   -0.626  1.00 52.78  ? 1251 SER B CA 1 
ATOM 647  C CA . VAL B 1 252 ? 12.639  -0.014  -1.237  1.00 39.79  ? 1252 VAL B CA 1 
ATOM 648  C CA . ILE B 1 253 ? 13.745  -1.539  2.057   1.00 46.70  ? 1253 ILE B CA 1 
ATOM 649  C CA . ALA B 1 254 ? 13.887  -5.329  1.898   1.00 46.60  ? 1254 ALA B CA 1 
ATOM 650  C CA . LEU B 1 255 ? 11.452  -6.479  4.565   1.00 45.61  ? 1255 LEU B CA 1 
ATOM 651  C CA . ALA B 1 261 ? 6.810   -16.040 12.218  1.00 54.19  ? 1261 ALA B CA 1 
ATOM 652  C CA . LEU B 1 262 ? 7.439   -19.665 11.306  1.00 42.05  ? 1262 LEU B CA 1 
ATOM 653  C CA . HIS B 1 263 ? 9.248   -20.983 14.360  1.00 43.29  ? 1263 HIS B CA 1 
ATOM 654  C CA . GLN B 1 264 ? 6.578   -19.519 16.649  1.00 59.53  ? 1264 GLN B CA 1 
ATOM 655  C CA . ALA B 1 265 ? 4.042   -21.927 15.146  1.00 45.87  ? 1265 ALA B CA 1 
ATOM 656  C CA . LEU B 1 266 ? 6.381   -24.868 15.749  1.00 38.57  ? 1266 LEU B CA 1 
ATOM 657  C CA . ALA B 1 267 ? 4.725   -27.048 18.399  1.00 57.63  ? 1267 ALA B CA 1 
ATOM 658  C CA . GLY B 1 268 ? 1.390   -26.879 16.598  1.00 50.98  ? 1268 GLY B CA 1 
ATOM 659  C CA . ALA B 1 269 ? 2.593   -28.935 13.651  1.00 44.01  ? 1269 ALA B CA 1 
ATOM 660  C CA . ILE B 1 270 ? 4.205   -32.295 14.353  1.00 50.72  ? 1270 ILE B CA 1 
ATOM 661  C CA . PRO B 1 271 ? 7.864   -32.696 13.284  1.00 39.49  ? 1271 PRO B CA 1 
ATOM 662  C CA . VAL B 1 272 ? 8.889   -35.440 10.842  1.00 42.96  ? 1272 VAL B CA 1 
ATOM 663  C CA . GLU B 1 273 ? 12.078  -36.705 9.232   1.00 59.44  ? 1273 GLU B CA 1 
ATOM 664  C CA . PHE B 1 274 ? 11.955  -36.202 5.485   1.00 42.40  ? 1274 PHE B CA 1 
ATOM 665  C CA . SER B 1 275 ? 14.501  -37.150 2.817   1.00 68.78  ? 1275 SER B CA 1 
ATOM 666  C CA . SER B 1 276 ? 14.282  -35.490 -0.612  1.00 70.57  ? 1276 SER B CA 1 
ATOM 667  C CA . ASN B 1 277 ? 11.593  -38.005 -1.705  1.00 54.44  ? 1277 ASN B CA 1 
ATOM 668  C CA . THR B 1 278 ? 10.470  -39.716 1.487   1.00 42.86  ? 1278 THR B CA 1 
ATOM 669  C CA . VAL B 1 279 ? 8.320   -39.118 4.541   1.00 39.44  ? 1279 VAL B CA 1 
ATOM 670  C CA . LYS B 1 280 ? 8.633   -41.694 7.293   1.00 42.95  ? 1280 LYS B CA 1 
ATOM 671  C CA . LEU B 1 281 ? 5.295   -41.800 9.068   1.00 49.14  ? 1281 LEU B CA 1 
ATOM 672  C CA . THR B 1 282 ? 5.705   -42.715 12.724  1.00 47.09  ? 1282 THR B CA 1 
ATOM 673  C CA . SER B 1 283 ? 2.117   -43.249 13.919  1.00 44.69  ? 1283 SER B CA 1 
ATOM 674  C CA . GLY B 1 284 ? 0.229   -46.114 12.273  1.00 41.25  ? 1284 GLY B CA 1 
ATOM 675  C CA . HIS B 1 285 ? -0.870  -49.758 12.437  1.00 50.64  ? 1285 HIS B CA 1 
ATOM 676  C CA . LEU B 1 286 ? -6.925  -48.462 16.747  1.00 55.29  ? 1286 LEU B CA 1 
ATOM 677  C CA . LYS B 1 287 ? -8.953  -50.672 19.049  1.00 46.69  ? 1287 LYS B CA 1 
ATOM 678  C CA . CYS B 1 288 ? -8.352  -54.311 18.267  1.00 36.04  ? 1288 CYS B CA 1 
ATOM 679  C CA . ARG B 1 289 ? -9.359  -57.715 19.566  1.00 32.61  ? 1289 ARG B CA 1 
ATOM 680  C CA . VAL B 1 290 ? -6.522  -60.190 19.128  1.00 45.25  ? 1290 VAL B CA 1 
ATOM 681  C CA . LYS B 1 291 ? -8.495  -63.421 18.945  1.00 43.82  ? 1291 LYS B CA 1 
ATOM 682  C CA . MET B 1 292 ? -6.006  -66.258 19.066  1.00 46.44  ? 1292 MET B CA 1 
ATOM 683  C CA . GLU B 1 293 ? -7.557  -69.574 19.937  1.00 54.19  ? 1293 GLU B CA 1 
ATOM 684  C CA . LYS B 1 294 ? -5.899  -70.546 16.666  1.00 40.45  ? 1294 LYS B CA 1 
ATOM 685  C CA . LEU B 1 295 ? -2.442  -69.514 17.885  1.00 44.14  ? 1295 LEU B CA 1 
ATOM 686  C CA . GLN B 1 296 ? -0.499  -72.634 18.822  1.00 40.03  ? 1296 GLN B CA 1 
ATOM 687  C CA . LEU B 1 297 ? 2.832   -73.825 20.210  1.00 41.05  ? 1297 LEU B CA 1 
ATOM 688  C CA . LYS B 1 298 ? 5.398   -75.755 18.240  1.00 48.21  ? 1298 LYS B CA 1 
ATOM 689  C CA . GLY B 1 299 ? 8.307   -78.076 19.024  1.00 49.20  ? 1299 GLY B CA 1 
ATOM 690  C CA . THR B 1 300 ? 6.486   -79.343 22.113  1.00 48.56  ? 1300 THR B CA 1 
ATOM 691  C CA . THR B 1 301 ? 7.221   -83.003 21.397  1.00 42.85  ? 1301 THR B CA 1 
ATOM 692  C CA . TYR B 1 302 ? 10.982  -82.483 21.650  1.00 35.89  ? 1302 TYR B CA 1 
ATOM 693  C CA . GLY B 1 303 ? 13.212  -83.418 24.557  1.00 45.28  ? 1303 GLY B CA 1 
ATOM 694  C CA . VAL B 1 304 ? 15.085  -81.050 26.856  1.00 37.29  ? 1304 VAL B CA 1 
ATOM 695  C CA . CYS B 1 305 ? 18.487  -79.752 25.763  1.00 39.88  ? 1305 CYS B CA 1 
ATOM 696  C CA . SER B 1 306 ? 21.118  -81.739 27.616  1.00 40.47  ? 1306 SER B CA 1 
ATOM 697  C CA . LYS B 1 307 ? 24.553  -80.284 26.944  1.00 35.60  ? 1307 LYS B CA 1 
ATOM 698  C CA . ALA B 1 308 ? 26.369  -77.210 28.211  1.00 41.57  ? 1308 ALA B CA 1 
ATOM 699  C CA . PHE B 1 309 ? 24.999  -73.688 27.786  1.00 26.88  ? 1309 PHE B CA 1 
ATOM 700  C CA . LYS B 1 310 ? 27.166  -70.579 27.858  1.00 30.50  ? 1310 LYS B CA 1 
ATOM 701  C CA . PHE B 1 311 ? 26.165  -66.924 28.240  1.00 38.54  ? 1311 PHE B CA 1 
ATOM 702  C CA . LEU B 1 312 ? 27.386  -64.608 25.470  1.00 77.05  ? 1312 LEU B CA 1 
ATOM 703  C CA . GLY B 1 313 ? 27.361  -61.494 27.629  1.00 77.03  ? 1313 GLY B CA 1 
ATOM 704  C CA . THR B 1 314 ? 25.834  -59.591 30.513  1.00 75.47  ? 1314 THR B CA 1 
ATOM 705  C CA . PRO B 1 315 ? 22.054  -59.605 30.165  1.00 47.16  ? 1315 PRO B CA 1 
ATOM 706  C CA . ALA B 1 316 ? 20.663  -56.165 29.286  1.00 50.77  ? 1316 ALA B CA 1 
ATOM 707  C CA . ASP B 1 317 ? 17.845  -54.059 30.765  1.00 57.17  ? 1317 ASP B CA 1 
ATOM 708  C CA . THR B 1 318 ? 15.027  -53.370 28.294  1.00 55.73  ? 1318 THR B CA 1 
ATOM 709  C CA . GLY B 1 319 ? 13.834  -50.579 30.524  1.00 64.46  ? 1319 GLY B CA 1 
ATOM 710  C CA . HIS B 1 320 ? 10.610  -52.541 30.878  1.00 62.00  ? 1320 HIS B CA 1 
ATOM 711  C CA . GLY B 1 321 ? 11.322  -54.701 33.889  1.00 60.83  ? 1321 GLY B CA 1 
ATOM 712  C CA . THR B 1 322 ? 12.637  -57.450 31.656  1.00 46.05  ? 1322 THR B CA 1 
ATOM 713  C CA . VAL B 1 323 ? 16.090  -58.279 30.462  1.00 41.23  ? 1323 VAL B CA 1 
ATOM 714  C CA . VAL B 1 324 ? 17.501  -59.724 27.271  1.00 54.07  ? 1324 VAL B CA 1 
ATOM 715  C CA . LEU B 1 325 ? 20.406  -62.054 26.684  1.00 46.90  ? 1325 LEU B CA 1 
ATOM 716  C CA . GLU B 1 326 ? 21.802  -64.480 24.163  1.00 48.66  ? 1326 GLU B CA 1 
ATOM 717  C CA . LEU B 1 327 ? 22.882  -68.055 24.771  1.00 34.22  ? 1327 LEU B CA 1 
ATOM 718  C CA . GLN B 1 328 ? 25.159  -70.371 22.793  1.00 38.46  ? 1328 GLN B CA 1 
ATOM 719  C CA . TYR B 1 329 ? 24.662  -74.126 22.818  1.00 24.78  ? 1329 TYR B CA 1 
ATOM 720  C CA . THR B 1 330 ? 27.675  -76.429 23.068  1.00 36.50  ? 1330 THR B CA 1 
ATOM 721  C CA . GLY B 1 331 ? 25.116  -79.128 22.322  1.00 38.70  ? 1331 GLY B CA 1 
ATOM 722  C CA . THR B 1 332 ? 25.566  -81.221 19.203  1.00 55.12  ? 1332 THR B CA 1 
ATOM 723  C CA . ASP B 1 333 ? 22.031  -82.601 19.370  1.00 50.72  ? 1333 ASP B CA 1 
ATOM 724  C CA . GLY B 1 334 ? 19.241  -81.044 17.343  1.00 46.27  ? 1334 GLY B CA 1 
ATOM 725  C CA . PRO B 1 335 ? 16.120  -78.982 18.223  1.00 36.11  ? 1335 PRO B CA 1 
ATOM 726  C CA . CYS B 1 336 ? 15.661  -79.426 21.971  1.00 24.24  ? 1336 CYS B CA 1 
ATOM 727  C CA . LYS B 1 337 ? 13.987  -77.222 24.601  1.00 26.23  ? 1337 LYS B CA 1 
ATOM 728  C CA . VAL B 1 338 ? 16.256  -74.694 26.371  1.00 46.50  ? 1338 VAL B CA 1 
ATOM 729  C CA . PRO B 1 339 ? 16.251  -75.280 30.151  1.00 49.40  ? 1339 PRO B CA 1 
ATOM 730  C CA . ILE B 1 340 ? 16.246  -71.672 31.310  1.00 64.48  ? 1340 ILE B CA 1 
ATOM 731  C CA . SER B 1 341 ? 14.454  -70.210 34.268  1.00 60.87  ? 1341 SER B CA 1 
ATOM 732  C CA . SER B 1 342 ? 14.807  -67.531 36.899  1.00 64.28  ? 1342 SER B CA 1 
ATOM 733  C CA . VAL B 1 343 ? 15.592  -68.762 40.388  1.00 48.53  ? 1343 VAL B CA 1 
ATOM 734  C CA . ALA B 1 344 ? 15.401  -66.715 43.594  1.00 46.86  ? 1344 ALA B CA 1 
ATOM 735  C CA . SER B 1 345 ? 18.490  -68.429 45.058  1.00 53.53  ? 1345 SER B CA 1 
ATOM 736  C CA . LEU B 1 346 ? 20.870  -71.022 43.714  1.00 62.97  ? 1346 LEU B CA 1 
ATOM 737  C CA . ASN B 1 347 ? 19.422  -74.524 43.585  1.00 73.05  ? 1347 ASN B CA 1 
ATOM 738  C CA . ASP B 1 348 ? 15.819  -73.617 44.510  1.00 65.59  ? 1348 ASP B CA 1 
ATOM 739  C CA . LEU B 1 349 ? 13.237  -76.002 43.117  1.00 66.48  ? 1349 LEU B CA 1 
ATOM 740  C CA . THR B 1 350 ? 10.496  -73.642 41.980  1.00 55.89  ? 1350 THR B CA 1 
ATOM 741  C CA . PRO B 1 351 ? 11.045  -70.851 39.365  1.00 49.61  ? 1351 PRO B CA 1 
ATOM 742  C CA . VAL B 1 352 ? 10.077  -67.220 39.943  1.00 53.50  ? 1352 VAL B CA 1 
ATOM 743  C CA . GLY B 1 353 ? 10.918  -65.432 36.751  1.00 44.21  ? 1353 GLY B CA 1 
ATOM 744  C CA . ARG B 1 354 ? 8.361   -65.577 33.945  1.00 41.92  ? 1354 ARG B CA 1 
ATOM 745  C CA . LEU B 1 355 ? 9.834   -65.888 30.464  1.00 40.12  ? 1355 LEU B CA 1 
ATOM 746  C CA . VAL B 1 356 ? 8.690   -63.479 27.787  1.00 64.51  ? 1356 VAL B CA 1 
ATOM 747  C CA . THR B 1 357 ? 10.240  -65.842 25.226  1.00 50.52  ? 1357 THR B CA 1 
ATOM 748  C CA . VAL B 1 358 ? 8.068   -68.729 26.365  1.00 52.40  ? 1358 VAL B CA 1 
ATOM 749  C CA . ASN B 1 359 ? 8.955   -72.314 25.452  1.00 54.84  ? 1359 ASN B CA 1 
ATOM 750  C CA . PRO B 1 360 ? 12.424  -71.433 24.102  1.00 38.93  ? 1360 PRO B CA 1 
ATOM 751  C CA . PHE B 1 361 ? 14.456  -73.926 22.116  1.00 38.76  ? 1361 PHE B CA 1 
ATOM 752  C CA . VAL B 1 362 ? 17.506  -74.431 19.924  1.00 45.44  ? 1362 VAL B CA 1 
ATOM 753  C CA . SER B 1 363 ? 16.135  -74.071 16.426  1.00 58.11  ? 1363 SER B CA 1 
ATOM 754  C CA . VAL B 1 364 ? 18.842  -76.050 14.609  1.00 68.71  ? 1364 VAL B CA 1 
ATOM 755  C CA . ALA B 1 365 ? 20.717  -79.331 15.153  1.00 60.20  ? 1365 ALA B CA 1 
ATOM 756  C CA . THR B 1 366 ? 23.912  -77.543 14.117  1.00 71.45  ? 1366 THR B CA 1 
ATOM 757  C CA . ALA B 1 367 ? 25.867  -77.339 17.382  1.00 49.25  ? 1367 ALA B CA 1 
ATOM 758  C CA . ASN B 1 368 ? 26.797  -73.935 18.888  1.00 49.67  ? 1368 ASN B CA 1 
ATOM 759  C CA . ALA B 1 369 ? 23.558  -72.209 17.846  1.00 52.71  ? 1369 ALA B CA 1 
ATOM 760  C CA . LYS B 1 370 ? 22.541  -68.924 19.434  1.00 42.69  ? 1370 LYS B CA 1 
ATOM 761  C CA . VAL B 1 371 ? 19.350  -68.295 21.363  1.00 34.36  ? 1371 VAL B CA 1 
ATOM 762  C CA . LEU B 1 372 ? 17.884  -64.918 22.232  1.00 42.45  ? 1372 LEU B CA 1 
ATOM 763  C CA . ILE B 1 373 ? 15.874  -64.637 25.417  1.00 39.90  ? 1373 ILE B CA 1 
ATOM 764  C CA . GLU B 1 374 ? 13.830  -61.964 27.074  1.00 52.12  ? 1374 GLU B CA 1 
ATOM 765  C CA . LEU B 1 375 ? 12.541  -62.599 30.552  1.00 33.99  ? 1375 LEU B CA 1 
ATOM 766  C CA . GLU B 1 376 ? 11.205  -60.607 33.481  1.00 37.19  ? 1376 GLU B CA 1 
ATOM 767  C CA . PRO B 1 377 ? 13.114  -61.375 36.622  1.00 44.32  ? 1377 PRO B CA 1 
ATOM 768  C CA . PRO B 1 378 ? 11.704  -60.837 40.124  1.00 50.41  ? 1378 PRO B CA 1 
ATOM 769  C CA . PHE B 1 379 ? 12.485  -57.594 41.924  1.00 47.13  ? 1379 PHE B CA 1 
ATOM 770  C CA . GLY B 1 380 ? 15.652  -57.460 43.977  1.00 49.50  ? 1380 GLY B CA 1 
ATOM 771  C CA . ASP B 1 381 ? 18.370  -60.027 43.410  1.00 44.19  ? 1381 ASP B CA 1 
ATOM 772  C CA . SER B 1 382 ? 17.709  -63.265 41.548  1.00 27.68  ? 1382 SER B CA 1 
ATOM 773  C CA . TYR B 1 383 ? 19.503  -65.798 39.390  1.00 29.96  ? 1383 TYR B CA 1 
ATOM 774  C CA . ILE B 1 384 ? 19.054  -66.685 35.741  1.00 61.73  ? 1384 ILE B CA 1 
ATOM 775  C CA . VAL B 1 385 ? 19.964  -70.307 35.140  1.00 49.06  ? 1385 VAL B CA 1 
ATOM 776  C CA . VAL B 1 386 ? 20.339  -72.615 32.181  1.00 56.80  ? 1386 VAL B CA 1 
ATOM 777  C CA . GLY B 1 387 ? 20.642  -76.407 32.282  1.00 46.14  ? 1387 GLY B CA 1 
ATOM 778  C CA . ARG B 1 388 ? 20.763  -78.249 35.607  1.00 39.52  ? 1388 ARG B CA 1 
ATOM 779  C CA . GLY B 1 389 ? 23.120  -79.932 38.022  1.00 41.72  ? 1389 GLY B CA 1 
ATOM 780  C CA . GLU B 1 390 ? 26.725  -79.765 36.975  1.00 62.77  ? 1390 GLU B CA 1 
ATOM 781  C CA . GLN B 1 391 ? 25.930  -78.681 33.437  1.00 57.72  ? 1391 GLN B CA 1 
ATOM 782  C CA . GLN B 1 392 ? 23.932  -75.733 34.739  1.00 50.42  ? 1392 GLN B CA 1 
ATOM 783  C CA . ILE B 1 393 ? 25.355  -72.227 34.567  1.00 57.18  ? 1393 ILE B CA 1 
ATOM 784  C CA . ASN B 1 394 ? 23.972  -69.090 36.146  1.00 47.08  ? 1394 ASN B CA 1 
ATOM 785  C CA . HIS B 1 395 ? 24.191  -65.363 36.242  1.00 53.29  ? 1395 HIS B CA 1 
ATOM 786  C CA . HIS B 1 396 ? 22.859  -63.127 38.998  1.00 45.87  ? 1396 HIS B CA 1 
ATOM 787  C CA . TRP B 1 397 ? 20.597  -60.109 38.585  1.00 54.18  ? 1397 TRP B CA 1 
ATOM 788  C CA . HIS B 1 398 ? 18.965  -57.437 40.715  1.00 60.99  ? 1398 HIS B CA 1 
ATOM 789  C CA . LYS B 1 399 ? 15.779  -55.638 39.639  1.00 65.22  ? 1399 LYS B CA 1 
ATOM 790  C CA . SER B 1 400 ? 14.613  -52.382 41.281  1.00 74.55  ? 1400 SER B CA 1 
ATOM 791  C CA . PHE C 1 1   ? 18.488  23.205  -0.312  1.00 40.07  ? 1001 PHE C CA 1 
ATOM 792  C CA . ASN C 1 2   ? 15.770  25.832  0.063   1.00 33.52  ? 1002 ASN C CA 1 
ATOM 793  C CA . CYS C 1 3   ? 12.205  25.518  1.339   1.00 39.18  ? 1003 CYS C CA 1 
ATOM 794  C CA . LEU C 1 4   ? 9.842   26.336  -1.529  1.00 48.49  ? 1004 LEU C CA 1 
ATOM 795  C CA . GLY C 1 5   ? 7.809   23.350  -2.679  1.00 65.51  ? 1005 GLY C CA 1 
ATOM 796  C CA . MET C 1 6   ? 8.580   21.104  0.277   1.00 47.79  ? 1006 MET C CA 1 
ATOM 797  C CA . SER C 1 7   ? 5.734   19.717  2.380   1.00 75.42  ? 1007 SER C CA 1 
ATOM 798  C CA . ASN C 1 8   ? 7.779   19.736  5.606   1.00 54.72  ? 1008 ASN C CA 1 
ATOM 799  C CA . ARG C 1 9   ? 8.190   23.473  5.845   1.00 41.11  ? 1009 ARG C CA 1 
ATOM 800  C CA . ASP C 1 10  ? 7.891   25.751  8.908   1.00 56.23  ? 1010 ASP C CA 1 
ATOM 801  C CA . PHE C 1 11  ? 7.920   29.557  8.904   1.00 53.64  ? 1011 PHE C CA 1 
ATOM 802  C CA . LEU C 1 12  ? 9.587   31.419  11.719  1.00 49.75  ? 1012 LEU C CA 1 
ATOM 803  C CA . GLU C 1 13  ? 9.920   34.879  13.143  1.00 60.44  ? 1013 GLU C CA 1 
ATOM 804  C CA . GLY C 1 14  ? 12.476  34.322  15.862  1.00 73.16  ? 1014 GLY C CA 1 
ATOM 805  C CA . VAL C 1 15  ? 11.544  36.833  18.523  1.00 77.26  ? 1015 VAL C CA 1 
ATOM 806  C CA . SER C 1 16  ? 10.803  40.533  18.800  1.00 80.19  ? 1016 SER C CA 1 
ATOM 807  C CA . GLY C 1 17  ? 13.928  42.558  18.070  1.00 80.98  ? 1017 GLY C CA 1 
ATOM 808  C CA . ALA C 1 18  ? 15.864  39.295  17.917  1.00 71.28  ? 1018 ALA C CA 1 
ATOM 809  C CA . THR C 1 19  ? 19.035  39.031  15.836  1.00 60.42  ? 1019 THR C CA 1 
ATOM 810  C CA . TRP C 1 20  ? 19.030  35.307  16.480  1.00 44.61  ? 1020 TRP C CA 1 
ATOM 811  C CA . VAL C 1 21  ? 16.516  32.449  16.660  1.00 55.50  ? 1021 VAL C CA 1 
ATOM 812  C CA . ASP C 1 22  ? 16.517  29.013  18.213  1.00 44.89  ? 1022 ASP C CA 1 
ATOM 813  C CA . LEU C 1 23  ? 15.415  26.261  15.888  1.00 49.39  ? 1023 LEU C CA 1 
ATOM 814  C CA . VAL C 1 24  ? 14.951  22.540  15.253  1.00 64.98  ? 1024 VAL C CA 1 
ATOM 815  C CA . LEU C 1 25  ? 15.832  20.774  11.987  1.00 96.41  ? 1025 LEU C CA 1 
ATOM 816  C CA . GLU C 1 26  ? 15.071  17.176  10.975  1.00 88.81  ? 1026 GLU C CA 1 
ATOM 817  C CA . GLY C 1 27  ? 15.563  14.786  8.065   1.00 91.20  ? 1027 GLY C CA 1 
ATOM 818  C CA . ASP C 1 28  ? 13.400  15.791  5.106   1.00 67.62  ? 1028 ASP C CA 1 
ATOM 819  C CA . SER C 1 29  ? 12.297  19.109  6.622   1.00 55.51  ? 1029 SER C CA 1 
ATOM 820  C CA . CYS C 1 30  ? 13.049  22.788  5.931   1.00 41.70  ? 1030 CYS C CA 1 
ATOM 821  C CA . VAL C 1 31  ? 12.540  26.095  7.730   1.00 45.37  ? 1031 VAL C CA 1 
ATOM 822  C CA . THR C 1 32  ? 12.001  29.641  6.464   1.00 40.88  ? 1032 THR C CA 1 
ATOM 823  C CA . ILE C 1 33  ? 13.017  32.398  8.877   1.00 40.39  ? 1033 ILE C CA 1 
ATOM 824  C CA . MET C 1 34  ? 11.921  36.026  8.780   1.00 51.24  ? 1034 MET C CA 1 
ATOM 825  C CA . SER C 1 35  ? 13.370  38.986  10.611  1.00 62.55  ? 1035 SER C CA 1 
ATOM 826  C CA . LYS C 1 36  ? 12.535  42.673  10.455  1.00 62.21  ? 1036 LYS C CA 1 
ATOM 827  C CA . ASP C 1 37  ? 14.673  44.634  8.009   1.00 61.09  ? 1037 ASP C CA 1 
ATOM 828  C CA . LYS C 1 38  ? 16.655  41.551  7.035   1.00 50.72  ? 1038 LYS C CA 1 
ATOM 829  C CA . PRO C 1 39  ? 16.622  39.005  4.226   1.00 50.81  ? 1039 PRO C CA 1 
ATOM 830  C CA . THR C 1 40  ? 14.572  35.850  4.636   1.00 38.56  ? 1040 THR C CA 1 
ATOM 831  C CA . ILE C 1 41  ? 16.523  32.588  4.733   1.00 26.46  ? 1041 ILE C CA 1 
ATOM 832  C CA . ASP C 1 42  ? 15.891  28.882  4.757   1.00 29.48  ? 1042 ASP C CA 1 
ATOM 833  C CA . VAL C 1 43  ? 17.793  26.556  7.051   1.00 46.88  ? 1043 VAL C CA 1 
ATOM 834  C CA . LYS C 1 44  ? 17.520  22.928  6.005   1.00 59.54  ? 1044 LYS C CA 1 
ATOM 835  C CA . MET C 1 45  ? 19.149  19.686  7.023   1.00 82.19  ? 1045 MET C CA 1 
ATOM 836  C CA . MET C 1 46  ? 20.294  17.839  3.981   1.00 56.98  ? 1046 MET C CA 1 
ATOM 837  C CA . ASN C 1 47  ? 22.045  14.666  5.103   1.00 91.97  ? 1047 ASN C CA 1 
ATOM 838  C CA . MET C 1 48  ? 25.868  16.381  6.906   1.00 29.35  ? 1048 MET C CA 1 
ATOM 839  C CA . GLU C 1 49  ? 27.954  13.199  7.305   1.00 46.40  ? 1049 GLU C CA 1 
ATOM 840  C CA . ALA C 1 50  ? 29.406  10.784  9.844   1.00 56.20  ? 1050 ALA C CA 1 
ATOM 841  C CA . ALA C 1 51  ? 32.971  10.193  8.675   1.00 49.37  ? 1051 ALA C CA 1 
ATOM 842  C CA . ASN C 1 52  ? 35.765  7.926   9.909   1.00 53.18  ? 1052 ASN C CA 1 
ATOM 843  C CA . LEU C 1 53  ? 33.441  5.284   11.366  1.00 44.24  ? 1053 LEU C CA 1 
ATOM 844  C CA . ALA C 1 54  ? 34.233  2.051   13.178  1.00 50.29  ? 1054 ALA C CA 1 
ATOM 845  C CA . GLU C 1 55  ? 32.581  -1.368  13.330  1.00 42.28  ? 1055 GLU C CA 1 
ATOM 846  C CA . VAL C 1 56  ? 31.140  -2.732  16.583  1.00 52.94  ? 1056 VAL C CA 1 
ATOM 847  C CA . ARG C 1 57  ? 29.370  -6.051  15.948  1.00 37.07  ? 1057 ARG C CA 1 
ATOM 848  C CA . SER C 1 58  ? 28.529  -8.427  13.083  1.00 28.05  ? 1058 SER C CA 1 
ATOM 849  C CA . TYR C 1 59  ? 25.555  -10.789 13.002  1.00 42.00  ? 1059 TYR C CA 1 
ATOM 850  C CA . CYS C 1 60  ? 25.583  -13.457 10.303  1.00 37.61  ? 1060 CYS C CA 1 
ATOM 851  C CA . TYR C 1 61  ? 23.153  -15.389 8.167   1.00 35.85  ? 1061 TYR C CA 1 
ATOM 852  C CA . LEU C 1 62  ? 24.963  -18.570 7.254   1.00 32.77  ? 1062 LEU C CA 1 
ATOM 853  C CA . ALA C 1 63  ? 26.302  -21.357 5.060   1.00 48.88  ? 1063 ALA C CA 1 
ATOM 854  C CA . THR C 1 64  ? 28.979  -23.875 6.196   1.00 55.92  ? 1064 THR C CA 1 
ATOM 855  C CA . VAL C 1 65  ? 26.969  -26.596 7.944   1.00 54.07  ? 1065 VAL C CA 1 
ATOM 856  C CA . SER C 1 66  ? 28.530  -29.240 5.718   1.00 71.70  ? 1066 SER C CA 1 
ATOM 857  C CA . ASP C 1 67  ? 31.193  -31.249 7.566   1.00 55.05  ? 1067 ASP C CA 1 
ATOM 858  C CA . LEU C 1 68  ? 30.042  -33.685 10.245  1.00 51.23  ? 1068 LEU C CA 1 
ATOM 859  C CA . SER C 1 69  ? 31.389  -35.731 13.172  1.00 51.67  ? 1069 SER C CA 1 
ATOM 860  C CA . THR C 1 70  ? 29.998  -38.230 15.685  1.00 44.43  ? 1070 THR C CA 1 
ATOM 861  C CA . LYS C 1 71  ? 32.364  -39.409 18.450  1.00 39.59  ? 1071 LYS C CA 1 
ATOM 862  C CA . ALA C 1 72  ? 30.645  -42.493 19.846  1.00 48.64  ? 1072 ALA C CA 1 
ATOM 863  C CA . ALA C 1 73  ? 30.869  -43.855 23.383  1.00 56.05  ? 1073 ALA C CA 1 
ATOM 864  C CA . CYS C 1 74  ? 29.339  -47.116 24.593  1.00 58.99  ? 1074 CYS C CA 1 
ATOM 865  C CA . PRO C 1 75  ? 27.163  -47.289 27.736  1.00 56.94  ? 1075 PRO C CA 1 
ATOM 866  C CA . THR C 1 76  ? 29.085  -47.013 31.012  1.00 85.81  ? 1076 THR C CA 1 
ATOM 867  C CA . MET C 1 77  ? 32.166  -46.108 28.931  1.00 93.82  ? 1077 MET C CA 1 
ATOM 868  C CA . GLY C 1 78  ? 31.619  -42.499 29.975  1.00 77.80  ? 1078 GLY C CA 1 
ATOM 869  C CA . GLU C 1 79  ? 31.401  -39.411 27.791  1.00 66.29  ? 1079 GLU C CA 1 
ATOM 870  C CA . ALA C 1 80  ? 32.565  -38.924 24.210  1.00 50.91  ? 1080 ALA C CA 1 
ATOM 871  C CA . HIS C 1 81  ? 35.288  -36.461 23.238  1.00 46.43  ? 1081 HIS C CA 1 
ATOM 872  C CA . ASN C 1 82  ? 35.427  -35.432 19.593  1.00 35.16  ? 1082 ASN C CA 1 
ATOM 873  C CA . ASP C 1 83  ? 38.854  -34.391 18.361  1.00 47.58  ? 1083 ASP C CA 1 
ATOM 874  C CA . LYS C 1 84  ? 37.015  -31.606 16.540  1.00 36.83  ? 1084 LYS C CA 1 
ATOM 875  C CA . ARG C 1 85  ? 36.875  -29.950 19.950  1.00 40.40  ? 1085 ARG C CA 1 
ATOM 876  C CA . ALA C 1 86  ? 40.469  -28.664 19.956  1.00 56.68  ? 1086 ALA C CA 1 
ATOM 877  C CA . ASP C 1 87  ? 39.832  -25.851 17.469  1.00 84.00  ? 1087 ASP C CA 1 
ATOM 878  C CA . PRO C 1 88  ? 36.679  -23.812 16.672  1.00 50.94  ? 1088 PRO C CA 1 
ATOM 879  C CA . ALA C 1 89  ? 36.949  -25.703 13.384  1.00 47.93  ? 1089 ALA C CA 1 
ATOM 880  C CA . PHE C 1 90  ? 33.567  -27.096 14.405  1.00 26.72  ? 1090 PHE C CA 1 
ATOM 881  C CA . VAL C 1 91  ? 30.798  -26.633 16.986  1.00 40.04  ? 1091 VAL C CA 1 
ATOM 882  C CA . CYS C 1 92  ? 30.266  -29.691 19.168  1.00 46.80  ? 1092 CYS C CA 1 
ATOM 883  C CA . ARG C 1 93  ? 27.354  -30.791 21.348  1.00 58.24  ? 1093 ARG C CA 1 
ATOM 884  C CA . GLN C 1 94  ? 26.866  -33.956 23.393  1.00 49.20  ? 1094 GLN C CA 1 
ATOM 885  C CA . GLY C 1 95  ? 23.866  -36.260 23.607  1.00 53.44  ? 1095 GLY C CA 1 
ATOM 886  C CA . VAL C 1 96  ? 23.009  -39.872 24.429  1.00 54.43  ? 1096 VAL C CA 1 
ATOM 887  C CA . VAL C 1 97  ? 21.639  -42.757 22.374  1.00 55.84  ? 1097 VAL C CA 1 
ATOM 888  C CA . ASP C 1 98  ? 19.696  -45.809 23.423  1.00 54.19  ? 1098 ASP C CA 1 
ATOM 889  C CA . ARG C 1 99  ? 21.696  -48.802 22.258  1.00 45.85  ? 1099 ARG C CA 1 
ATOM 890  C CA . GLY C 1 100 ? 23.537  -52.048 22.910  1.00 33.38  ? 1100 GLY C CA 1 
ATOM 891  C CA . TRP C 1 101 ? 23.964  -55.388 21.139  1.00 41.46  ? 1101 TRP C CA 1 
ATOM 892  C CA . GLY C 1 102 ? 21.677  -54.322 18.338  1.00 62.70  ? 1102 GLY C CA 1 
ATOM 893  C CA . ASN C 1 103 ? 24.337  -51.841 17.288  1.00 66.05  ? 1103 ASN C CA 1 
ATOM 894  C CA . GLY C 1 104 ? 27.738  -53.160 18.278  1.00 66.78  ? 1104 GLY C CA 1 
ATOM 895  C CA . CYS C 1 105 ? 27.702  -52.310 21.956  1.00 53.03  ? 1105 CYS C CA 1 
ATOM 896  C CA . GLY C 1 106 ? 28.149  -54.850 24.759  1.00 57.66  ? 1106 GLY C CA 1 
ATOM 897  C CA . LEU C 1 107 ? 25.635  -53.622 27.365  1.00 46.10  ? 1107 LEU C CA 1 
ATOM 898  C CA . PHE C 1 108 ? 22.193  -52.004 26.927  1.00 39.96  ? 1108 PHE C CA 1 
ATOM 899  C CA . GLY C 1 109 ? 21.390  -48.416 27.761  1.00 50.12  ? 1109 GLY C CA 1 
ATOM 900  C CA . LYS C 1 110 ? 22.384  -44.810 27.144  1.00 54.71  ? 1110 LYS C CA 1 
ATOM 901  C CA . GLY C 1 111 ? 25.686  -44.209 25.409  1.00 51.14  ? 1111 GLY C CA 1 
ATOM 902  C CA . SER C 1 112 ? 27.556  -40.916 25.121  1.00 50.15  ? 1112 SER C CA 1 
ATOM 903  C CA . ILE C 1 113 ? 27.636  -38.889 21.897  1.00 33.99  ? 1113 ILE C CA 1 
ATOM 904  C CA . ASP C 1 114 ? 29.582  -35.722 20.972  1.00 31.48  ? 1114 ASP C CA 1 
ATOM 905  C CA . THR C 1 115 ? 29.226  -34.598 17.351  1.00 42.76  ? 1115 THR C CA 1 
ATOM 906  C CA . CYS C 1 116 ? 30.514  -31.476 15.597  1.00 41.20  ? 1116 CYS C CA 1 
ATOM 907  C CA . ALA C 1 117 ? 29.670  -29.235 12.617  1.00 39.01  ? 1117 ALA C CA 1 
ATOM 908  C CA . LYS C 1 118 ? 31.806  -26.507 10.986  1.00 37.14  ? 1118 LYS C CA 1 
ATOM 909  C CA . PHE C 1 119 ? 31.415  -22.748 11.168  1.00 46.33  ? 1119 PHE C CA 1 
ATOM 910  C CA . ALA C 1 120 ? 32.364  -19.808 8.929   1.00 50.27  ? 1120 ALA C CA 1 
ATOM 911  C CA . CYS C 1 121 ? 30.246  -16.824 7.867   1.00 38.12  ? 1121 CYS C CA 1 
ATOM 912  C CA . SER C 1 122 ? 28.506  -15.751 4.641   1.00 50.53  ? 1122 SER C CA 1 
ATOM 913  C CA . THR C 1 123 ? 26.370  -12.602 4.762   1.00 53.54  ? 1123 THR C CA 1 
ATOM 914  C CA . LYS C 1 124 ? 27.486  -10.456 7.736   1.00 44.46  ? 1124 LYS C CA 1 
ATOM 915  C CA . ALA C 1 125 ? 24.758  -8.015  8.787   1.00 50.64  ? 1125 ALA C CA 1 
ATOM 916  C CA . ILE C 1 126 ? 27.512  -5.608  9.879   1.00 29.70  ? 1126 ILE C CA 1 
ATOM 917  C CA . GLY C 1 127 ? 26.952  -2.579  12.106  1.00 26.39  ? 1127 GLY C CA 1 
ATOM 918  C CA . ARG C 1 128 ? 29.032  0.350   13.407  1.00 34.81  ? 1128 ARG C CA 1 
ATOM 919  C CA . THR C 1 129 ? 29.235  3.456   15.646  1.00 44.71  ? 1129 THR C CA 1 
ATOM 920  C CA . ILE C 1 130 ? 29.074  7.219   15.205  1.00 59.98  ? 1130 ILE C CA 1 
ATOM 921  C CA . LEU C 1 131 ? 31.361  9.167   17.543  1.00 57.93  ? 1131 LEU C CA 1 
ATOM 922  C CA . LYS C 1 132 ? 30.074  12.707  18.032  1.00 61.31  ? 1132 LYS C CA 1 
ATOM 923  C CA . GLU C 1 133 ? 33.644  13.339  16.903  1.00 54.92  ? 1133 GLU C CA 1 
ATOM 924  C CA . ASN C 1 134 ? 32.815  11.804  13.519  1.00 45.05  ? 1134 ASN C CA 1 
ATOM 925  C CA . ILE C 1 135 ? 30.331  14.562  12.681  1.00 45.97  ? 1135 ILE C CA 1 
ATOM 926  C CA . LYS C 1 136 ? 31.594  16.930  10.001  1.00 43.71  ? 1136 LYS C CA 1 
ATOM 927  C CA . TYR C 1 137 ? 25.595  16.805  9.678   1.00 70.40  ? 1137 TYR C CA 1 
ATOM 928  C CA . GLU C 1 138 ? 24.993  18.574  6.379   1.00 94.18  ? 1138 GLU C CA 1 
ATOM 929  C CA . VAL C 1 139 ? 23.006  21.792  6.635   1.00 62.69  ? 1139 VAL C CA 1 
ATOM 930  C CA . ALA C 1 140 ? 22.093  23.917  3.638   1.00 37.27  ? 1140 ALA C CA 1 
ATOM 931  C CA . ILE C 1 141 ? 21.258  27.618  3.890   1.00 41.62  ? 1141 ILE C CA 1 
ATOM 932  C CA . PHE C 1 142 ? 19.368  29.599  1.266   1.00 21.33  ? 1142 PHE C CA 1 
ATOM 933  C CA . VAL C 1 143 ? 18.801  33.375  0.977   1.00 23.33  ? 1143 VAL C CA 1 
ATOM 934  C CA . HIS C 1 144 ? 15.514  34.751  -0.377  1.00 32.92  ? 1144 HIS C CA 1 
ATOM 935  C CA . GLY C 1 145 ? 17.324  37.175  -2.591  1.00 42.92  ? 1145 GLY C CA 1 
ATOM 936  C CA . PRO C 1 146 ? 16.207  37.749  -6.203  1.00 43.47  ? 1146 PRO C CA 1 
ATOM 937  C CA . THR C 1 147 ? 15.067  34.647  -8.053  1.00 37.42  ? 1147 THR C CA 1 
ATOM 938  C CA . THR C 1 148 ? 12.787  33.301  -10.766 1.00 32.30  ? 1148 THR C CA 1 
ATOM 939  C CA . VAL C 1 149 ? 10.626  30.228  -10.962 1.00 60.98  ? 1149 VAL C CA 1 
ATOM 940  C CA . GLU C 1 150 ? 13.625  28.862  -12.828 1.00 43.37  ? 1150 GLU C CA 1 
ATOM 941  C CA . SER C 1 151 ? 16.687  29.706  -10.721 1.00 28.24  ? 1151 SER C CA 1 
ATOM 942  C CA . HIS C 1 152 ? 14.880  29.206  -7.441  1.00 37.68  ? 1152 HIS C CA 1 
ATOM 943  C CA . GLY C 1 153 ? 15.710  25.532  -7.223  1.00 56.45  ? 1153 GLY C CA 1 
ATOM 944  C CA . ASN C 1 154 ? 19.059  25.482  -9.000  1.00 30.30  ? 1154 ASN C CA 1 
ATOM 945  C CA . TYR C 1 155 ? 21.676  25.058  -6.316  1.00 29.33  ? 1155 TYR C CA 1 
ATOM 946  C CA . SER C 1 156 ? 24.354  26.073  -8.793  1.00 23.80  ? 1156 SER C CA 1 
ATOM 947  C CA . THR C 1 157 ? 22.849  29.354  -9.925  1.00 27.71  ? 1157 THR C CA 1 
ATOM 948  C CA . GLN C 1 158 ? 22.144  30.219  -6.298  1.00 25.67  ? 1158 GLN C CA 1 
ATOM 949  C CA . VAL C 1 159 ? 25.646  29.489  -5.040  1.00 28.37  ? 1159 VAL C CA 1 
ATOM 950  C CA . GLY C 1 160 ? 26.879  31.517  -7.986  1.00 44.78  ? 1160 GLY C CA 1 
ATOM 951  C CA . ALA C 1 161 ? 24.555  34.317  -6.946  1.00 42.99  ? 1161 ALA C CA 1 
ATOM 952  C CA . THR C 1 162 ? 25.942  33.863  -3.406  1.00 38.92  ? 1162 THR C CA 1 
ATOM 953  C CA . GLN C 1 163 ? 22.405  33.226  -2.249  1.00 28.87  ? 1163 GLN C CA 1 
ATOM 954  C CA . ALA C 1 164 ? 22.997  29.699  -1.018  1.00 29.99  ? 1164 ALA C CA 1 
ATOM 955  C CA . GLY C 1 165 ? 25.461  27.453  0.745   1.00 40.30  ? 1165 GLY C CA 1 
ATOM 956  C CA . ARG C 1 166 ? 25.947  23.942  2.041   1.00 38.56  ? 1166 ARG C CA 1 
ATOM 957  C CA . PHE C 1 167 ? 28.237  23.331  5.009   1.00 37.70  ? 1167 PHE C CA 1 
ATOM 958  C CA . SER C 1 168 ? 28.634  20.495  7.511   1.00 58.39  ? 1168 SER C CA 1 
ATOM 959  C CA . ILE C 1 169 ? 28.322  20.314  11.295  1.00 73.30  ? 1169 ILE C CA 1 
ATOM 960  C CA . THR C 1 170 ? 30.252  17.988  13.540  1.00 81.98  ? 1170 THR C CA 1 
ATOM 961  C CA . PRO C 1 171 ? 30.500  17.293  17.272  1.00 83.67  ? 1171 PRO C CA 1 
ATOM 962  C CA . ALA C 1 172 ? 34.064  18.512  16.782  1.00 63.52  ? 1172 ALA C CA 1 
ATOM 963  C CA . ALA C 1 173 ? 32.952  21.949  15.520  1.00 44.36  ? 1173 ALA C CA 1 
ATOM 964  C CA . PRO C 1 174 ? 29.131  22.240  16.030  1.00 46.50  ? 1174 PRO C CA 1 
ATOM 965  C CA . SER C 1 175 ? 28.973  25.717  14.534  1.00 46.54  ? 1175 SER C CA 1 
ATOM 966  C CA . TYR C 1 176 ? 29.816  27.692  11.394  1.00 38.70  ? 1176 TYR C CA 1 
ATOM 967  C CA . THR C 1 177 ? 29.619  31.161  9.948   1.00 38.92  ? 1177 THR C CA 1 
ATOM 968  C CA . LEU C 1 178 ? 28.409  30.954  6.383   1.00 43.44  ? 1178 LEU C CA 1 
ATOM 969  C CA . LYS C 1 179 ? 29.260  34.115  4.467   1.00 43.28  ? 1179 LYS C CA 1 
ATOM 970  C CA . LEU C 1 180 ? 26.834  35.287  1.800   1.00 49.39  ? 1180 LEU C CA 1 
ATOM 971  C CA . GLY C 1 181 ? 28.575  38.168  0.104   1.00 41.94  ? 1181 GLY C CA 1 
ATOM 972  C CA . GLU C 1 182 ? 26.985  41.588  0.496   1.00 38.59  ? 1182 GLU C CA 1 
ATOM 973  C CA . TYR C 1 183 ? 24.231  39.857  2.485   1.00 33.61  ? 1183 TYR C CA 1 
ATOM 974  C CA . GLY C 1 184 ? 26.716  39.599  5.320   1.00 30.59  ? 1184 GLY C CA 1 
ATOM 975  C CA . GLU C 1 185 ? 26.624  36.161  6.881   1.00 40.96  ? 1185 GLU C CA 1 
ATOM 976  C CA . VAL C 1 186 ? 24.675  33.717  9.020   1.00 50.87  ? 1186 VAL C CA 1 
ATOM 977  C CA . THR C 1 187 ? 26.319  31.744  11.805  1.00 40.50  ? 1187 THR C CA 1 
ATOM 978  C CA . VAL C 1 188 ? 24.614  28.626  13.062  1.00 48.83  ? 1188 VAL C CA 1 
ATOM 979  C CA . ASP C 1 189 ? 25.594  26.819  16.291  1.00 49.48  ? 1189 ASP C CA 1 
ATOM 980  C CA . CYS C 1 190 ? 23.666  23.629  15.776  1.00 57.70  ? 1190 CYS C CA 1 
ATOM 981  C CA . GLU C 1 191 ? 24.063  21.321  18.720  1.00 68.86  ? 1191 GLU C CA 1 
ATOM 982  C CA . PRO C 1 192 ? 24.628  17.734  17.444  1.00 84.94  ? 1192 PRO C CA 1 
ATOM 983  C CA . ARG C 1 193 ? 22.503  16.658  20.384  1.00 81.87  ? 1193 ARG C CA 1 
ATOM 984  C CA . SER C 1 194 ? 19.483  14.735  19.140  1.00 99.19  ? 1194 SER C CA 1 
ATOM 985  C CA . GLY C 1 195 ? 18.801  19.464  17.640  1.00 55.22  ? 1195 GLY C CA 1 
ATOM 986  C CA . ILE C 1 196 ? 19.175  15.857  16.529  1.00 58.95  ? 1196 ILE C CA 1 
ATOM 987  C CA . ASP C 1 197 ? 19.291  12.232  17.568  1.00 67.84  ? 1197 ASP C CA 1 
ATOM 988  C CA . THR C 1 198 ? 22.073  11.292  19.951  1.00 70.44  ? 1198 THR C CA 1 
ATOM 989  C CA . ASN C 1 199 ? 24.838  8.991   18.735  1.00 60.30  ? 1199 ASN C CA 1 
ATOM 990  C CA . ALA C 1 200 ? 23.046  6.510   21.012  1.00 57.17  ? 1200 ALA C CA 1 
ATOM 991  C CA . TYR C 1 201 ? 21.676  4.773   17.917  1.00 40.65  ? 1201 TYR C CA 1 
ATOM 992  C CA . TYR C 1 202 ? 23.850  2.149   16.197  1.00 23.52  ? 1202 TYR C CA 1 
ATOM 993  C CA . VAL C 1 203 ? 24.725  1.973   12.500  1.00 33.04  ? 1203 VAL C CA 1 
ATOM 994  C CA . MET C 1 204 ? 22.929  -1.047  11.034  1.00 30.77  ? 1204 MET C CA 1 
ATOM 995  C CA . THR C 1 205 ? 24.218  -2.355  7.690   1.00 35.57  ? 1205 THR C CA 1 
ATOM 996  C CA . VAL C 1 206 ? 22.296  -5.035  5.800   1.00 47.92  ? 1206 VAL C CA 1 
ATOM 997  C CA . GLY C 1 207 ? 23.517  -6.101  2.371   1.00 56.16  ? 1207 GLY C CA 1 
ATOM 998  C CA . THR C 1 208 ? 22.727  -2.872  0.539   1.00 56.56  ? 1208 THR C CA 1 
ATOM 999  C CA . LYS C 1 209 ? 20.060  -1.159  2.641   1.00 47.55  ? 1209 LYS C CA 1 
ATOM 1000 C CA . THR C 1 210 ? 21.732  0.654   5.537   1.00 27.86  ? 1210 THR C CA 1 
ATOM 1001 C CA . PHE C 1 211 ? 19.647  1.600   8.578   1.00 23.71  ? 1211 PHE C CA 1 
ATOM 1002 C CA . LEU C 1 212 ? 19.934  3.273   11.954  1.00 38.57  ? 1212 LEU C CA 1 
ATOM 1003 C CA . VAL C 1 213 ? 18.954  0.942   14.812  1.00 32.97  ? 1213 VAL C CA 1 
ATOM 1004 C CA . HIS C 1 214 ? 18.708  1.210   18.621  1.00 41.45  ? 1214 HIS C CA 1 
ATOM 1005 C CA . ARG C 1 215 ? 21.896  0.103   20.426  1.00 31.89  ? 1215 ARG C CA 1 
ATOM 1006 C CA . GLU C 1 216 ? 19.941  -2.616  22.236  1.00 40.83  ? 1216 GLU C CA 1 
ATOM 1007 C CA . TRP C 1 217 ? 17.494  -3.991  19.669  1.00 38.04  ? 1217 TRP C CA 1 
ATOM 1008 C CA . PHE C 1 218 ? 20.739  -4.595  17.807  1.00 30.42  ? 1218 PHE C CA 1 
ATOM 1009 C CA . MET C 1 219 ? 23.216  -5.651  20.502  1.00 34.05  ? 1219 MET C CA 1 
ATOM 1010 C CA . ASP C 1 220 ? 20.491  -7.603  22.305  1.00 47.49  ? 1220 ASP C CA 1 
ATOM 1011 C CA . LEU C 1 221 ? 19.398  -9.754  19.373  1.00 49.95  ? 1221 LEU C CA 1 
ATOM 1012 C CA . ASN C 1 222 ? 19.741  -13.480 18.713  1.00 53.88  ? 1222 ASN C CA 1 
ATOM 1013 C CA . LEU C 1 223 ? 22.184  -14.319 15.904  1.00 45.14  ? 1223 LEU C CA 1 
ATOM 1014 C CA . PRO C 1 224 ? 25.814  -15.426 15.525  1.00 27.71  ? 1224 PRO C CA 1 
ATOM 1015 C CA . TRP C 1 225 ? 28.219  -12.509 15.822  1.00 20.29  ? 1225 TRP C CA 1 
ATOM 1016 C CA . SER C 1 226 ? 31.799  -11.258 15.716  1.00 28.67  ? 1226 SER C CA 1 
ATOM 1017 C CA . SER C 1 227 ? 33.418  -7.975  16.758  1.00 54.17  ? 1227 SER C CA 1 
ATOM 1018 C CA . ALA C 1 228 ? 36.513  -7.125  14.684  1.00 69.33  ? 1228 ALA C CA 1 
ATOM 1019 C CA . GLY C 1 229 ? 37.916  -10.647 14.352  1.00 68.75  ? 1229 GLY C CA 1 
ATOM 1020 C CA . SER C 1 230 ? 37.530  -13.692 12.098  1.00 59.93  ? 1230 SER C CA 1 
ATOM 1021 C CA . THR C 1 231 ? 36.483  -15.456 15.291  1.00 47.11  ? 1231 THR C CA 1 
ATOM 1022 C CA . VAL C 1 232 ? 32.748  -16.002 15.735  1.00 26.05  ? 1232 VAL C CA 1 
ATOM 1023 C CA . TRP C 1 233 ? 30.818  -16.643 18.973  1.00 26.00  ? 1233 TRP C CA 1 
ATOM 1024 C CA . ARG C 1 234 ? 27.272  -17.853 19.723  1.00 37.66  ? 1234 ARG C CA 1 
ATOM 1025 C CA . ASN C 1 235 ? 27.245  -19.696 16.397  1.00 35.80  ? 1235 ASN C CA 1 
ATOM 1026 C CA . ARG C 1 236 ? 24.671  -21.858 18.139  1.00 44.94  ? 1236 ARG C CA 1 
ATOM 1027 C CA . GLU C 1 237 ? 22.354  -20.661 15.395  1.00 46.74  ? 1237 GLU C CA 1 
ATOM 1028 C CA . THR C 1 238 ? 23.765  -23.630 13.511  1.00 48.16  ? 1238 THR C CA 1 
ATOM 1029 C CA . LEU C 1 239 ? 20.700  -25.206 15.128  1.00 53.26  ? 1239 LEU C CA 1 
ATOM 1030 C CA . MET C 1 240 ? 18.175  -27.962 14.484  1.00 59.17  ? 1240 MET C CA 1 
ATOM 1031 C CA . GLU C 1 241 ? 20.897  -30.596 14.523  1.00 38.23  ? 1241 GLU C CA 1 
ATOM 1032 C CA . PHE C 1 242 ? 19.839  -32.801 17.403  1.00 54.11  ? 1242 PHE C CA 1 
ATOM 1033 C CA . GLU C 1 243 ? 17.643  -35.237 15.524  1.00 49.24  ? 1243 GLU C CA 1 
ATOM 1034 C CA . GLU C 1 244 ? 18.869  -37.146 18.621  1.00 67.63  ? 1244 GLU C CA 1 
ATOM 1035 C CA . PRO C 1 245 ? 20.621  -39.581 16.206  1.00 50.06  ? 1245 PRO C CA 1 
ATOM 1036 C CA . HIS C 1 246 ? 22.675  -42.746 16.042  1.00 51.24  ? 1246 HIS C CA 1 
ATOM 1037 C CA . ALA C 1 247 ? 26.479  -42.906 16.404  1.00 60.48  ? 1247 ALA C CA 1 
ATOM 1038 C CA . THR C 1 248 ? 26.686  -43.042 12.600  1.00 70.48  ? 1248 THR C CA 1 
ATOM 1039 C CA . LYS C 1 249 ? 25.303  -39.648 11.572  1.00 58.50  ? 1249 LYS C CA 1 
ATOM 1040 C CA . GLN C 1 250 ? 23.732  -36.708 13.358  1.00 44.23  ? 1250 GLN C CA 1 
ATOM 1041 C CA . SER C 1 251 ? 21.829  -34.689 10.781  1.00 48.03  ? 1251 SER C CA 1 
ATOM 1042 C CA . VAL C 1 252 ? 23.240  -31.185 10.909  1.00 42.45  ? 1252 VAL C CA 1 
ATOM 1043 C CA . ILE C 1 253 ? 20.574  -29.267 9.008   1.00 72.48  ? 1253 ILE C CA 1 
ATOM 1044 C CA . ALA C 1 254 ? 21.684  -25.737 8.163   1.00 80.09  ? 1254 ALA C CA 1 
ATOM 1045 C CA . LEU C 1 255 ? 19.131  -23.509 9.863   1.00 96.63  ? 1255 LEU C CA 1 
ATOM 1046 C CA . ALA C 1 261 ? 13.623  -11.710 11.258  1.00 42.68  ? 1261 ALA C CA 1 
ATOM 1047 C CA . LEU C 1 262 ? 15.472  -8.612  10.099  1.00 35.49  ? 1262 LEU C CA 1 
ATOM 1048 C CA . HIS C 1 263 ? 13.065  -7.103  7.595   1.00 78.90  ? 1263 HIS C CA 1 
ATOM 1049 C CA . GLN C 1 264 ? 10.199  -7.387  10.090  1.00 74.52  ? 1264 GLN C CA 1 
ATOM 1050 C CA . ALA C 1 265 ? 11.958  -4.855  12.322  1.00 37.59  ? 1265 ALA C CA 1 
ATOM 1051 C CA . LEU C 1 266 ? 12.372  -2.463  9.392   1.00 84.85  ? 1266 LEU C CA 1 
ATOM 1052 C CA . ALA C 1 267 ? 10.178  0.562   10.141  1.00 82.33  ? 1267 ALA C CA 1 
ATOM 1053 C CA . GLY C 1 268 ? 11.495  0.763   13.694  1.00 49.39  ? 1268 GLY C CA 1 
ATOM 1054 C CA . ALA C 1 269 ? 14.977  1.797   12.611  1.00 39.61  ? 1269 ALA C CA 1 
ATOM 1055 C CA . ILE C 1 270 ? 15.316  4.775   10.289  1.00 51.78  ? 1270 ILE C CA 1 
ATOM 1056 C CA . PRO C 1 271 ? 16.855  4.093   6.845   1.00 58.25  ? 1271 PRO C CA 1 
ATOM 1057 C CA . VAL C 1 272 ? 20.002  5.931   5.721   1.00 51.38  ? 1272 VAL C CA 1 
ATOM 1058 C CA . GLU C 1 273 ? 22.222  6.056   2.652   1.00 55.55  ? 1273 GLU C CA 1 
ATOM 1059 C CA . PHE C 1 274 ? 25.690  4.788   3.479   1.00 44.57  ? 1274 PHE C CA 1 
ATOM 1060 C CA . SER C 1 275 ? 28.777  4.529   1.267   1.00 59.47  ? 1275 SER C CA 1 
ATOM 1061 C CA . SER C 1 276 ? 31.639  2.252   2.358   1.00 64.47  ? 1276 SER C CA 1 
ATOM 1062 C CA . ASN C 1 277 ? 33.014  5.009   4.651   1.00 44.26  ? 1277 ASN C CA 1 
ATOM 1063 C CA . THR C 1 278 ? 30.241  7.585   4.886   1.00 43.25  ? 1278 THR C CA 1 
ATOM 1064 C CA . VAL C 1 279 ? 26.914  8.173   6.585   1.00 47.72  ? 1279 VAL C CA 1 
ATOM 1065 C CA . LYS C 1 280 ? 24.942  11.148  5.336   1.00 40.21  ? 1280 LYS C CA 1 
ATOM 1066 C CA . LEU C 1 281 ? 22.885  12.394  8.256   1.00 44.83  ? 1281 LEU C CA 1 
ATOM 1067 C CA . THR C 1 282 ? 19.641  13.969  7.087   1.00 43.15  ? 1282 THR C CA 1 
ATOM 1068 C CA . SER C 1 283 ? 18.221  15.549  10.261  1.00 34.98  ? 1283 SER C CA 1 
ATOM 1069 C CA . GLY C 1 284 ? 20.306  18.337  11.802  1.00 34.89  ? 1284 GLY C CA 1 
ATOM 1070 C CA . HIS C 1 285 ? 20.929  22.080  12.133  1.00 48.37  ? 1285 HIS C CA 1 
ATOM 1071 C CA . LEU C 1 286 ? 19.334  18.946  15.483  1.00 100.00 ? 1286 LEU C CA 1 
ATOM 1072 C CA . LYS C 1 287 ? 18.771  21.900  17.777  1.00 81.92  ? 1287 LYS C CA 1 
ATOM 1073 C CA . CYS C 1 288 ? 20.285  25.027  16.311  1.00 58.05  ? 1288 CYS C CA 1 
ATOM 1074 C CA . ARG C 1 289 ? 20.544  28.714  17.102  1.00 40.22  ? 1289 ARG C CA 1 
ATOM 1075 C CA . VAL C 1 290 ? 20.541  30.755  13.908  1.00 53.14  ? 1290 VAL C CA 1 
ATOM 1076 C CA . LYS C 1 291 ? 22.421  33.825  15.092  1.00 34.90  ? 1291 LYS C CA 1 
ATOM 1077 C CA . MET C 1 292 ? 22.174  36.412  12.353  1.00 40.04  ? 1292 MET C CA 1 
ATOM 1078 C CA . GLU C 1 293 ? 22.996  39.899  13.506  1.00 49.71  ? 1293 GLU C CA 1 
ATOM 1079 C CA . LYS C 1 294 ? 25.483  39.626  10.655  1.00 35.06  ? 1294 LYS C CA 1 
ATOM 1080 C CA . LEU C 1 295 ? 22.762  38.901  8.091   1.00 41.27  ? 1295 LEU C CA 1 
ATOM 1081 C CA . GLN C 1 296 ? 22.099  42.057  6.093   1.00 37.47  ? 1296 GLN C CA 1 
ATOM 1082 C CA . LEU C 1 297 ? 19.933  43.484  3.315   1.00 39.33  ? 1297 LEU C CA 1 
ATOM 1083 C CA . LYS C 1 298 ? 21.212  44.509  -0.076  1.00 44.73  ? 1298 LYS C CA 1 
ATOM 1084 C CA . GLY C 1 299 ? 20.069  46.814  -2.876  1.00 49.21  ? 1299 GLY C CA 1 
ATOM 1085 C CA . THR C 1 300 ? 18.461  49.136  -0.331  1.00 56.14  ? 1300 THR C CA 1 
ATOM 1086 C CA . THR C 1 301 ? 19.873  52.300  -1.899  1.00 49.15  ? 1301 THR C CA 1 
ATOM 1087 C CA . TYR C 1 302 ? 18.024  51.715  -5.174  1.00 44.06  ? 1302 TYR C CA 1 
ATOM 1088 C CA . GLY C 1 303 ? 14.891  53.468  -6.357  1.00 58.04  ? 1303 GLY C CA 1 
ATOM 1089 C CA . VAL C 1 304 ? 11.456  51.928  -6.850  1.00 53.26  ? 1304 VAL C CA 1 
ATOM 1090 C CA . CYS C 1 305 ? 10.696  50.175  -10.135 1.00 37.05  ? 1305 CYS C CA 1 
ATOM 1091 C CA . SER C 1 306 ? 8.632   52.542  -12.243 1.00 56.32  ? 1306 SER C CA 1 
ATOM 1092 C CA . LYS C 1 307 ? 7.445   50.780  -15.384 1.00 41.08  ? 1307 LYS C CA 1 
ATOM 1093 C CA . ALA C 1 308 ? 4.727   48.232  -16.066 1.00 40.66  ? 1308 ALA C CA 1 
ATOM 1094 C CA . PHE C 1 309 ? 4.600   44.845  -14.342 1.00 41.83  ? 1309 PHE C CA 1 
ATOM 1095 C CA . LYS C 1 310 ? 2.776   41.842  -15.765 1.00 39.58  ? 1310 LYS C CA 1 
ATOM 1096 C CA . PHE C 1 311 ? 1.762   38.583  -14.072 1.00 32.71  ? 1311 PHE C CA 1 
ATOM 1097 C CA . LEU C 1 312 ? 3.020   35.412  -15.771 1.00 35.92  ? 1312 LEU C CA 1 
ATOM 1098 C CA . GLY C 1 313 ? 0.234   33.216  -14.439 1.00 48.42  ? 1313 GLY C CA 1 
ATOM 1099 C CA . THR C 1 314 ? -2.241  32.476  -11.683 1.00 51.18  ? 1314 THR C CA 1 
ATOM 1100 C CA . PRO C 1 315 ? -0.453  32.554  -8.335  1.00 53.42  ? 1315 PRO C CA 1 
ATOM 1101 C CA . ALA C 1 316 ? -0.150  29.090  -6.768  1.00 82.36  ? 1316 ALA C CA 1 
ATOM 1102 C CA . ASP C 1 317 ? -0.954  27.747  -3.287  1.00 56.92  ? 1317 ASP C CA 1 
ATOM 1103 C CA . THR C 1 318 ? 2.102   26.401  -1.453  1.00 66.22  ? 1318 THR C CA 1 
ATOM 1104 C CA . GLY C 1 319 ? -0.193  24.589  0.921   1.00 73.25  ? 1319 GLY C CA 1 
ATOM 1105 C CA . HIS C 1 320 ? 1.337   26.710  3.666   1.00 64.18  ? 1320 HIS C CA 1 
ATOM 1106 C CA . GLY C 1 321 ? -0.933  29.723  3.700   1.00 64.51  ? 1321 GLY C CA 1 
ATOM 1107 C CA . THR C 1 322 ? 1.306   31.489  1.221   1.00 47.16  ? 1322 THR C CA 1 
ATOM 1108 C CA . VAL C 1 323 ? 1.235   31.697  -2.518  1.00 32.62  ? 1323 VAL C CA 1 
ATOM 1109 C CA . VAL C 1 324 ? 3.890   31.909  -5.198  1.00 54.50  ? 1324 VAL C CA 1 
ATOM 1110 C CA . LEU C 1 325 ? 3.947   33.760  -8.481  1.00 65.19  ? 1325 LEU C CA 1 
ATOM 1111 C CA . GLU C 1 326 ? 6.311   35.120  -11.080 1.00 35.26  ? 1326 GLU C CA 1 
ATOM 1112 C CA . LEU C 1 327 ? 6.406   38.632  -12.483 1.00 29.12  ? 1327 LEU C CA 1 
ATOM 1113 C CA . GLN C 1 328 ? 7.917   40.031  -15.678 1.00 22.87  ? 1328 GLN C CA 1 
ATOM 1114 C CA . TYR C 1 329 ? 9.193   43.592  -15.870 1.00 32.95  ? 1329 TYR C CA 1 
ATOM 1115 C CA . THR C 1 330 ? 8.470   45.697  -18.951 1.00 31.30  ? 1330 THR C CA 1 
ATOM 1116 C CA . GLY C 1 331 ? 10.916  48.105  -17.336 1.00 27.91  ? 1331 GLY C CA 1 
ATOM 1117 C CA . THR C 1 332 ? 14.073  48.995  -19.218 1.00 44.60  ? 1332 THR C CA 1 
ATOM 1118 C CA . ASP C 1 333 ? 15.717  50.520  -16.153 1.00 45.94  ? 1333 ASP C CA 1 
ATOM 1119 C CA . GLY C 1 334 ? 18.122  48.507  -14.036 1.00 41.90  ? 1334 GLY C CA 1 
ATOM 1120 C CA . PRO C 1 335 ? 17.973  47.016  -10.495 1.00 28.06  ? 1335 PRO C CA 1 
ATOM 1121 C CA . CYS C 1 336 ? 15.014  48.724  -8.825  1.00 16.67  ? 1336 CYS C CA 1 
ATOM 1122 C CA . LYS C 1 337 ? 12.730  47.620  -5.971  1.00 26.46  ? 1337 LYS C CA 1 
ATOM 1123 C CA . VAL C 1 338 ? 9.555   45.734  -6.987  1.00 49.97  ? 1338 VAL C CA 1 
ATOM 1124 C CA . PRO C 1 339 ? 6.434   47.562  -5.745  1.00 55.86  ? 1339 PRO C CA 1 
ATOM 1125 C CA . ILE C 1 340 ? 4.366   44.564  -4.701  1.00 52.51  ? 1340 ILE C CA 1 
ATOM 1126 C CA . SER C 1 341 ? 2.060   44.276  -1.752  1.00 48.82  ? 1341 SER C CA 1 
ATOM 1127 C CA . SER C 1 342 ? -1.158  42.630  -0.676  1.00 39.48  ? 1342 SER C CA 1 
ATOM 1128 C CA . VAL C 1 343 ? -4.147  44.929  -0.378  1.00 46.68  ? 1343 VAL C CA 1 
ATOM 1129 C CA . ALA C 1 344 ? -7.468  44.098  1.291   1.00 60.19  ? 1344 ALA C CA 1 
ATOM 1130 C CA . SER C 1 345 ? -9.453  46.054  -1.328  1.00 57.57  ? 1345 SER C CA 1 
ATOM 1131 C CA . LEU C 1 346 ? -8.453  47.923  -4.443  1.00 56.76  ? 1346 LEU C CA 1 
ATOM 1132 C CA . ASN C 1 347 ? -6.746  51.240  -3.770  1.00 67.00  ? 1347 ASN C CA 1 
ATOM 1133 C CA . ASP C 1 348 ? -6.405  50.875  0.026   1.00 71.28  ? 1348 ASP C CA 1 
ATOM 1134 C CA . LEU C 1 349 ? -3.480  52.771  1.488   1.00 71.70  ? 1349 LEU C CA 1 
ATOM 1135 C CA . THR C 1 350 ? -2.107  50.301  4.015   1.00 77.68  ? 1350 THR C CA 1 
ATOM 1136 C CA . PRO C 1 351 ? -0.861  46.766  3.073   1.00 72.74  ? 1351 PRO C CA 1 
ATOM 1137 C CA . VAL C 1 352 ? -2.050  43.597  4.802   1.00 69.18  ? 1352 VAL C CA 1 
ATOM 1138 C CA . GLY C 1 353 ? -0.121  40.795  3.211   1.00 48.25  ? 1353 GLY C CA 1 
ATOM 1139 C CA . ARG C 1 354 ? 3.370   40.108  4.541   1.00 58.89  ? 1354 ARG C CA 1 
ATOM 1140 C CA . LEU C 1 355 ? 5.919   39.152  1.901   1.00 46.40  ? 1355 LEU C CA 1 
ATOM 1141 C CA . VAL C 1 356 ? 7.994   36.038  2.425   1.00 64.06  ? 1356 VAL C CA 1 
ATOM 1142 C CA . THR C 1 357 ? 10.313  37.318  -0.319  1.00 50.87  ? 1357 THR C CA 1 
ATOM 1143 C CA . VAL C 1 358 ? 11.020  40.522  1.575   1.00 53.16  ? 1358 VAL C CA 1 
ATOM 1144 C CA . ASN C 1 359 ? 12.519  43.539  -0.189  1.00 54.20  ? 1359 ASN C CA 1 
ATOM 1145 C CA . PRO C 1 360 ? 12.079  42.087  -3.700  1.00 43.61  ? 1360 PRO C CA 1 
ATOM 1146 C CA . PHE C 1 361 ? 13.745  43.660  -6.706  1.00 30.79  ? 1361 PHE C CA 1 
ATOM 1147 C CA . VAL C 1 362 ? 14.611  43.246  -10.372 1.00 38.09  ? 1362 VAL C CA 1 
ATOM 1148 C CA . SER C 1 363 ? 18.092  41.792  -10.288 1.00 47.65  ? 1363 SER C CA 1 
ATOM 1149 C CA . VAL C 1 364 ? 19.196  42.907  -13.766 1.00 54.11  ? 1364 VAL C CA 1 
ATOM 1150 C CA . ALA C 1 365 ? 18.950  46.084  -15.868 1.00 47.53  ? 1365 ALA C CA 1 
ATOM 1151 C CA . THR C 1 366 ? 18.076  43.900  -18.858 1.00 55.58  ? 1366 THR C CA 1 
ATOM 1152 C CA . ALA C 1 367 ? 14.404  44.716  -19.463 1.00 41.72  ? 1367 ALA C CA 1 
ATOM 1153 C CA . ASN C 1 368 ? 11.727  41.980  -19.189 1.00 33.09  ? 1368 ASN C CA 1 
ATOM 1154 C CA . ALA C 1 369 ? 13.397  40.164  -16.281 1.00 43.30  ? 1369 ALA C CA 1 
ATOM 1155 C CA . LYS C 1 370 ? 11.448  37.662  -14.210 1.00 29.86  ? 1370 LYS C CA 1 
ATOM 1156 C CA . VAL C 1 371 ? 10.833  37.877  -10.485 1.00 30.95  ? 1371 VAL C CA 1 
ATOM 1157 C CA . LEU C 1 372 ? 9.658   35.067  -8.241  1.00 41.33  ? 1372 LEU C CA 1 
ATOM 1158 C CA . ILE C 1 373 ? 7.586   35.978  -5.217  1.00 36.15  ? 1373 ILE C CA 1 
ATOM 1159 C CA . GLU C 1 374 ? 6.158   34.124  -2.286  1.00 38.24  ? 1374 GLU C CA 1 
ATOM 1160 C CA . LEU C 1 375 ? 3.817   35.959  0.020   1.00 36.99  ? 1375 LEU C CA 1 
ATOM 1161 C CA . GLU C 1 376 ? 1.202   35.141  2.631   1.00 50.89  ? 1376 GLU C CA 1 
ATOM 1162 C CA . PRO C 1 377 ? -2.061  36.833  1.855   1.00 43.78  ? 1377 PRO C CA 1 
ATOM 1163 C CA . PRO C 1 378 ? -4.719  37.579  4.485   1.00 55.38  ? 1378 PRO C CA 1 
ATOM 1164 C CA . PHE C 1 379 ? -7.547  35.102  4.972   1.00 48.89  ? 1379 PHE C CA 1 
ATOM 1165 C CA . GLY C 1 380 ? -10.617 35.517  2.814   1.00 57.97  ? 1380 GLY C CA 1 
ATOM 1166 C CA . ASP C 1 381 ? -10.435 37.607  -0.333  1.00 59.09  ? 1381 ASP C CA 1 
ATOM 1167 C CA . SER C 1 382 ? -7.602  40.053  -0.951  1.00 50.52  ? 1382 SER C CA 1 
ATOM 1168 C CA . TYR C 1 383 ? -5.680  41.616  -3.806  1.00 58.67  ? 1383 TYR C CA 1 
ATOM 1169 C CA . ILE C 1 384 ? -2.061  41.238  -4.840  1.00 35.72  ? 1384 ILE C CA 1 
ATOM 1170 C CA . VAL C 1 385 ? -0.831  44.395  -6.523  1.00 23.69  ? 1385 VAL C CA 1 
ATOM 1171 C CA . VAL C 1 386 ? 2.279   45.547  -8.318  1.00 32.86  ? 1386 VAL C CA 1 
ATOM 1172 C CA . GLY C 1 387 ? 3.184   49.130  -9.222  1.00 39.49  ? 1387 GLY C CA 1 
ATOM 1173 C CA . ARG C 1 388 ? 0.780   51.980  -8.477  1.00 56.46  ? 1388 ARG C CA 1 
ATOM 1174 C CA . GLY C 1 389 ? -1.757  54.264  -10.082 1.00 60.34  ? 1389 GLY C CA 1 
ATOM 1175 C CA . GLU C 1 390 ? -2.305  53.579  -13.736 1.00 50.54  ? 1390 GLU C CA 1 
ATOM 1176 C CA . GLN C 1 391 ? 0.773   51.402  -14.069 1.00 40.22  ? 1391 GLN C CA 1 
ATOM 1177 C CA . GLN C 1 392 ? -0.443  49.168  -11.258 1.00 34.37  ? 1392 GLN C CA 1 
ATOM 1178 C CA . ILE C 1 393 ? -1.881  45.747  -12.013 1.00 37.64  ? 1393 ILE C CA 1 
ATOM 1179 C CA . ASN C 1 394 ? -3.636  43.398  -9.635  1.00 29.82  ? 1394 ASN C CA 1 
ATOM 1180 C CA . HIS C 1 395 ? -4.899  39.916  -9.152  1.00 42.71  ? 1395 HIS C CA 1 
ATOM 1181 C CA . HIS C 1 396 ? -7.437  38.813  -6.562  1.00 100.00 ? 1396 HIS C CA 1 
ATOM 1182 C CA . TRP C 1 397 ? -7.076  35.945  -4.103  1.00 42.46  ? 1397 TRP C CA 1 
ATOM 1183 C CA . HIS C 1 398 ? -9.078  34.232  -1.383  1.00 37.05  ? 1398 HIS C CA 1 
ATOM 1184 C CA . LYS C 1 399 ? -7.418  32.333  1.478   1.00 40.37  ? 1399 LYS C CA 1 
ATOM 1185 C CA . SER C 1 400 ? -9.350  29.883  3.699   1.00 54.31  ? 1400 SER C CA 1 
# 
